data_7OS4
#
_entry.id   7OS4
#
_cell.length_a   74.374
_cell.length_b   98.606
_cell.length_c   206.610
_cell.angle_alpha   90.000
_cell.angle_beta   90.000
_cell.angle_gamma   90.000
#
_symmetry.space_group_name_H-M   'P 21 21 2'
#
loop_
_entity.id
_entity.type
_entity.pdbx_description
1 polymer 'Histone-arginine methyltransferase CARM1'
2 polymer 'Histone H3.1'
3 non-polymer (2~{R},3~{R},4~{S},5~{R})-2-(6-aminopurin-9-yl)-5-[(~{E})-prop-1-enyl]oxolane-3,4-diol
4 water water
#
loop_
_entity_poly.entity_id
_entity_poly.type
_entity_poly.pdbx_seq_one_letter_code
_entity_poly.pdbx_strand_id
1 'polypeptide(L)'
;GHMGHTLERSVFSERTEESSAVQYFQFYGYLSQQQNMMQDYVRTGTYQRAILQNHTDFKDKIVLDVGCGSGILSFFAAQA
GARKIYAVEASTMAQHAEVLVKSNNLTDRIVVIPGKVEEVSLPEQVDIIISEPMGYMLFNERMLESYLHAKKYLKPSGNM
FPTIGDVHLAPFTDEQLYMEQFTKANFWYQPSFHGVDLSALRGAAVDEYFRQPVVDTFDIRILMAKSVKYTVNFLEAKEG
DLHRIEIPFKFHMLHSGLVHGLAFWFDVAFIGSIMTVWLSTAPTEPLTHWYQVRCLFQSPLFAKAGDTLSGTCLLIANKR
QSYDISIVAQVDQTGSKSSNLLDLKNPFFRYTGTTPSPPPGSHYTSPSENM
;
A,B,C,D
2 'polypeptide(L)' (ACE)GKAPRKQLATKAARKSAPA E,F,G,H
#
loop_
_chem_comp.id
_chem_comp.type
_chem_comp.name
_chem_comp.formula
ACE non-polymer 'ACETYL GROUP' 'C2 H4 O'
QVR non-polymer (2~{R},3~{R},4~{S},5~{R})-2-(6-aminopurin-9-yl)-5-[(~{E})-prop-1-enyl]oxolane-3,4-diol 'C12 H15 N5 O3'
#
# COMPACT_ATOMS: atom_id res chain seq x y z
N SER A 10 -32.08 -23.94 -23.75
CA SER A 10 -31.06 -24.85 -23.26
C SER A 10 -31.48 -25.47 -21.92
N VAL A 11 -30.72 -26.48 -21.48
CA VAL A 11 -31.06 -27.17 -20.24
C VAL A 11 -30.93 -26.22 -19.06
N PHE A 12 -29.93 -25.33 -19.08
CA PHE A 12 -29.77 -24.38 -17.99
C PHE A 12 -30.92 -23.37 -17.95
N SER A 13 -31.36 -22.90 -19.13
CA SER A 13 -32.45 -21.93 -19.16
C SER A 13 -33.74 -22.53 -18.64
N GLU A 14 -33.96 -23.82 -18.84
CA GLU A 14 -35.22 -24.44 -18.45
C GLU A 14 -35.36 -24.55 -16.93
N ARG A 15 -34.26 -24.75 -16.22
CA ARG A 15 -34.28 -25.01 -14.79
C ARG A 15 -33.94 -23.79 -13.96
N THR A 16 -33.64 -22.65 -14.58
CA THR A 16 -33.22 -21.46 -13.85
C THR A 16 -34.05 -20.28 -14.30
N GLU A 17 -34.68 -19.60 -13.35
CA GLU A 17 -35.30 -18.32 -13.64
C GLU A 17 -34.22 -17.31 -14.00
N GLU A 18 -34.49 -16.51 -15.03
CA GLU A 18 -33.47 -15.57 -15.52
C GLU A 18 -33.03 -14.61 -14.43
N SER A 19 -33.95 -14.21 -13.54
CA SER A 19 -33.57 -13.34 -12.43
C SER A 19 -32.52 -14.00 -11.54
N SER A 20 -32.57 -15.32 -11.39
CA SER A 20 -31.59 -16.00 -10.55
C SER A 20 -30.22 -16.01 -11.20
N ALA A 21 -30.18 -16.35 -12.50
CA ALA A 21 -28.90 -16.43 -13.21
C ALA A 21 -28.22 -15.06 -13.28
N VAL A 22 -29.01 -14.00 -13.45
CA VAL A 22 -28.44 -12.65 -13.54
C VAL A 22 -27.65 -12.34 -12.28
N GLN A 23 -28.33 -12.34 -11.13
CA GLN A 23 -27.65 -12.06 -9.86
C GLN A 23 -26.54 -13.07 -9.60
N TYR A 24 -26.74 -14.32 -10.01
CA TYR A 24 -25.73 -15.36 -9.81
C TYR A 24 -24.45 -15.03 -10.56
N PHE A 25 -24.54 -14.89 -11.88
CA PHE A 25 -23.33 -14.69 -12.67
C PHE A 25 -22.75 -13.30 -12.50
N GLN A 26 -23.59 -12.30 -12.16
CA GLN A 26 -23.04 -10.99 -11.81
C GLN A 26 -22.11 -11.10 -10.61
N PHE A 27 -22.52 -11.88 -9.60
CA PHE A 27 -21.69 -12.13 -8.43
C PHE A 27 -20.31 -12.65 -8.83
N TYR A 28 -20.27 -13.67 -9.68
CA TYR A 28 -19.02 -14.29 -10.07
C TYR A 28 -18.21 -13.46 -11.06
N GLY A 29 -18.77 -12.36 -11.58
CA GLY A 29 -18.00 -11.49 -12.44
C GLY A 29 -16.95 -10.67 -11.70
N TYR A 30 -17.09 -10.55 -10.39
CA TYR A 30 -16.21 -9.69 -9.61
C TYR A 30 -14.91 -10.41 -9.27
N LEU A 31 -13.78 -9.77 -9.58
CA LEU A 31 -12.47 -10.32 -9.21
C LEU A 31 -12.33 -10.45 -7.70
N SER A 32 -13.05 -9.63 -6.94
CA SER A 32 -13.04 -9.76 -5.50
C SER A 32 -13.60 -11.10 -5.04
N GLN A 33 -14.58 -11.64 -5.79
CA GLN A 33 -15.11 -12.95 -5.43
C GLN A 33 -14.15 -14.06 -5.84
N GLN A 34 -13.57 -13.96 -7.04
CA GLN A 34 -12.51 -14.89 -7.43
C GLN A 34 -11.40 -14.89 -6.39
N GLN A 35 -10.85 -13.71 -6.10
CA GLN A 35 -9.79 -13.57 -5.10
C GLN A 35 -10.14 -14.28 -3.79
N ASN A 36 -11.36 -14.08 -3.30
CA ASN A 36 -11.78 -14.75 -2.07
C ASN A 36 -11.65 -16.26 -2.18
N MET A 37 -11.97 -16.81 -3.35
CA MET A 37 -11.86 -18.25 -3.54
C MET A 37 -10.39 -18.68 -3.68
N MET A 38 -9.60 -17.94 -4.46
CA MET A 38 -8.20 -18.32 -4.64
C MET A 38 -7.42 -18.20 -3.34
N GLN A 39 -7.75 -17.22 -2.50
CA GLN A 39 -7.06 -17.06 -1.23
C GLN A 39 -7.44 -18.12 -0.21
N ASP A 40 -8.46 -18.94 -0.49
CA ASP A 40 -8.73 -20.13 0.30
C ASP A 40 -7.60 -21.12 0.04
N TYR A 41 -6.64 -21.18 0.97
CA TYR A 41 -5.46 -22.02 0.78
C TYR A 41 -5.83 -23.49 0.69
N VAL A 42 -6.76 -23.95 1.53
CA VAL A 42 -7.19 -25.34 1.49
C VAL A 42 -7.80 -25.67 0.14
N ARG A 43 -8.68 -24.80 -0.37
CA ARG A 43 -9.34 -25.08 -1.64
C ARG A 43 -8.34 -25.06 -2.80
N THR A 44 -7.58 -23.97 -2.93
CA THR A 44 -6.66 -23.83 -4.06
C THR A 44 -5.50 -24.81 -3.95
N GLY A 45 -4.95 -24.98 -2.73
CA GLY A 45 -3.81 -25.87 -2.57
C GLY A 45 -4.15 -27.32 -2.88
N THR A 46 -5.31 -27.78 -2.39
CA THR A 46 -5.71 -29.16 -2.62
C THR A 46 -5.95 -29.42 -4.10
N TYR A 47 -6.61 -28.48 -4.78
CA TYR A 47 -6.83 -28.62 -6.23
C TYR A 47 -5.52 -28.68 -6.98
N GLN A 48 -4.58 -27.78 -6.64
CA GLN A 48 -3.26 -27.80 -7.27
C GLN A 48 -2.58 -29.14 -7.06
N ARG A 49 -2.55 -29.62 -5.81
CA ARG A 49 -1.92 -30.91 -5.53
C ARG A 49 -2.64 -32.04 -6.26
N ALA A 50 -3.98 -32.03 -6.25
CA ALA A 50 -4.73 -33.11 -6.89
C ALA A 50 -4.43 -33.21 -8.39
N ILE A 51 -4.09 -32.09 -9.02
CA ILE A 51 -3.84 -32.07 -10.46
C ILE A 51 -2.37 -32.37 -10.74
N LEU A 52 -1.47 -31.59 -10.14
CA LEU A 52 -0.05 -31.75 -10.42
C LEU A 52 0.48 -33.11 -9.97
N GLN A 53 -0.08 -33.66 -8.89
CA GLN A 53 0.36 -34.95 -8.40
C GLN A 53 -0.34 -36.11 -9.10
N ASN A 54 -1.27 -35.84 -10.01
CA ASN A 54 -1.83 -36.87 -10.89
C ASN A 54 -1.49 -36.49 -12.32
N HIS A 55 -0.21 -36.21 -12.59
CA HIS A 55 0.21 -35.62 -13.85
C HIS A 55 -0.05 -36.54 -15.03
N THR A 56 -0.09 -37.86 -14.83
CA THR A 56 -0.41 -38.75 -15.94
C THR A 56 -1.86 -38.59 -16.38
N ASP A 57 -2.75 -38.21 -15.47
CA ASP A 57 -4.13 -37.95 -15.82
C ASP A 57 -4.30 -36.69 -16.67
N PHE A 58 -3.26 -35.86 -16.77
CA PHE A 58 -3.32 -34.61 -17.53
C PHE A 58 -2.26 -34.49 -18.62
N LYS A 59 -1.11 -35.16 -18.46
CA LYS A 59 -0.03 -35.02 -19.42
C LYS A 59 -0.50 -35.41 -20.82
N ASP A 60 -0.43 -34.44 -21.74
CA ASP A 60 -0.85 -34.61 -23.14
C ASP A 60 -2.33 -34.94 -23.27
N LYS A 61 -3.11 -34.70 -22.22
CA LYS A 61 -4.55 -34.93 -22.27
C LYS A 61 -5.27 -33.68 -22.73
N ILE A 62 -6.53 -33.87 -23.12
CA ILE A 62 -7.44 -32.77 -23.41
C ILE A 62 -8.32 -32.57 -22.19
N VAL A 63 -8.45 -31.32 -21.75
CA VAL A 63 -9.09 -31.01 -20.48
C VAL A 63 -10.22 -30.02 -20.72
N LEU A 64 -11.33 -30.24 -20.01
CA LEU A 64 -12.46 -29.32 -19.99
C LEU A 64 -12.60 -28.78 -18.57
N ASP A 65 -12.52 -27.46 -18.43
CA ASP A 65 -12.61 -26.78 -17.14
C ASP A 65 -13.94 -26.05 -17.06
N VAL A 66 -14.90 -26.65 -16.34
CA VAL A 66 -16.26 -26.13 -16.26
C VAL A 66 -16.34 -25.09 -15.16
N GLY A 67 -16.75 -23.89 -15.51
CA GLY A 67 -16.84 -22.81 -14.54
C GLY A 67 -15.48 -22.34 -14.08
N CYS A 68 -14.57 -22.15 -15.04
CA CYS A 68 -13.16 -21.90 -14.72
C CYS A 68 -12.94 -20.62 -13.93
N GLY A 69 -13.82 -19.64 -14.02
CA GLY A 69 -13.59 -18.39 -13.32
C GLY A 69 -12.35 -17.72 -13.87
N SER A 70 -11.39 -17.44 -12.98
CA SER A 70 -10.09 -16.91 -13.40
C SER A 70 -9.29 -17.89 -14.24
N GLY A 71 -9.77 -19.12 -14.42
CA GLY A 71 -9.02 -20.13 -15.12
C GLY A 71 -7.86 -20.71 -14.35
N ILE A 72 -7.82 -20.50 -13.03
CA ILE A 72 -6.71 -20.98 -12.22
C ILE A 72 -6.56 -22.49 -12.34
N LEU A 73 -7.68 -23.22 -12.36
CA LEU A 73 -7.62 -24.68 -12.54
C LEU A 73 -7.08 -25.05 -13.92
N SER A 74 -7.39 -24.23 -14.94
CA SER A 74 -6.83 -24.49 -16.26
C SER A 74 -5.31 -24.37 -16.26
N PHE A 75 -4.78 -23.44 -15.48
CA PHE A 75 -3.33 -23.27 -15.40
C PHE A 75 -2.67 -24.44 -14.69
N PHE A 76 -3.34 -25.02 -13.68
CA PHE A 76 -2.83 -26.23 -13.05
C PHE A 76 -2.84 -27.40 -14.04
N ALA A 77 -3.89 -27.49 -14.86
CA ALA A 77 -3.91 -28.51 -15.90
C ALA A 77 -2.77 -28.29 -16.91
N ALA A 78 -2.50 -27.04 -17.25
CA ALA A 78 -1.36 -26.74 -18.10
C ALA A 78 -0.05 -27.06 -17.39
N GLN A 79 0.04 -26.72 -16.10
CA GLN A 79 1.24 -27.05 -15.33
C GLN A 79 1.46 -28.55 -15.26
N ALA A 80 0.40 -29.35 -15.39
CA ALA A 80 0.51 -30.79 -15.39
C ALA A 80 0.80 -31.36 -16.78
N GLY A 81 0.87 -30.53 -17.81
CA GLY A 81 1.20 -30.98 -19.14
C GLY A 81 0.04 -31.28 -20.07
N ALA A 82 -1.12 -30.68 -19.84
CA ALA A 82 -2.26 -30.89 -20.73
C ALA A 82 -1.95 -30.34 -22.12
N ARG A 83 -2.49 -31.02 -23.14
CA ARG A 83 -2.25 -30.60 -24.51
C ARG A 83 -3.13 -29.41 -24.88
N LYS A 84 -4.45 -29.57 -24.76
CA LYS A 84 -5.39 -28.50 -24.98
C LYS A 84 -6.37 -28.46 -23.82
N ILE A 85 -6.71 -27.25 -23.38
CA ILE A 85 -7.63 -27.05 -22.26
C ILE A 85 -8.74 -26.13 -22.72
N TYR A 86 -9.98 -26.61 -22.63
CA TYR A 86 -11.15 -25.80 -22.95
C TYR A 86 -11.75 -25.29 -21.65
N ALA A 87 -11.71 -23.98 -21.45
CA ALA A 87 -12.06 -23.34 -20.19
C ALA A 87 -13.38 -22.59 -20.35
N VAL A 88 -14.45 -23.14 -19.80
CA VAL A 88 -15.79 -22.61 -19.98
C VAL A 88 -16.18 -21.80 -18.76
N GLU A 89 -16.60 -20.55 -18.98
CA GLU A 89 -17.02 -19.66 -17.91
C GLU A 89 -18.17 -18.80 -18.39
N ALA A 90 -19.27 -18.79 -17.61
CA ALA A 90 -20.48 -18.09 -18.00
C ALA A 90 -20.53 -16.64 -17.52
N SER A 91 -19.88 -16.34 -16.41
CA SER A 91 -19.83 -14.96 -15.94
C SER A 91 -18.87 -14.15 -16.80
N THR A 92 -18.90 -12.83 -16.61
CA THR A 92 -17.97 -11.94 -17.34
C THR A 92 -16.54 -12.08 -16.86
N MET A 93 -16.30 -13.01 -15.94
CA MET A 93 -14.93 -13.34 -15.57
C MET A 93 -14.18 -14.01 -16.72
N ALA A 94 -14.90 -14.52 -17.72
CA ALA A 94 -14.26 -15.21 -18.84
C ALA A 94 -13.27 -14.32 -19.58
N GLN A 95 -13.56 -13.02 -19.71
CA GLN A 95 -12.63 -12.13 -20.39
C GLN A 95 -11.41 -11.79 -19.55
N HIS A 96 -11.56 -11.82 -18.22
CA HIS A 96 -10.39 -11.66 -17.35
C HIS A 96 -9.46 -12.86 -17.44
N ALA A 97 -10.02 -14.06 -17.64
CA ALA A 97 -9.20 -15.25 -17.80
C ALA A 97 -8.50 -15.25 -19.15
N GLU A 98 -9.18 -14.79 -20.20
CA GLU A 98 -8.53 -14.66 -21.49
C GLU A 98 -7.33 -13.70 -21.42
N VAL A 99 -7.43 -12.68 -20.57
CA VAL A 99 -6.28 -11.81 -20.33
C VAL A 99 -5.15 -12.60 -19.68
N LEU A 100 -5.47 -13.36 -18.61
CA LEU A 100 -4.47 -14.17 -17.93
C LEU A 100 -3.82 -15.17 -18.88
N VAL A 101 -4.61 -15.75 -19.78
CA VAL A 101 -4.07 -16.74 -20.70
C VAL A 101 -3.09 -16.09 -21.67
N LYS A 102 -3.42 -14.89 -22.17
CA LYS A 102 -2.52 -14.18 -23.06
C LYS A 102 -1.22 -13.80 -22.35
N SER A 103 -1.34 -13.20 -21.16
CA SER A 103 -0.17 -12.71 -20.45
C SER A 103 0.69 -13.83 -19.89
N ASN A 104 0.11 -15.02 -19.67
CA ASN A 104 0.89 -16.18 -19.27
C ASN A 104 1.38 -16.97 -20.48
N ASN A 105 1.15 -16.47 -21.70
CA ASN A 105 1.68 -17.06 -22.94
C ASN A 105 1.20 -18.51 -23.12
N LEU A 106 -0.10 -18.72 -22.86
CA LEU A 106 -0.70 -20.05 -22.94
C LEU A 106 -1.87 -20.11 -23.92
N THR A 107 -1.95 -19.16 -24.86
CA THR A 107 -3.04 -19.13 -25.83
C THR A 107 -3.06 -20.35 -26.73
N ASP A 108 -1.97 -21.12 -26.79
CA ASP A 108 -1.93 -22.34 -27.59
C ASP A 108 -2.43 -23.57 -26.85
N ARG A 109 -2.60 -23.49 -25.52
CA ARG A 109 -2.99 -24.64 -24.74
C ARG A 109 -4.28 -24.44 -23.95
N ILE A 110 -4.60 -23.21 -23.55
CA ILE A 110 -5.86 -22.91 -22.87
C ILE A 110 -6.71 -22.07 -23.80
N VAL A 111 -7.94 -22.52 -24.03
CA VAL A 111 -8.92 -21.82 -24.86
C VAL A 111 -10.08 -21.43 -23.96
N VAL A 112 -10.25 -20.13 -23.74
CA VAL A 112 -11.36 -19.64 -22.93
C VAL A 112 -12.60 -19.57 -23.80
N ILE A 113 -13.69 -20.18 -23.36
CA ILE A 113 -14.95 -20.20 -24.07
C ILE A 113 -16.00 -19.51 -23.20
N PRO A 114 -16.35 -18.27 -23.51
CA PRO A 114 -17.38 -17.58 -22.72
C PRO A 114 -18.75 -18.20 -22.95
N GLY A 115 -19.43 -18.52 -21.85
CA GLY A 115 -20.76 -19.07 -21.96
C GLY A 115 -21.05 -20.17 -20.97
N LYS A 116 -22.31 -20.59 -20.91
CA LYS A 116 -22.72 -21.66 -20.01
C LYS A 116 -22.38 -23.01 -20.64
N VAL A 117 -21.87 -23.93 -19.82
CA VAL A 117 -21.42 -25.22 -20.33
C VAL A 117 -22.54 -25.96 -21.05
N GLU A 118 -23.79 -25.69 -20.67
CA GLU A 118 -24.93 -26.31 -21.33
C GLU A 118 -25.25 -25.69 -22.68
N GLU A 119 -24.57 -24.60 -23.04
CA GLU A 119 -24.86 -23.87 -24.27
C GLU A 119 -23.69 -23.77 -25.23
N VAL A 120 -22.46 -23.70 -24.72
CA VAL A 120 -21.32 -23.57 -25.62
C VAL A 120 -21.20 -24.82 -26.49
N SER A 121 -20.49 -24.68 -27.59
CA SER A 121 -20.15 -25.82 -28.44
C SER A 121 -18.67 -26.13 -28.15
N LEU A 122 -18.42 -27.07 -27.24
CA LEU A 122 -17.12 -27.63 -27.16
C LEU A 122 -16.82 -28.27 -28.50
N PRO A 123 -15.68 -28.05 -29.04
CA PRO A 123 -15.53 -28.63 -30.39
C PRO A 123 -15.32 -30.12 -30.31
N GLU A 124 -14.54 -30.55 -29.28
CA GLU A 124 -14.29 -32.00 -29.15
C GLU A 124 -14.64 -32.62 -27.79
N GLN A 125 -14.21 -33.87 -27.63
CA GLN A 125 -14.31 -34.64 -26.42
C GLN A 125 -13.00 -34.58 -25.65
N VAL A 126 -13.12 -34.49 -24.34
CA VAL A 126 -11.98 -34.32 -23.44
C VAL A 126 -11.75 -35.63 -22.72
N ASP A 127 -10.52 -35.81 -22.22
CA ASP A 127 -10.19 -36.99 -21.43
C ASP A 127 -10.51 -36.82 -19.96
N ILE A 128 -10.70 -35.59 -19.50
CA ILE A 128 -10.90 -35.33 -18.08
C ILE A 128 -11.62 -33.99 -17.94
N ILE A 129 -12.47 -33.89 -16.92
CA ILE A 129 -13.23 -32.68 -16.64
C ILE A 129 -12.86 -32.21 -15.25
N ILE A 130 -12.36 -30.98 -15.14
CA ILE A 130 -12.03 -30.37 -13.87
C ILE A 130 -13.03 -29.25 -13.61
N SER A 131 -13.49 -29.16 -12.38
CA SER A 131 -14.41 -28.10 -11.99
C SER A 131 -14.41 -27.97 -10.49
N GLU A 132 -14.93 -26.84 -10.02
CA GLU A 132 -15.17 -26.58 -8.60
C GLU A 132 -16.66 -26.28 -8.43
N PRO A 133 -17.53 -27.28 -8.60
CA PRO A 133 -18.97 -27.05 -8.58
C PRO A 133 -19.61 -27.12 -7.20
N MET A 134 -18.83 -27.16 -6.14
CA MET A 134 -19.35 -27.31 -4.79
C MET A 134 -19.87 -25.96 -4.29
N GLY A 135 -21.18 -25.89 -3.99
CA GLY A 135 -21.71 -24.83 -3.17
C GLY A 135 -21.67 -25.25 -1.71
N TYR A 136 -22.08 -24.35 -0.83
CA TYR A 136 -22.17 -24.75 0.57
C TYR A 136 -23.26 -25.81 0.71
N MET A 137 -23.07 -26.71 1.69
CA MET A 137 -23.85 -27.96 1.76
C MET A 137 -23.72 -28.74 0.45
N LEU A 138 -22.60 -28.54 -0.25
CA LEU A 138 -22.29 -29.22 -1.50
C LEU A 138 -23.24 -28.87 -2.64
N PHE A 139 -24.55 -28.88 -2.37
CA PHE A 139 -25.55 -28.85 -3.43
C PHE A 139 -26.03 -27.46 -3.81
N ASN A 140 -25.83 -26.46 -2.96
CA ASN A 140 -26.25 -25.10 -3.31
C ASN A 140 -25.59 -24.67 -4.61
N GLU A 141 -26.25 -23.76 -5.32
CA GLU A 141 -25.94 -23.20 -6.63
C GLU A 141 -26.30 -24.16 -7.78
N ARG A 142 -26.58 -25.42 -7.47
CA ARG A 142 -26.98 -26.43 -8.50
C ARG A 142 -25.96 -26.50 -9.63
N MET A 143 -24.71 -26.16 -9.33
CA MET A 143 -23.65 -26.29 -10.32
C MET A 143 -23.21 -27.73 -10.53
N LEU A 144 -23.48 -28.60 -9.56
CA LEU A 144 -23.19 -30.02 -9.74
C LEU A 144 -23.85 -30.57 -11.01
N GLU A 145 -25.06 -30.09 -11.32
CA GLU A 145 -25.74 -30.54 -12.53
C GLU A 145 -25.02 -30.04 -13.78
N SER A 146 -24.52 -28.80 -13.76
CA SER A 146 -23.71 -28.31 -14.86
C SER A 146 -22.44 -29.14 -15.01
N TYR A 147 -21.88 -29.58 -13.88
CA TYR A 147 -20.70 -30.45 -13.90
C TYR A 147 -21.04 -31.80 -14.51
N LEU A 148 -22.20 -32.36 -14.16
CA LEU A 148 -22.64 -33.63 -14.73
C LEU A 148 -23.10 -33.47 -16.17
N HIS A 149 -23.71 -32.33 -16.51
CA HIS A 149 -24.10 -32.07 -17.88
C HIS A 149 -22.90 -32.11 -18.82
N ALA A 150 -21.75 -31.62 -18.34
CA ALA A 150 -20.54 -31.57 -19.16
C ALA A 150 -20.05 -32.94 -19.58
N LYS A 151 -20.54 -34.02 -18.97
CA LYS A 151 -20.11 -35.36 -19.34
C LYS A 151 -20.45 -35.71 -20.78
N LYS A 152 -21.26 -34.89 -21.46
CA LYS A 152 -21.50 -35.09 -22.89
C LYS A 152 -20.25 -34.87 -23.71
N TYR A 153 -19.21 -34.24 -23.14
CA TYR A 153 -17.93 -34.11 -23.80
C TYR A 153 -16.88 -35.05 -23.26
N LEU A 154 -17.17 -35.77 -22.19
CA LEU A 154 -16.21 -36.71 -21.61
C LEU A 154 -16.13 -37.95 -22.48
N LYS A 155 -14.95 -38.22 -23.05
CA LYS A 155 -14.73 -39.46 -23.77
C LYS A 155 -15.07 -40.64 -22.86
N PRO A 156 -15.62 -41.72 -23.41
CA PRO A 156 -15.78 -42.94 -22.59
C PRO A 156 -14.44 -43.36 -22.01
N SER A 157 -14.48 -43.74 -20.73
CA SER A 157 -13.30 -44.03 -19.90
C SER A 157 -12.54 -42.77 -19.50
N GLY A 158 -13.21 -41.61 -19.54
CA GLY A 158 -12.62 -40.38 -19.04
C GLY A 158 -12.84 -40.22 -17.54
N ASN A 159 -12.15 -39.23 -16.97
CA ASN A 159 -12.18 -39.01 -15.53
C ASN A 159 -12.83 -37.68 -15.19
N MET A 160 -13.21 -37.54 -13.92
CA MET A 160 -13.84 -36.34 -13.40
C MET A 160 -13.07 -35.90 -12.17
N PHE A 161 -12.60 -34.65 -12.17
CA PHE A 161 -11.87 -34.07 -11.05
C PHE A 161 -12.67 -32.89 -10.53
N PRO A 162 -13.42 -33.03 -9.42
CA PRO A 162 -13.51 -34.17 -8.49
C PRO A 162 -14.33 -35.35 -8.99
N THR A 163 -14.05 -36.52 -8.46
CA THR A 163 -14.68 -37.77 -8.90
C THR A 163 -15.94 -38.10 -8.10
N ILE A 164 -15.90 -37.93 -6.77
CA ILE A 164 -17.06 -38.22 -5.92
C ILE A 164 -17.21 -37.12 -4.89
N GLY A 165 -18.42 -37.04 -4.33
CA GLY A 165 -18.70 -36.10 -3.26
C GLY A 165 -19.43 -36.80 -2.13
N ASP A 166 -19.01 -36.48 -0.90
CA ASP A 166 -19.52 -37.12 0.30
C ASP A 166 -20.08 -36.05 1.23
N VAL A 167 -21.41 -35.90 1.26
CA VAL A 167 -22.05 -35.00 2.21
C VAL A 167 -22.30 -35.76 3.51
N HIS A 168 -21.92 -35.15 4.64
CA HIS A 168 -22.06 -35.78 5.94
C HIS A 168 -23.12 -35.05 6.76
N LEU A 169 -23.99 -35.81 7.41
CA LEU A 169 -25.00 -35.31 8.32
C LEU A 169 -24.68 -35.78 9.73
N ALA A 170 -25.01 -34.94 10.71
CA ALA A 170 -24.83 -35.35 12.10
C ALA A 170 -25.74 -34.48 12.96
N PRO A 171 -26.35 -35.04 14.00
CA PRO A 171 -27.20 -34.22 14.88
C PRO A 171 -26.35 -33.50 15.92
N PHE A 172 -26.70 -32.24 16.17
CA PHE A 172 -25.92 -31.41 17.07
C PHE A 172 -26.80 -30.89 18.20
N THR A 173 -26.14 -30.40 19.25
CA THR A 173 -26.79 -29.69 20.33
C THR A 173 -26.13 -28.32 20.47
N ASP A 174 -26.95 -27.26 20.44
CA ASP A 174 -26.45 -25.90 20.58
C ASP A 174 -27.62 -25.04 21.08
N GLU A 175 -27.84 -25.09 22.39
CA GLU A 175 -28.94 -24.32 22.98
C GLU A 175 -28.83 -22.85 22.64
N GLN A 176 -27.61 -22.30 22.61
CA GLN A 176 -27.45 -20.89 22.31
C GLN A 176 -27.89 -20.56 20.89
N LEU A 177 -27.54 -21.42 19.93
CA LEU A 177 -27.99 -21.20 18.57
C LEU A 177 -29.51 -21.23 18.49
N TYR A 178 -30.12 -22.24 19.11
CA TYR A 178 -31.58 -22.36 19.07
C TYR A 178 -32.25 -21.17 19.74
N MET A 179 -31.80 -20.81 20.96
CA MET A 179 -32.41 -19.72 21.69
C MET A 179 -32.19 -18.37 21.00
N GLU A 180 -31.13 -18.25 20.18
CA GLU A 180 -30.91 -17.03 19.42
C GLU A 180 -32.11 -16.73 18.51
N GLN A 181 -32.73 -17.79 17.97
CA GLN A 181 -33.85 -17.60 17.05
C GLN A 181 -35.00 -16.86 17.73
N PHE A 182 -35.39 -17.31 18.92
CA PHE A 182 -36.51 -16.67 19.61
C PHE A 182 -36.12 -15.30 20.15
N THR A 183 -34.87 -15.14 20.58
CA THR A 183 -34.40 -13.83 21.02
C THR A 183 -34.61 -12.78 19.94
N LYS A 184 -34.27 -13.10 18.69
CA LYS A 184 -34.41 -12.15 17.59
C LYS A 184 -35.87 -11.92 17.24
N ALA A 185 -36.65 -13.00 17.13
CA ALA A 185 -38.06 -12.85 16.77
C ALA A 185 -38.87 -12.18 17.86
N ASN A 186 -38.46 -12.33 19.13
CA ASN A 186 -39.17 -11.71 20.25
C ASN A 186 -39.14 -10.19 20.19
N PHE A 187 -38.40 -9.62 19.22
CA PHE A 187 -38.53 -8.20 18.95
C PHE A 187 -39.99 -7.83 18.71
N TRP A 188 -40.70 -8.67 17.96
CA TRP A 188 -42.09 -8.40 17.62
C TRP A 188 -43.04 -8.61 18.80
N TYR A 189 -42.60 -9.25 19.88
CA TYR A 189 -43.50 -9.54 20.99
C TYR A 189 -43.45 -8.41 22.01
N GLN A 190 -43.94 -7.24 21.59
CA GLN A 190 -44.15 -6.13 22.49
C GLN A 190 -45.46 -5.47 22.12
N PRO A 191 -46.25 -5.04 23.11
CA PRO A 191 -47.58 -4.50 22.82
C PRO A 191 -47.58 -3.04 22.40
N SER A 192 -46.49 -2.32 22.60
CA SER A 192 -46.45 -0.89 22.33
C SER A 192 -45.05 -0.51 21.84
N PHE A 193 -44.71 -0.99 20.64
CA PHE A 193 -43.51 -0.51 19.95
C PHE A 193 -43.88 0.80 19.26
N HIS A 194 -43.42 1.91 19.82
CA HIS A 194 -43.82 3.24 19.36
C HIS A 194 -45.34 3.37 19.29
N GLY A 195 -46.04 2.70 20.21
CA GLY A 195 -47.48 2.68 20.26
C GLY A 195 -48.14 1.61 19.44
N VAL A 196 -47.38 0.75 18.76
CA VAL A 196 -47.92 -0.30 17.91
C VAL A 196 -47.71 -1.64 18.59
N ASP A 197 -48.74 -2.50 18.55
CA ASP A 197 -48.64 -3.86 19.03
C ASP A 197 -48.15 -4.73 17.88
N LEU A 198 -46.93 -5.23 18.01
CA LEU A 198 -46.30 -6.02 16.96
C LEU A 198 -46.50 -7.52 17.13
N SER A 199 -47.10 -7.96 18.24
CA SER A 199 -47.01 -9.36 18.65
C SER A 199 -47.61 -10.32 17.63
N ALA A 200 -48.60 -9.86 16.85
CA ALA A 200 -49.24 -10.74 15.87
C ALA A 200 -48.25 -11.27 14.83
N LEU A 201 -47.13 -10.58 14.61
CA LEU A 201 -46.14 -11.01 13.63
C LEU A 201 -45.05 -11.89 14.23
N ARG A 202 -45.08 -12.13 15.55
CA ARG A 202 -43.99 -12.84 16.20
C ARG A 202 -43.81 -14.24 15.61
N GLY A 203 -44.90 -15.00 15.49
CA GLY A 203 -44.82 -16.34 14.95
C GLY A 203 -44.25 -16.39 13.55
N ALA A 204 -44.54 -15.37 12.73
CA ALA A 204 -43.95 -15.30 11.40
C ALA A 204 -42.45 -15.08 11.48
N ALA A 205 -41.99 -14.18 12.38
CA ALA A 205 -40.56 -13.95 12.54
C ALA A 205 -39.85 -15.24 12.97
N VAL A 206 -40.45 -15.99 13.89
CA VAL A 206 -39.85 -17.26 14.32
C VAL A 206 -39.71 -18.19 13.12
N ASP A 207 -40.76 -18.32 12.31
CA ASP A 207 -40.73 -19.20 11.15
C ASP A 207 -39.67 -18.75 10.15
N GLU A 208 -39.54 -17.43 9.97
CA GLU A 208 -38.55 -16.91 9.02
C GLU A 208 -37.14 -17.29 9.46
N TYR A 209 -36.80 -17.04 10.73
CA TYR A 209 -35.45 -17.36 11.20
C TYR A 209 -35.17 -18.86 11.14
N PHE A 210 -36.19 -19.70 11.30
CA PHE A 210 -35.98 -21.14 11.30
C PHE A 210 -35.90 -21.71 9.89
N ARG A 211 -36.41 -20.99 8.88
CA ARG A 211 -36.23 -21.38 7.49
C ARG A 211 -34.80 -21.14 7.00
N GLN A 212 -33.92 -20.60 7.83
CA GLN A 212 -32.60 -20.18 7.38
C GLN A 212 -31.56 -21.19 7.83
N PRO A 213 -30.83 -21.83 6.92
CA PRO A 213 -29.64 -22.57 7.33
C PRO A 213 -28.60 -21.64 7.92
N VAL A 214 -27.89 -22.12 8.93
CA VAL A 214 -26.87 -21.33 9.61
C VAL A 214 -25.50 -21.71 9.04
N VAL A 215 -24.81 -20.74 8.45
CA VAL A 215 -23.49 -20.95 7.87
C VAL A 215 -22.46 -20.37 8.84
N ASP A 216 -21.83 -21.24 9.62
CA ASP A 216 -20.66 -20.87 10.40
C ASP A 216 -19.89 -22.16 10.71
N THR A 217 -19.14 -22.15 11.81
CA THR A 217 -18.40 -23.33 12.24
C THR A 217 -18.75 -23.62 13.69
N PHE A 218 -18.27 -24.75 14.19
CA PHE A 218 -18.64 -25.17 15.54
C PHE A 218 -17.61 -26.16 16.06
N ASP A 219 -17.65 -26.37 17.37
CA ASP A 219 -16.82 -27.38 18.01
C ASP A 219 -17.39 -28.77 17.74
N ILE A 220 -16.51 -29.72 17.44
CA ILE A 220 -16.91 -31.09 17.13
C ILE A 220 -17.77 -31.67 18.25
N ARG A 221 -17.51 -31.28 19.50
CA ARG A 221 -18.19 -31.89 20.63
C ARG A 221 -19.67 -31.52 20.71
N ILE A 222 -20.16 -30.60 19.87
CA ILE A 222 -21.60 -30.36 19.82
C ILE A 222 -22.33 -31.44 19.03
N LEU A 223 -21.61 -32.28 18.30
CA LEU A 223 -22.24 -33.43 17.66
C LEU A 223 -22.53 -34.50 18.70
N MET A 224 -23.58 -35.28 18.45
CA MET A 224 -24.04 -36.28 19.41
C MET A 224 -24.10 -37.69 18.82
N ALA A 225 -23.58 -37.88 17.61
CA ALA A 225 -23.55 -39.18 16.96
C ALA A 225 -22.64 -39.10 15.75
N LYS A 226 -22.00 -40.23 15.42
CA LYS A 226 -21.15 -40.31 14.25
C LYS A 226 -21.92 -39.86 13.01
N SER A 227 -21.19 -39.31 12.04
CA SER A 227 -21.83 -38.74 10.86
C SER A 227 -22.35 -39.83 9.93
N VAL A 228 -23.44 -39.51 9.23
CA VAL A 228 -23.97 -40.32 8.14
C VAL A 228 -23.52 -39.68 6.84
N LYS A 229 -23.03 -40.50 5.91
CA LYS A 229 -22.46 -40.01 4.66
C LYS A 229 -23.34 -40.43 3.49
N TYR A 230 -23.74 -39.45 2.68
CA TYR A 230 -24.45 -39.68 1.43
C TYR A 230 -23.50 -39.34 0.29
N THR A 231 -23.33 -40.26 -0.65
CA THR A 231 -22.27 -40.16 -1.66
C THR A 231 -22.86 -39.96 -3.04
N VAL A 232 -22.37 -38.96 -3.75
CA VAL A 232 -22.68 -38.74 -5.16
C VAL A 232 -21.42 -39.08 -5.96
N ASN A 233 -21.51 -40.09 -6.82
CA ASN A 233 -20.42 -40.43 -7.73
C ASN A 233 -20.62 -39.64 -9.02
N PHE A 234 -19.72 -38.69 -9.27
CA PHE A 234 -19.88 -37.82 -10.43
C PHE A 234 -19.60 -38.56 -11.74
N LEU A 235 -18.92 -39.70 -11.70
CA LEU A 235 -18.74 -40.49 -12.91
C LEU A 235 -20.01 -41.22 -13.29
N GLU A 236 -20.84 -41.60 -12.32
CA GLU A 236 -22.07 -42.33 -12.58
C GLU A 236 -23.32 -41.45 -12.57
N ALA A 237 -23.36 -40.42 -11.73
CA ALA A 237 -24.60 -39.70 -11.53
C ALA A 237 -25.00 -38.93 -12.78
N LYS A 238 -26.31 -38.85 -13.00
CA LYS A 238 -26.90 -38.05 -14.07
C LYS A 238 -27.50 -36.79 -13.50
N GLU A 239 -27.78 -35.83 -14.40
CA GLU A 239 -28.36 -34.55 -14.00
C GLU A 239 -29.62 -34.73 -13.16
N GLY A 240 -30.57 -35.52 -13.67
CA GLY A 240 -31.84 -35.70 -12.98
C GLY A 240 -31.73 -36.27 -11.59
N ASP A 241 -30.59 -36.91 -11.27
CA ASP A 241 -30.43 -37.48 -9.94
C ASP A 241 -30.37 -36.41 -8.86
N LEU A 242 -29.95 -35.20 -9.21
CA LEU A 242 -29.79 -34.12 -8.25
C LEU A 242 -31.03 -33.25 -8.11
N HIS A 243 -32.08 -33.53 -8.88
CA HIS A 243 -33.31 -32.76 -8.73
C HIS A 243 -34.04 -33.12 -7.44
N ARG A 244 -34.02 -34.40 -7.07
CA ARG A 244 -34.57 -34.85 -5.80
C ARG A 244 -33.51 -35.69 -5.09
N ILE A 245 -33.11 -35.23 -3.90
CA ILE A 245 -32.04 -35.86 -3.14
C ILE A 245 -32.64 -36.30 -1.81
N GLU A 246 -32.92 -37.60 -1.69
CA GLU A 246 -33.45 -38.17 -0.45
C GLU A 246 -32.28 -38.75 0.33
N ILE A 247 -32.07 -38.23 1.53
CA ILE A 247 -30.96 -38.68 2.37
C ILE A 247 -31.50 -39.30 3.66
N PRO A 248 -31.82 -40.59 3.66
CA PRO A 248 -32.26 -41.23 4.90
C PRO A 248 -31.12 -41.26 5.91
N PHE A 249 -31.48 -41.14 7.18
CA PHE A 249 -30.48 -41.23 8.24
C PHE A 249 -31.05 -42.00 9.42
N LYS A 250 -30.15 -42.75 10.06
CA LYS A 250 -30.44 -43.49 11.29
C LYS A 250 -29.23 -43.26 12.20
N PHE A 251 -29.26 -42.17 12.95
CA PHE A 251 -28.19 -41.86 13.87
C PHE A 251 -28.36 -42.64 15.16
N HIS A 252 -27.27 -43.16 15.70
CA HIS A 252 -27.31 -43.69 17.05
C HIS A 252 -26.66 -42.70 18.01
N MET A 253 -27.46 -42.20 18.95
CA MET A 253 -27.00 -41.19 19.88
C MET A 253 -25.83 -41.71 20.72
N LEU A 254 -24.77 -40.91 20.77
CA LEU A 254 -23.66 -41.15 21.67
C LEU A 254 -23.70 -40.28 22.92
N HIS A 255 -24.45 -39.18 22.86
CA HIS A 255 -24.57 -38.25 23.97
C HIS A 255 -26.04 -37.97 24.26
N SER A 256 -26.37 -37.83 25.53
CA SER A 256 -27.70 -37.42 25.93
C SER A 256 -27.83 -35.90 25.80
N GLY A 257 -28.98 -35.45 25.33
CA GLY A 257 -29.22 -34.03 25.25
C GLY A 257 -30.35 -33.71 24.30
N LEU A 258 -30.57 -32.40 24.14
CA LEU A 258 -31.55 -31.89 23.21
C LEU A 258 -30.93 -31.77 21.83
N VAL A 259 -31.43 -32.55 20.88
CA VAL A 259 -31.02 -32.37 19.48
C VAL A 259 -31.71 -31.13 18.94
N HIS A 260 -30.91 -30.17 18.48
CA HIS A 260 -31.46 -28.93 17.94
C HIS A 260 -31.44 -28.88 16.42
N GLY A 261 -30.81 -29.84 15.76
CA GLY A 261 -30.83 -29.87 14.30
C GLY A 261 -29.79 -30.83 13.76
N LEU A 262 -29.49 -30.66 12.47
CA LEU A 262 -28.53 -31.49 11.77
C LEU A 262 -27.44 -30.60 11.18
N ALA A 263 -26.19 -30.96 11.42
CA ALA A 263 -25.05 -30.26 10.87
C ALA A 263 -24.59 -30.95 9.58
N PHE A 264 -24.09 -30.15 8.65
CA PHE A 264 -23.70 -30.64 7.32
C PHE A 264 -22.31 -30.17 6.96
N TRP A 265 -21.55 -31.05 6.32
CA TRP A 265 -20.29 -30.70 5.66
C TRP A 265 -20.06 -31.73 4.58
N PHE A 266 -19.06 -31.47 3.73
CA PHE A 266 -18.86 -32.35 2.59
C PHE A 266 -17.37 -32.52 2.29
N ASP A 267 -17.05 -33.65 1.66
CA ASP A 267 -15.72 -33.93 1.15
C ASP A 267 -15.82 -34.33 -0.31
N VAL A 268 -14.77 -34.02 -1.06
CA VAL A 268 -14.63 -34.49 -2.44
C VAL A 268 -13.28 -35.16 -2.57
N ALA A 269 -13.22 -36.18 -3.42
CA ALA A 269 -11.99 -36.92 -3.68
C ALA A 269 -11.67 -36.85 -5.16
N PHE A 270 -10.43 -36.48 -5.46
CA PHE A 270 -9.90 -36.50 -6.82
C PHE A 270 -9.16 -37.84 -6.97
N ILE A 271 -9.84 -38.81 -7.57
CA ILE A 271 -9.33 -40.18 -7.66
C ILE A 271 -8.50 -40.27 -8.94
N GLY A 272 -7.22 -39.93 -8.83
CA GLY A 272 -6.33 -39.99 -9.97
C GLY A 272 -5.76 -41.38 -10.21
N SER A 273 -5.11 -41.52 -11.36
CA SER A 273 -4.40 -42.77 -11.66
C SER A 273 -3.24 -42.98 -10.68
N ILE A 274 -2.68 -41.90 -10.15
CA ILE A 274 -1.52 -41.99 -9.26
C ILE A 274 -1.95 -42.03 -7.80
N MET A 275 -2.79 -41.08 -7.38
CA MET A 275 -3.17 -40.96 -5.99
C MET A 275 -4.50 -40.24 -5.88
N THR A 276 -5.23 -40.57 -4.82
CA THR A 276 -6.53 -39.97 -4.54
C THR A 276 -6.34 -38.82 -3.56
N VAL A 277 -6.69 -37.60 -3.99
CA VAL A 277 -6.51 -36.41 -3.17
C VAL A 277 -7.87 -35.99 -2.63
N TRP A 278 -7.91 -35.70 -1.33
CA TRP A 278 -9.15 -35.33 -0.64
C TRP A 278 -9.19 -33.84 -0.35
N LEU A 279 -10.35 -33.25 -0.57
CA LEU A 279 -10.66 -31.89 -0.11
C LEU A 279 -11.85 -32.02 0.84
N SER A 280 -11.62 -31.75 2.12
CA SER A 280 -12.61 -32.00 3.16
C SER A 280 -12.94 -30.71 3.88
N THR A 281 -14.23 -30.40 3.99
CA THR A 281 -14.72 -29.26 4.73
C THR A 281 -15.27 -29.65 6.10
N ALA A 282 -14.77 -30.74 6.67
CA ALA A 282 -15.26 -31.22 7.95
C ALA A 282 -14.88 -30.26 9.07
N PRO A 283 -15.64 -30.26 10.17
CA PRO A 283 -15.24 -29.46 11.34
C PRO A 283 -13.94 -29.91 11.96
N THR A 284 -13.46 -31.11 11.64
CA THR A 284 -12.15 -31.55 12.10
C THR A 284 -11.02 -30.83 11.39
N GLU A 285 -11.24 -30.35 10.19
CA GLU A 285 -10.20 -29.89 9.29
C GLU A 285 -10.11 -28.37 9.30
N PRO A 286 -9.04 -27.80 8.73
CA PRO A 286 -8.93 -26.33 8.66
C PRO A 286 -10.14 -25.71 7.95
N LEU A 287 -10.54 -24.54 8.43
CA LEU A 287 -11.70 -23.86 7.87
C LEU A 287 -11.48 -23.50 6.41
N THR A 288 -12.52 -23.69 5.61
CA THR A 288 -12.57 -23.29 4.21
C THR A 288 -13.71 -22.31 4.02
N HIS A 289 -13.77 -21.70 2.83
CA HIS A 289 -14.82 -20.70 2.61
C HIS A 289 -16.21 -21.32 2.51
N TRP A 290 -16.31 -22.64 2.45
CA TRP A 290 -17.61 -23.30 2.53
C TRP A 290 -18.09 -23.47 3.97
N TYR A 291 -17.19 -23.33 4.95
CA TYR A 291 -17.53 -23.47 6.37
C TYR A 291 -18.25 -24.79 6.60
N GLN A 292 -19.27 -24.78 7.45
CA GLN A 292 -20.23 -25.86 7.57
C GLN A 292 -21.62 -25.25 7.66
N VAL A 293 -22.64 -26.06 7.44
CA VAL A 293 -24.01 -25.59 7.50
C VAL A 293 -24.80 -26.44 8.48
N ARG A 294 -25.57 -25.79 9.34
CA ARG A 294 -26.43 -26.44 10.32
C ARG A 294 -27.88 -26.04 10.04
N CYS A 295 -28.77 -27.02 10.13
CA CYS A 295 -30.20 -26.81 9.95
C CYS A 295 -30.89 -27.08 11.28
N LEU A 296 -31.46 -26.05 11.87
CA LEU A 296 -32.14 -26.22 13.15
C LEU A 296 -33.43 -27.02 12.99
N PHE A 297 -33.93 -27.52 14.11
CA PHE A 297 -35.28 -28.06 14.21
C PHE A 297 -36.17 -27.02 14.86
N GLN A 298 -37.42 -26.90 14.38
CA GLN A 298 -38.33 -25.95 15.00
C GLN A 298 -38.61 -26.35 16.45
N SER A 299 -38.70 -27.65 16.71
CA SER A 299 -38.82 -28.18 18.05
C SER A 299 -37.67 -29.13 18.33
N PRO A 300 -36.90 -28.92 19.39
CA PRO A 300 -35.79 -29.82 19.68
C PRO A 300 -36.26 -31.17 20.20
N LEU A 301 -35.41 -32.17 20.00
CA LEU A 301 -35.74 -33.55 20.31
C LEU A 301 -34.83 -34.05 21.43
N PHE A 302 -35.43 -34.50 22.53
CA PHE A 302 -34.69 -35.11 23.63
C PHE A 302 -34.25 -36.51 23.22
N ALA A 303 -32.96 -36.79 23.37
CA ALA A 303 -32.44 -38.12 23.07
C ALA A 303 -31.31 -38.45 24.04
N LYS A 304 -31.33 -39.66 24.57
CA LYS A 304 -30.27 -40.13 25.45
C LYS A 304 -29.28 -40.97 24.66
N ALA A 305 -28.06 -41.06 25.20
CA ALA A 305 -27.06 -41.95 24.61
C ALA A 305 -27.58 -43.38 24.61
N GLY A 306 -27.76 -43.93 23.41
CA GLY A 306 -28.37 -45.24 23.26
C GLY A 306 -29.72 -45.21 22.58
N ASP A 307 -30.30 -44.04 22.36
CA ASP A 307 -31.48 -43.93 21.52
C ASP A 307 -31.06 -43.86 20.05
N THR A 308 -32.05 -44.00 19.18
CA THR A 308 -31.83 -43.87 17.74
C THR A 308 -32.62 -42.68 17.23
N LEU A 309 -31.94 -41.75 16.59
CA LEU A 309 -32.57 -40.63 15.89
C LEU A 309 -32.64 -40.98 14.41
N SER A 310 -33.84 -41.24 13.92
CA SER A 310 -34.07 -41.60 12.53
C SER A 310 -34.88 -40.52 11.85
N GLY A 311 -34.80 -40.50 10.52
CA GLY A 311 -35.54 -39.53 9.76
C GLY A 311 -34.92 -39.37 8.38
N THR A 312 -35.51 -38.45 7.62
CA THR A 312 -35.08 -38.18 6.26
C THR A 312 -34.76 -36.70 6.10
N CYS A 313 -33.75 -36.43 5.27
CA CYS A 313 -33.44 -35.10 4.79
C CYS A 313 -33.68 -35.12 3.28
N LEU A 314 -34.68 -34.38 2.83
CA LEU A 314 -35.08 -34.38 1.42
C LEU A 314 -34.80 -33.01 0.83
N LEU A 315 -34.03 -33.00 -0.25
CA LEU A 315 -33.62 -31.78 -0.93
C LEU A 315 -34.29 -31.74 -2.30
N ILE A 316 -35.06 -30.68 -2.54
CA ILE A 316 -35.84 -30.52 -3.76
C ILE A 316 -35.33 -29.28 -4.47
N ALA A 317 -34.73 -29.46 -5.65
CA ALA A 317 -34.21 -28.34 -6.41
C ALA A 317 -35.33 -27.36 -6.75
N ASN A 318 -34.97 -26.08 -6.80
CA ASN A 318 -35.89 -25.00 -7.14
C ASN A 318 -35.31 -24.20 -8.30
N LYS A 319 -36.14 -23.34 -8.88
CA LYS A 319 -35.70 -22.52 -10.00
C LYS A 319 -34.80 -21.37 -9.59
N ARG A 320 -34.44 -21.26 -8.31
CA ARG A 320 -33.48 -20.27 -7.83
C ARG A 320 -32.08 -20.85 -7.63
N GLN A 321 -31.73 -21.87 -8.42
CA GLN A 321 -30.41 -22.48 -8.39
C GLN A 321 -30.06 -23.06 -7.01
N SER A 322 -31.06 -23.42 -6.22
CA SER A 322 -30.77 -23.93 -4.88
C SER A 322 -31.71 -25.09 -4.60
N TYR A 323 -31.91 -25.38 -3.32
CA TYR A 323 -32.72 -26.49 -2.87
C TYR A 323 -33.65 -26.04 -1.75
N ASP A 324 -34.89 -26.53 -1.78
CA ASP A 324 -35.73 -26.51 -0.60
C ASP A 324 -35.39 -27.72 0.26
N ILE A 325 -35.19 -27.49 1.55
CA ILE A 325 -34.75 -28.53 2.47
C ILE A 325 -35.90 -28.91 3.39
N SER A 326 -36.23 -30.20 3.42
CA SER A 326 -37.20 -30.75 4.36
C SER A 326 -36.49 -31.76 5.25
N ILE A 327 -36.52 -31.52 6.55
CA ILE A 327 -35.89 -32.41 7.52
C ILE A 327 -36.94 -32.88 8.50
N VAL A 328 -37.20 -34.20 8.49
CA VAL A 328 -38.02 -34.85 9.50
C VAL A 328 -37.11 -35.76 10.32
N ALA A 329 -37.36 -35.82 11.62
CA ALA A 329 -36.55 -36.63 12.52
C ALA A 329 -37.36 -36.98 13.75
N GLN A 330 -37.16 -38.20 14.25
CA GLN A 330 -37.84 -38.64 15.46
C GLN A 330 -36.88 -39.48 16.29
N VAL A 331 -37.12 -39.48 17.60
CA VAL A 331 -36.42 -40.36 18.53
C VAL A 331 -37.25 -41.64 18.63
N ASP A 332 -36.72 -42.73 18.07
CA ASP A 332 -37.49 -43.96 17.94
C ASP A 332 -37.98 -44.47 19.28
N GLN A 333 -37.15 -44.36 20.33
CA GLN A 333 -37.51 -44.87 21.64
C GLN A 333 -38.68 -44.11 22.26
N THR A 334 -38.93 -42.87 21.83
CA THR A 334 -40.03 -42.07 22.37
C THR A 334 -41.05 -41.64 21.34
N GLY A 335 -40.77 -41.77 20.05
CA GLY A 335 -41.67 -41.33 19.01
C GLY A 335 -41.76 -39.83 18.83
N SER A 336 -41.21 -39.05 19.76
CA SER A 336 -41.18 -37.59 19.61
C SER A 336 -40.45 -37.22 18.33
N LYS A 337 -41.14 -36.52 17.44
CA LYS A 337 -40.62 -36.19 16.12
C LYS A 337 -40.49 -34.68 15.99
N SER A 338 -39.96 -34.25 14.84
CA SER A 338 -39.78 -32.83 14.58
C SER A 338 -39.55 -32.66 13.09
N SER A 339 -40.21 -31.67 12.52
CA SER A 339 -40.00 -31.30 11.12
C SER A 339 -39.32 -29.95 11.05
N ASN A 340 -38.86 -29.59 9.85
CA ASN A 340 -38.39 -28.25 9.55
C ASN A 340 -38.21 -28.12 8.04
N LEU A 341 -38.54 -26.94 7.52
CA LEU A 341 -38.29 -26.58 6.14
C LEU A 341 -37.37 -25.38 6.10
N LEU A 342 -36.38 -25.42 5.21
CA LEU A 342 -35.39 -24.37 5.12
C LEU A 342 -35.13 -24.04 3.66
N ASP A 343 -34.84 -22.77 3.41
CA ASP A 343 -34.42 -22.30 2.09
C ASP A 343 -32.89 -22.25 2.05
N LEU A 344 -32.29 -23.21 1.33
CA LEU A 344 -30.83 -23.23 1.21
C LEU A 344 -30.28 -21.97 0.55
N LYS A 345 -31.10 -21.23 -0.20
CA LYS A 345 -30.63 -20.04 -0.90
C LYS A 345 -30.52 -18.82 0.00
N ASN A 346 -31.16 -18.84 1.18
CA ASN A 346 -31.14 -17.70 2.11
C ASN A 346 -30.57 -18.15 3.45
N PRO A 347 -29.29 -18.50 3.51
CA PRO A 347 -28.71 -18.92 4.78
C PRO A 347 -28.46 -17.71 5.68
N PHE A 348 -28.11 -18.01 6.92
CA PHE A 348 -27.70 -17.01 7.89
C PHE A 348 -26.20 -17.19 8.13
N PHE A 349 -25.42 -16.18 7.76
CA PHE A 349 -23.97 -16.23 7.93
C PHE A 349 -23.66 -15.77 9.35
N ARG A 350 -23.49 -16.74 10.26
CA ARG A 350 -23.31 -16.45 11.67
C ARG A 350 -21.84 -16.28 12.08
N TYR A 351 -20.90 -16.69 11.22
CA TYR A 351 -19.49 -16.72 11.61
C TYR A 351 -18.98 -15.34 12.04
N THR A 352 -18.34 -15.29 13.20
CA THR A 352 -17.81 -14.07 13.76
C THR A 352 -16.29 -14.04 13.88
N GLY A 353 -15.61 -15.17 13.68
CA GLY A 353 -14.20 -15.28 13.92
C GLY A 353 -13.85 -15.88 15.27
N THR A 354 -14.74 -15.78 16.25
CA THR A 354 -14.50 -16.41 17.54
C THR A 354 -14.29 -17.90 17.37
N THR A 355 -13.20 -18.41 17.93
CA THR A 355 -12.99 -19.84 17.97
C THR A 355 -14.17 -20.50 18.67
N PRO A 356 -14.78 -21.55 18.10
CA PRO A 356 -16.04 -22.06 18.64
C PRO A 356 -15.88 -22.61 20.05
N SER A 357 -16.87 -22.33 20.88
CA SER A 357 -16.86 -22.74 22.27
C SER A 357 -17.31 -24.19 22.40
N PRO A 358 -16.69 -24.98 23.28
CA PRO A 358 -17.14 -26.35 23.49
C PRO A 358 -18.48 -26.35 24.26
N PRO A 359 -19.30 -27.37 24.04
CA PRO A 359 -20.59 -27.38 24.72
C PRO A 359 -20.41 -27.44 26.22
N PRO A 360 -21.32 -26.85 26.98
CA PRO A 360 -21.20 -26.88 28.44
C PRO A 360 -21.31 -28.31 28.97
N GLY A 361 -20.66 -28.54 30.11
CA GLY A 361 -20.63 -29.87 30.66
C GLY A 361 -19.77 -30.84 29.88
N SER A 362 -18.70 -30.35 29.27
CA SER A 362 -17.75 -31.20 28.56
C SER A 362 -16.48 -31.44 29.36
N HIS A 363 -16.35 -30.84 30.55
CA HIS A 363 -15.21 -31.07 31.43
C HIS A 363 -15.48 -32.31 32.26
N TYR A 364 -14.71 -33.37 32.01
CA TYR A 364 -14.82 -34.59 32.79
C TYR A 364 -13.80 -34.67 33.91
N THR A 365 -12.74 -33.88 33.83
CA THR A 365 -11.79 -33.66 34.90
C THR A 365 -11.87 -32.21 35.35
N SER A 366 -11.43 -31.96 36.57
CA SER A 366 -11.52 -30.62 37.15
C SER A 366 -10.65 -29.64 36.37
N PRO A 367 -11.23 -28.61 35.75
CA PRO A 367 -10.39 -27.64 35.01
C PRO A 367 -9.39 -26.93 35.90
N SER A 368 -9.68 -26.82 37.20
CA SER A 368 -8.75 -26.18 38.13
C SER A 368 -7.47 -27.00 38.33
N GLU A 369 -7.52 -28.30 38.07
CA GLU A 369 -6.32 -29.13 38.16
C GLU A 369 -5.36 -28.79 37.03
N SER B 10 -45.44 -0.20 -17.21
CA SER B 10 -45.64 0.89 -16.28
C SER B 10 -44.35 1.68 -16.10
N VAL B 11 -44.44 2.78 -15.34
CA VAL B 11 -43.29 3.65 -15.12
C VAL B 11 -42.16 2.89 -14.44
N PHE B 12 -42.50 2.06 -13.45
CA PHE B 12 -41.47 1.31 -12.74
C PHE B 12 -40.81 0.28 -13.65
N SER B 13 -41.61 -0.55 -14.32
CA SER B 13 -41.07 -1.67 -15.08
C SER B 13 -40.14 -1.24 -16.21
N GLU B 14 -40.22 0.02 -16.64
CA GLU B 14 -39.36 0.49 -17.72
C GLU B 14 -37.99 0.88 -17.22
N ARG B 15 -37.93 1.65 -16.13
CA ARG B 15 -36.67 2.05 -15.55
C ARG B 15 -36.02 0.96 -14.70
N THR B 16 -36.68 -0.19 -14.57
CA THR B 16 -36.20 -1.29 -13.73
C THR B 16 -36.27 -2.58 -14.52
N GLU B 17 -35.12 -3.21 -14.74
CA GLU B 17 -35.12 -4.54 -15.33
C GLU B 17 -35.48 -5.58 -14.27
N GLU B 18 -36.18 -6.63 -14.72
CA GLU B 18 -36.88 -7.52 -13.79
C GLU B 18 -35.94 -8.11 -12.74
N SER B 19 -34.77 -8.58 -13.17
CA SER B 19 -33.86 -9.27 -12.26
C SER B 19 -33.40 -8.37 -11.12
N SER B 20 -33.42 -7.05 -11.30
CA SER B 20 -33.16 -6.15 -10.18
C SER B 20 -34.38 -6.01 -9.29
N ALA B 21 -35.57 -5.90 -9.89
CA ALA B 21 -36.78 -5.71 -9.10
C ALA B 21 -37.11 -6.96 -8.29
N VAL B 22 -36.84 -8.13 -8.84
CA VAL B 22 -37.11 -9.38 -8.11
C VAL B 22 -36.26 -9.43 -6.86
N GLN B 23 -34.94 -9.33 -7.02
CA GLN B 23 -34.03 -9.38 -5.88
C GLN B 23 -34.28 -8.21 -4.92
N TYR B 24 -34.72 -7.08 -5.45
CA TYR B 24 -35.00 -5.91 -4.62
C TYR B 24 -36.17 -6.16 -3.68
N PHE B 25 -37.31 -6.60 -4.22
CA PHE B 25 -38.49 -6.80 -3.39
C PHE B 25 -38.46 -8.13 -2.64
N GLN B 26 -37.65 -9.08 -3.07
CA GLN B 26 -37.38 -10.25 -2.24
C GLN B 26 -36.70 -9.83 -0.94
N PHE B 27 -35.83 -8.81 -1.02
CA PHE B 27 -35.09 -8.37 0.15
C PHE B 27 -36.02 -7.76 1.20
N TYR B 28 -36.95 -6.91 0.79
CA TYR B 28 -37.87 -6.28 1.72
C TYR B 28 -39.00 -7.19 2.17
N GLY B 29 -39.10 -8.40 1.60
CA GLY B 29 -40.11 -9.33 2.06
C GLY B 29 -39.75 -10.05 3.34
N TYR B 30 -38.54 -9.85 3.86
CA TYR B 30 -38.09 -10.53 5.06
C TYR B 30 -38.36 -9.67 6.29
N LEU B 31 -39.03 -10.26 7.28
CA LEU B 31 -39.31 -9.53 8.52
C LEU B 31 -38.04 -9.11 9.23
N SER B 32 -36.97 -9.91 9.14
CA SER B 32 -35.71 -9.56 9.76
C SER B 32 -35.17 -8.25 9.21
N GLN B 33 -35.39 -7.98 7.93
CA GLN B 33 -34.98 -6.71 7.36
C GLN B 33 -35.89 -5.58 7.79
N GLN B 34 -37.15 -5.88 8.10
CA GLN B 34 -38.01 -4.88 8.71
C GLN B 34 -37.54 -4.54 10.12
N GLN B 35 -37.37 -5.57 10.95
CA GLN B 35 -36.86 -5.39 12.32
C GLN B 35 -35.62 -4.50 12.34
N ASN B 36 -34.71 -4.71 11.38
CA ASN B 36 -33.48 -3.91 11.35
C ASN B 36 -33.79 -2.43 11.15
N MET B 37 -34.77 -2.12 10.29
CA MET B 37 -35.12 -0.72 10.08
C MET B 37 -35.89 -0.14 11.26
N MET B 38 -36.84 -0.90 11.81
CA MET B 38 -37.62 -0.38 12.93
C MET B 38 -36.79 -0.26 14.21
N GLN B 39 -35.83 -1.16 14.41
CA GLN B 39 -34.94 -1.03 15.57
C GLN B 39 -33.99 0.14 15.47
N ASP B 40 -33.86 0.76 14.29
CA ASP B 40 -33.13 2.02 14.16
C ASP B 40 -33.90 3.12 14.90
N TYR B 41 -33.57 3.33 16.17
CA TYR B 41 -34.35 4.22 17.02
C TYR B 41 -34.38 5.64 16.47
N VAL B 42 -33.23 6.18 16.05
CA VAL B 42 -33.20 7.53 15.49
C VAL B 42 -34.15 7.62 14.30
N ARG B 43 -34.09 6.65 13.40
CA ARG B 43 -34.96 6.69 12.22
C ARG B 43 -36.43 6.58 12.61
N THR B 44 -36.78 5.55 13.39
CA THR B 44 -38.19 5.34 13.75
C THR B 44 -38.69 6.44 14.68
N GLY B 45 -37.87 6.84 15.65
CA GLY B 45 -38.29 7.88 16.57
C GLY B 45 -38.44 9.24 15.92
N THR B 46 -37.53 9.57 15.00
CA THR B 46 -37.63 10.86 14.31
C THR B 46 -38.87 10.93 13.43
N TYR B 47 -39.18 9.83 12.74
CA TYR B 47 -40.40 9.81 11.92
C TYR B 47 -41.65 9.98 12.77
N GLN B 48 -41.70 9.34 13.94
CA GLN B 48 -42.87 9.50 14.81
C GLN B 48 -42.96 10.92 15.36
N ARG B 49 -41.83 11.48 15.80
CA ARG B 49 -41.84 12.86 16.28
C ARG B 49 -42.32 13.81 15.20
N ALA B 50 -41.78 13.70 13.99
CA ALA B 50 -42.16 14.59 12.90
C ALA B 50 -43.65 14.49 12.59
N ILE B 51 -44.24 13.30 12.71
CA ILE B 51 -45.66 13.15 12.39
C ILE B 51 -46.54 13.62 13.55
N LEU B 52 -46.24 13.16 14.77
CA LEU B 52 -47.06 13.53 15.91
C LEU B 52 -46.97 15.02 16.21
N GLN B 53 -45.76 15.59 16.17
CA GLN B 53 -45.63 17.02 16.43
C GLN B 53 -46.43 17.84 15.42
N ASN B 54 -46.44 17.40 14.15
CA ASN B 54 -47.25 18.03 13.11
C ASN B 54 -48.56 17.29 12.90
N HIS B 55 -49.28 17.02 13.99
CA HIS B 55 -50.43 16.13 13.95
C HIS B 55 -51.56 16.65 13.08
N THR B 56 -51.69 17.97 12.89
CA THR B 56 -52.76 18.49 12.07
C THR B 56 -52.45 18.48 10.58
N ASP B 57 -51.20 18.22 10.21
CA ASP B 57 -50.97 17.82 8.83
C ASP B 57 -51.57 16.44 8.55
N PHE B 58 -52.15 15.79 9.56
CA PHE B 58 -52.68 14.44 9.43
C PHE B 58 -54.11 14.34 9.96
N LYS B 59 -54.44 15.15 10.97
CA LYS B 59 -55.76 15.13 11.60
C LYS B 59 -56.88 15.16 10.56
N ASP B 60 -57.63 14.07 10.50
CA ASP B 60 -58.79 13.94 9.60
C ASP B 60 -58.40 14.14 8.14
N LYS B 61 -57.16 13.82 7.78
CA LYS B 61 -56.68 13.95 6.42
C LYS B 61 -56.58 12.57 5.76
N ILE B 62 -56.34 12.59 4.46
CA ILE B 62 -56.14 11.38 3.67
C ILE B 62 -54.64 11.23 3.43
N VAL B 63 -54.08 10.08 3.78
CA VAL B 63 -52.64 9.86 3.75
C VAL B 63 -52.30 8.74 2.78
N LEU B 64 -51.25 8.95 2.00
CA LEU B 64 -50.66 7.90 1.17
C LEU B 64 -49.28 7.57 1.74
N ASP B 65 -49.07 6.29 2.03
CA ASP B 65 -47.81 5.79 2.57
C ASP B 65 -47.12 4.97 1.48
N VAL B 66 -46.04 5.51 0.92
CA VAL B 66 -45.34 4.88 -0.19
C VAL B 66 -44.27 3.95 0.36
N GLY B 67 -44.40 2.66 0.02
CA GLY B 67 -43.46 1.66 0.51
C GLY B 67 -43.53 1.51 2.01
N CYS B 68 -44.69 1.07 2.51
CA CYS B 68 -44.98 1.08 3.93
C CYS B 68 -44.26 0.01 4.72
N GLY B 69 -43.68 -0.99 4.05
CA GLY B 69 -42.99 -2.05 4.77
C GLY B 69 -43.95 -2.76 5.71
N SER B 70 -43.61 -2.79 6.99
CA SER B 70 -44.50 -3.35 8.00
C SER B 70 -45.65 -2.43 8.36
N GLY B 71 -45.65 -1.20 7.84
CA GLY B 71 -46.72 -0.25 8.09
C GLY B 71 -46.49 0.71 9.24
N ILE B 72 -45.26 0.81 9.76
CA ILE B 72 -45.01 1.59 10.98
C ILE B 72 -45.33 3.07 10.76
N LEU B 73 -45.15 3.57 9.53
CA LEU B 73 -45.46 4.97 9.26
C LEU B 73 -46.96 5.21 9.27
N SER B 74 -47.73 4.28 8.69
CA SER B 74 -49.18 4.41 8.68
C SER B 74 -49.73 4.45 10.09
N PHE B 75 -49.14 3.67 11.00
CA PHE B 75 -49.59 3.69 12.39
C PHE B 75 -49.32 5.04 13.04
N PHE B 76 -48.20 5.68 12.69
CA PHE B 76 -47.95 7.03 13.18
C PHE B 76 -48.97 8.01 12.63
N ALA B 77 -49.28 7.91 11.34
CA ALA B 77 -50.31 8.78 10.75
C ALA B 77 -51.66 8.51 11.40
N ALA B 78 -51.92 7.25 11.76
CA ALA B 78 -53.18 6.94 12.43
C ALA B 78 -53.22 7.55 13.83
N GLN B 79 -52.11 7.44 14.56
CA GLN B 79 -52.04 8.06 15.88
C GLN B 79 -52.23 9.57 15.79
N ALA B 80 -51.70 10.18 14.73
CA ALA B 80 -51.85 11.61 14.53
C ALA B 80 -53.28 12.02 14.23
N GLY B 81 -54.16 11.07 13.95
CA GLY B 81 -55.56 11.36 13.70
C GLY B 81 -55.99 11.31 12.26
N ALA B 82 -55.26 10.60 11.40
CA ALA B 82 -55.62 10.53 9.99
C ALA B 82 -56.96 9.84 9.81
N ARG B 83 -57.73 10.33 8.84
CA ARG B 83 -59.03 9.73 8.56
C ARG B 83 -58.89 8.41 7.82
N LYS B 84 -58.14 8.41 6.72
CA LYS B 84 -57.85 7.21 5.95
C LYS B 84 -56.39 7.24 5.52
N ILE B 85 -55.77 6.06 5.48
CA ILE B 85 -54.36 5.92 5.14
C ILE B 85 -54.21 4.76 4.16
N TYR B 86 -53.70 5.06 2.96
CA TYR B 86 -53.48 4.06 1.93
C TYR B 86 -52.00 3.67 1.98
N ALA B 87 -51.72 2.52 2.61
CA ALA B 87 -50.36 2.02 2.77
C ALA B 87 -50.05 1.08 1.61
N VAL B 88 -49.18 1.54 0.71
CA VAL B 88 -48.82 0.80 -0.49
C VAL B 88 -47.49 0.12 -0.27
N GLU B 89 -47.40 -1.16 -0.64
CA GLU B 89 -46.18 -1.93 -0.48
C GLU B 89 -46.12 -3.00 -1.55
N ALA B 90 -44.99 -3.09 -2.24
CA ALA B 90 -44.84 -3.99 -3.37
C ALA B 90 -44.25 -5.34 -2.99
N SER B 91 -43.51 -5.43 -1.89
CA SER B 91 -42.98 -6.70 -1.44
C SER B 91 -44.05 -7.50 -0.72
N THR B 92 -43.76 -8.77 -0.47
CA THR B 92 -44.67 -9.63 0.27
C THR B 92 -44.92 -9.13 1.69
N MET B 93 -44.13 -8.16 2.17
CA MET B 93 -44.36 -7.55 3.47
C MET B 93 -45.75 -6.94 3.60
N ALA B 94 -46.43 -6.67 2.48
CA ALA B 94 -47.79 -6.15 2.54
C ALA B 94 -48.70 -7.06 3.36
N GLN B 95 -48.55 -8.37 3.20
CA GLN B 95 -49.38 -9.30 3.97
C GLN B 95 -49.13 -9.19 5.47
N HIS B 96 -47.89 -8.88 5.87
CA HIS B 96 -47.59 -8.67 7.28
C HIS B 96 -48.10 -7.33 7.78
N ALA B 97 -48.18 -6.33 6.89
CA ALA B 97 -48.80 -5.07 7.27
C ALA B 97 -50.29 -5.25 7.56
N GLU B 98 -50.99 -6.04 6.73
CA GLU B 98 -52.41 -6.29 6.95
C GLU B 98 -52.65 -6.93 8.32
N VAL B 99 -51.77 -7.85 8.74
CA VAL B 99 -51.96 -8.54 10.02
C VAL B 99 -51.82 -7.55 11.17
N LEU B 100 -50.90 -6.59 11.06
CA LEU B 100 -50.73 -5.61 12.11
C LEU B 100 -51.89 -4.61 12.14
N VAL B 101 -52.43 -4.25 10.99
CA VAL B 101 -53.61 -3.38 10.95
C VAL B 101 -54.78 -4.06 11.65
N LYS B 102 -55.00 -5.34 11.35
CA LYS B 102 -56.11 -6.06 11.96
C LYS B 102 -55.92 -6.22 13.47
N SER B 103 -54.70 -6.53 13.90
CA SER B 103 -54.48 -6.81 15.32
C SER B 103 -54.35 -5.54 16.16
N ASN B 104 -54.12 -4.39 15.53
CA ASN B 104 -54.18 -3.11 16.21
C ASN B 104 -55.55 -2.44 16.08
N ASN B 105 -56.52 -3.14 15.51
CA ASN B 105 -57.89 -2.64 15.35
C ASN B 105 -57.92 -1.31 14.58
N LEU B 106 -57.15 -1.26 13.49
CA LEU B 106 -57.13 -0.08 12.62
C LEU B 106 -57.59 -0.43 11.21
N THR B 107 -58.41 -1.47 11.08
CA THR B 107 -58.95 -1.84 9.78
C THR B 107 -59.77 -0.71 9.17
N ASP B 108 -60.41 0.10 10.01
CA ASP B 108 -61.25 1.20 9.53
C ASP B 108 -60.47 2.42 9.07
N ARG B 109 -59.14 2.41 9.17
CA ARG B 109 -58.38 3.64 8.87
C ARG B 109 -57.18 3.39 7.96
N ILE B 110 -56.52 2.26 8.11
CA ILE B 110 -55.33 1.94 7.30
C ILE B 110 -55.73 0.88 6.28
N VAL B 111 -55.57 1.22 5.00
CA VAL B 111 -55.89 0.33 3.90
C VAL B 111 -54.58 -0.06 3.22
N VAL B 112 -54.15 -1.30 3.43
CA VAL B 112 -52.97 -1.84 2.76
C VAL B 112 -53.34 -2.17 1.33
N ILE B 113 -52.61 -1.60 0.38
CA ILE B 113 -52.82 -1.86 -1.04
C ILE B 113 -51.52 -2.43 -1.60
N PRO B 114 -51.47 -3.73 -1.84
CA PRO B 114 -50.23 -4.34 -2.33
C PRO B 114 -49.98 -4.04 -3.80
N GLY B 115 -48.70 -3.88 -4.13
CA GLY B 115 -48.27 -3.56 -5.48
C GLY B 115 -47.31 -2.40 -5.48
N LYS B 116 -46.81 -2.11 -6.68
CA LYS B 116 -45.93 -0.97 -6.87
C LYS B 116 -46.75 0.29 -7.07
N VAL B 117 -46.35 1.37 -6.39
CA VAL B 117 -47.12 2.61 -6.43
C VAL B 117 -47.26 3.12 -7.86
N GLU B 118 -46.30 2.81 -8.73
CA GLU B 118 -46.42 3.15 -10.14
C GLU B 118 -47.48 2.33 -10.85
N GLU B 119 -48.09 1.36 -10.17
CA GLU B 119 -48.99 0.43 -10.82
C GLU B 119 -50.35 0.35 -10.12
N VAL B 120 -50.38 0.58 -8.81
CA VAL B 120 -51.62 0.46 -8.03
C VAL B 120 -52.60 1.55 -8.42
N SER B 121 -53.85 1.40 -7.98
CA SER B 121 -54.94 2.31 -8.34
C SER B 121 -55.58 2.84 -7.06
N LEU B 122 -55.17 4.03 -6.63
CA LEU B 122 -55.71 4.60 -5.41
C LEU B 122 -57.13 5.12 -5.63
N PRO B 123 -58.00 5.01 -4.62
CA PRO B 123 -59.39 5.42 -4.80
C PRO B 123 -59.61 6.93 -4.83
N GLU B 124 -58.72 7.72 -4.24
CA GLU B 124 -58.92 9.15 -4.14
C GLU B 124 -57.56 9.84 -4.03
N GLN B 125 -57.58 11.16 -4.21
CA GLN B 125 -56.38 11.95 -3.97
C GLN B 125 -56.15 12.12 -2.47
N VAL B 126 -54.89 12.39 -2.10
CA VAL B 126 -54.49 12.41 -0.71
C VAL B 126 -53.97 13.80 -0.33
N ASP B 127 -54.02 14.09 0.97
CA ASP B 127 -53.55 15.37 1.47
C ASP B 127 -52.04 15.38 1.68
N ILE B 128 -51.48 14.29 2.22
CA ILE B 128 -50.06 14.22 2.50
C ILE B 128 -49.56 12.83 2.11
N ILE B 129 -48.33 12.78 1.60
CA ILE B 129 -47.65 11.53 1.33
C ILE B 129 -46.53 11.39 2.36
N ILE B 130 -46.47 10.22 2.99
CA ILE B 130 -45.34 9.88 3.86
C ILE B 130 -44.64 8.67 3.28
N SER B 131 -43.33 8.61 3.49
CA SER B 131 -42.52 7.52 2.96
C SER B 131 -41.12 7.64 3.52
N GLU B 132 -40.36 6.54 3.41
CA GLU B 132 -38.93 6.53 3.69
C GLU B 132 -38.25 6.07 2.40
N PRO B 133 -38.04 6.98 1.45
CA PRO B 133 -37.47 6.58 0.17
C PRO B 133 -35.95 6.78 0.10
N MET B 134 -35.30 6.97 1.25
CA MET B 134 -33.87 7.26 1.29
C MET B 134 -33.09 5.96 1.31
N GLY B 135 -32.25 5.75 0.31
CA GLY B 135 -31.22 4.74 0.40
C GLY B 135 -29.95 5.33 0.98
N TYR B 136 -28.95 4.48 1.17
CA TYR B 136 -27.65 5.02 1.54
C TYR B 136 -27.17 5.94 0.43
N MET B 137 -26.54 7.05 0.82
CA MET B 137 -26.24 8.16 -0.10
C MET B 137 -27.53 8.77 -0.68
N LEU B 138 -28.67 8.49 -0.05
CA LEU B 138 -29.97 9.06 -0.39
C LEU B 138 -30.54 8.51 -1.70
N PHE B 139 -29.72 8.42 -2.74
CA PHE B 139 -30.23 8.13 -4.07
C PHE B 139 -30.27 6.64 -4.41
N ASN B 140 -29.65 5.78 -3.61
CA ASN B 140 -29.72 4.36 -3.89
C ASN B 140 -31.15 3.87 -3.77
N GLU B 141 -31.46 2.81 -4.53
CA GLU B 141 -32.76 2.13 -4.63
C GLU B 141 -33.66 2.82 -5.65
N ARG B 142 -33.31 4.04 -6.05
CA ARG B 142 -34.13 4.83 -6.97
C ARG B 142 -35.57 4.91 -6.50
N MET B 143 -35.77 4.93 -5.18
CA MET B 143 -37.10 4.99 -4.60
C MET B 143 -37.63 6.42 -4.50
N LEU B 144 -36.74 7.42 -4.54
CA LEU B 144 -37.20 8.81 -4.59
C LEU B 144 -38.02 9.06 -5.85
N GLU B 145 -37.74 8.33 -6.93
CA GLU B 145 -38.54 8.45 -8.14
C GLU B 145 -39.95 7.90 -7.92
N SER B 146 -40.07 6.79 -7.20
CA SER B 146 -41.39 6.28 -6.85
C SER B 146 -42.11 7.23 -5.89
N TYR B 147 -41.34 7.86 -4.99
CA TYR B 147 -41.91 8.85 -4.09
C TYR B 147 -42.47 10.04 -4.85
N LEU B 148 -41.67 10.62 -5.76
CA LEU B 148 -42.15 11.73 -6.58
C LEU B 148 -43.27 11.28 -7.50
N HIS B 149 -43.20 10.05 -8.00
CA HIS B 149 -44.24 9.53 -8.87
C HIS B 149 -45.58 9.46 -8.15
N ALA B 150 -45.57 9.29 -6.83
CA ALA B 150 -46.81 9.24 -6.07
C ALA B 150 -47.46 10.60 -5.92
N LYS B 151 -46.78 11.68 -6.32
CA LYS B 151 -47.39 13.01 -6.26
C LYS B 151 -48.62 13.12 -7.16
N LYS B 152 -48.79 12.18 -8.10
CA LYS B 152 -49.99 12.18 -8.93
C LYS B 152 -51.26 11.98 -8.11
N TYR B 153 -51.15 11.43 -6.90
CA TYR B 153 -52.29 11.31 -6.00
C TYR B 153 -52.33 12.45 -4.99
N LEU B 154 -51.47 13.45 -5.13
CA LEU B 154 -51.36 14.53 -4.15
C LEU B 154 -52.26 15.69 -4.52
N LYS B 155 -53.04 16.16 -3.54
CA LYS B 155 -53.84 17.36 -3.69
C LYS B 155 -52.93 18.57 -3.98
N PRO B 156 -53.48 19.70 -4.48
CA PRO B 156 -52.62 20.82 -4.87
C PRO B 156 -51.87 21.40 -3.68
N SER B 157 -52.59 21.67 -2.59
CA SER B 157 -51.98 22.09 -1.34
C SER B 157 -51.43 20.91 -0.54
N GLY B 158 -51.18 19.78 -1.19
CA GLY B 158 -50.71 18.62 -0.50
C GLY B 158 -49.28 18.79 0.01
N ASN B 159 -48.93 17.98 1.00
CA ASN B 159 -47.63 18.02 1.65
C ASN B 159 -46.89 16.71 1.44
N MET B 160 -45.58 16.76 1.63
CA MET B 160 -44.71 15.60 1.50
C MET B 160 -43.89 15.44 2.78
N PHE B 161 -43.85 14.22 3.32
CA PHE B 161 -43.10 13.90 4.53
C PHE B 161 -42.21 12.69 4.23
N PRO B 162 -40.90 12.88 4.02
CA PRO B 162 -40.14 14.12 4.15
C PRO B 162 -40.40 15.10 3.01
N THR B 163 -40.11 16.37 3.25
CA THR B 163 -40.36 17.41 2.26
C THR B 163 -39.16 17.63 1.36
N ILE B 164 -37.97 17.71 1.94
CA ILE B 164 -36.74 17.90 1.17
C ILE B 164 -35.69 16.94 1.67
N GLY B 165 -34.64 16.77 0.85
CA GLY B 165 -33.47 16.04 1.24
C GLY B 165 -32.18 16.77 0.90
N ASP B 166 -31.37 17.07 1.89
CA ASP B 166 -30.06 17.70 1.68
C ASP B 166 -29.01 16.60 1.66
N VAL B 167 -28.33 16.43 0.52
CA VAL B 167 -27.18 15.53 0.45
C VAL B 167 -25.92 16.36 0.65
N HIS B 168 -25.08 15.95 1.60
CA HIS B 168 -23.87 16.67 1.94
C HIS B 168 -22.66 15.85 1.51
N LEU B 169 -21.71 16.52 0.86
CA LEU B 169 -20.46 15.91 0.45
C LEU B 169 -19.31 16.78 0.92
N ALA B 170 -18.25 16.16 1.40
CA ALA B 170 -17.06 16.86 1.84
C ALA B 170 -15.85 15.99 1.57
N PRO B 171 -14.70 16.57 1.24
CA PRO B 171 -13.50 15.77 1.02
C PRO B 171 -12.93 15.29 2.34
N PHE B 172 -12.27 14.13 2.29
CA PHE B 172 -11.76 13.50 3.49
C PHE B 172 -10.35 12.97 3.24
N THR B 173 -9.65 12.69 4.34
CA THR B 173 -8.36 12.01 4.32
C THR B 173 -8.45 10.79 5.21
N ASP B 174 -8.08 9.63 4.67
CA ASP B 174 -8.12 8.37 5.41
C ASP B 174 -7.15 7.38 4.79
N GLU B 175 -5.85 7.54 5.08
CA GLU B 175 -4.84 6.67 4.49
C GLU B 175 -5.07 5.22 4.86
N GLN B 176 -5.62 4.97 6.06
CA GLN B 176 -5.92 3.60 6.47
C GLN B 176 -6.92 2.95 5.52
N LEU B 177 -7.98 3.68 5.17
CA LEU B 177 -8.98 3.13 4.26
C LEU B 177 -8.44 2.99 2.84
N TYR B 178 -7.67 3.98 2.37
CA TYR B 178 -7.10 3.89 1.03
C TYR B 178 -6.16 2.71 0.92
N MET B 179 -5.27 2.56 1.90
CA MET B 179 -4.33 1.45 1.88
C MET B 179 -5.07 0.11 1.93
N GLU B 180 -6.15 0.06 2.71
CA GLU B 180 -6.90 -1.19 2.88
C GLU B 180 -7.49 -1.68 1.58
N GLN B 181 -8.13 -0.78 0.82
CA GLN B 181 -8.66 -1.17 -0.49
C GLN B 181 -7.54 -1.38 -1.50
N PHE B 182 -6.47 -0.60 -1.41
CA PHE B 182 -5.38 -0.74 -2.38
C PHE B 182 -4.65 -2.07 -2.21
N THR B 183 -4.40 -2.48 -0.97
CA THR B 183 -3.69 -3.74 -0.74
C THR B 183 -4.54 -4.93 -1.14
N LYS B 184 -5.86 -4.81 -1.00
CA LYS B 184 -6.76 -5.87 -1.48
C LYS B 184 -6.54 -6.12 -2.96
N ALA B 185 -6.59 -5.07 -3.77
CA ALA B 185 -6.40 -5.21 -5.21
C ALA B 185 -4.99 -5.69 -5.55
N ASN B 186 -4.03 -5.46 -4.67
CA ASN B 186 -2.65 -5.89 -4.92
C ASN B 186 -2.46 -7.39 -4.83
N PHE B 187 -3.49 -8.14 -4.42
CA PHE B 187 -3.46 -9.58 -4.59
C PHE B 187 -3.17 -9.94 -6.04
N TRP B 188 -3.73 -9.17 -6.97
CA TRP B 188 -3.56 -9.39 -8.40
C TRP B 188 -2.29 -8.78 -8.95
N TYR B 189 -1.39 -8.32 -8.07
CA TYR B 189 -0.05 -7.91 -8.45
C TYR B 189 0.93 -9.08 -8.45
N GLN B 190 0.55 -10.22 -7.86
CA GLN B 190 1.45 -11.35 -7.74
C GLN B 190 1.92 -11.83 -9.11
N PRO B 191 3.22 -12.03 -9.32
CA PRO B 191 3.70 -12.64 -10.56
C PRO B 191 3.68 -14.16 -10.58
N SER B 192 3.35 -14.79 -9.45
CA SER B 192 3.47 -16.24 -9.36
C SER B 192 2.59 -16.80 -8.25
N PHE B 193 1.29 -16.54 -8.32
CA PHE B 193 0.33 -17.13 -7.40
C PHE B 193 0.14 -18.60 -7.77
N HIS B 194 0.68 -19.50 -6.95
CA HIS B 194 0.75 -20.92 -7.28
C HIS B 194 1.36 -21.11 -8.67
N GLY B 195 2.36 -20.31 -8.98
CA GLY B 195 3.00 -20.34 -10.28
C GLY B 195 2.26 -19.64 -11.40
N VAL B 196 1.18 -18.94 -11.10
CA VAL B 196 0.35 -18.29 -12.10
C VAL B 196 0.52 -16.78 -11.99
N ASP B 197 0.94 -16.15 -13.09
CA ASP B 197 1.17 -14.70 -13.09
C ASP B 197 -0.16 -13.98 -13.22
N LEU B 198 -0.62 -13.36 -12.13
CA LEU B 198 -1.86 -12.60 -12.11
C LEU B 198 -1.67 -11.12 -12.43
N SER B 199 -0.43 -10.67 -12.63
CA SER B 199 -0.15 -9.23 -12.68
C SER B 199 -0.97 -8.50 -13.73
N ALA B 200 -1.26 -9.17 -14.86
CA ALA B 200 -2.00 -8.52 -15.94
C ALA B 200 -3.36 -8.01 -15.50
N LEU B 201 -3.95 -8.58 -14.46
CA LEU B 201 -5.25 -8.14 -13.97
C LEU B 201 -5.15 -7.13 -12.84
N ARG B 202 -3.94 -6.69 -12.49
CA ARG B 202 -3.80 -5.69 -11.43
C ARG B 202 -4.58 -4.42 -11.75
N GLY B 203 -4.53 -3.98 -13.01
CA GLY B 203 -5.36 -2.87 -13.44
C GLY B 203 -6.81 -3.13 -13.08
N ALA B 204 -7.40 -4.15 -13.70
CA ALA B 204 -8.83 -4.41 -13.54
C ALA B 204 -9.25 -4.55 -12.08
N ALA B 205 -8.37 -5.07 -11.21
CA ALA B 205 -8.74 -5.24 -9.82
C ALA B 205 -8.84 -3.90 -9.10
N VAL B 206 -7.86 -3.02 -9.31
CA VAL B 206 -7.86 -1.70 -8.69
C VAL B 206 -9.11 -0.93 -9.10
N ASP B 207 -9.46 -0.97 -10.39
CA ASP B 207 -10.68 -0.31 -10.84
C ASP B 207 -11.92 -0.89 -10.17
N GLU B 208 -11.92 -2.20 -9.91
CA GLU B 208 -13.09 -2.83 -9.32
C GLU B 208 -13.26 -2.44 -7.86
N TYR B 209 -12.20 -2.58 -7.06
CA TYR B 209 -12.30 -2.31 -5.62
C TYR B 209 -12.61 -0.84 -5.35
N PHE B 210 -12.12 0.07 -6.19
CA PHE B 210 -12.37 1.49 -6.00
C PHE B 210 -13.66 1.95 -6.66
N ARG B 211 -14.28 1.10 -7.46
CA ARG B 211 -15.62 1.36 -7.98
C ARG B 211 -16.68 1.23 -6.89
N GLN B 212 -16.33 0.67 -5.74
CA GLN B 212 -17.28 0.42 -4.68
C GLN B 212 -17.27 1.59 -3.70
N PRO B 213 -18.39 2.26 -3.48
CA PRO B 213 -18.47 3.19 -2.34
C PRO B 213 -18.32 2.42 -1.05
N VAL B 214 -17.65 3.03 -0.08
CA VAL B 214 -17.44 2.43 1.23
C VAL B 214 -18.52 2.95 2.17
N VAL B 215 -19.23 2.01 2.82
CA VAL B 215 -20.33 2.34 3.71
C VAL B 215 -19.91 1.96 5.12
N ASP B 216 -19.63 2.97 5.93
CA ASP B 216 -19.37 2.82 7.36
C ASP B 216 -19.43 4.22 7.94
N THR B 217 -19.07 4.35 9.22
CA THR B 217 -19.01 5.66 9.85
C THR B 217 -17.56 6.10 10.01
N PHE B 218 -17.38 7.40 10.20
CA PHE B 218 -16.05 7.96 10.37
C PHE B 218 -16.15 9.16 11.30
N ASP B 219 -15.05 9.42 12.02
CA ASP B 219 -14.96 10.64 12.79
C ASP B 219 -14.82 11.83 11.87
N ILE B 220 -15.44 12.95 12.25
CA ILE B 220 -15.44 14.13 11.39
C ILE B 220 -14.09 14.80 11.29
N ARG B 221 -13.14 14.44 12.16
CA ARG B 221 -11.81 15.01 12.10
C ARG B 221 -11.13 14.75 10.77
N ILE B 222 -11.61 13.78 9.99
CA ILE B 222 -10.98 13.45 8.71
C ILE B 222 -11.49 14.32 7.57
N LEU B 223 -12.52 15.13 7.78
CA LEU B 223 -13.03 16.02 6.75
C LEU B 223 -12.14 17.24 6.65
N MET B 224 -11.73 17.58 5.43
CA MET B 224 -10.74 18.63 5.20
C MET B 224 -11.35 19.93 4.73
N ALA B 225 -12.68 20.01 4.59
CA ALA B 225 -13.30 21.22 4.10
C ALA B 225 -14.78 21.21 4.48
N LYS B 226 -15.37 22.39 4.56
CA LYS B 226 -16.80 22.50 4.81
C LYS B 226 -17.59 21.76 3.75
N SER B 227 -18.66 21.10 4.18
CA SER B 227 -19.43 20.27 3.27
C SER B 227 -20.20 21.12 2.27
N VAL B 228 -20.31 20.61 1.05
CA VAL B 228 -21.20 21.16 0.04
C VAL B 228 -22.56 20.50 0.18
N LYS B 229 -23.62 21.24 -0.09
CA LYS B 229 -24.99 20.76 0.05
C LYS B 229 -25.71 20.83 -1.29
N TYR B 230 -26.35 19.72 -1.67
CA TYR B 230 -27.24 19.67 -2.83
C TYR B 230 -28.61 19.27 -2.34
N THR B 231 -29.60 20.13 -2.60
CA THR B 231 -30.94 19.94 -2.06
C THR B 231 -31.87 19.40 -3.13
N VAL B 232 -32.65 18.38 -2.78
CA VAL B 232 -33.78 17.91 -3.57
C VAL B 232 -35.04 18.28 -2.83
N ASN B 233 -35.88 19.11 -3.46
CA ASN B 233 -37.17 19.51 -2.89
C ASN B 233 -38.23 18.58 -3.47
N PHE B 234 -38.78 17.70 -2.62
CA PHE B 234 -39.71 16.70 -3.11
C PHE B 234 -41.08 17.28 -3.48
N LEU B 235 -41.43 18.45 -2.96
CA LEU B 235 -42.66 19.11 -3.41
C LEU B 235 -42.54 19.54 -4.86
N GLU B 236 -41.35 19.98 -5.28
CA GLU B 236 -41.19 20.64 -6.57
C GLU B 236 -40.52 19.79 -7.63
N ALA B 237 -39.82 18.73 -7.24
CA ALA B 237 -39.13 17.90 -8.23
C ALA B 237 -40.13 16.96 -8.91
N LYS B 238 -39.78 16.56 -10.13
CA LYS B 238 -40.52 15.54 -10.85
C LYS B 238 -39.60 14.35 -11.07
N GLU B 239 -40.22 13.18 -11.29
CA GLU B 239 -39.50 11.91 -11.44
C GLU B 239 -38.26 12.03 -12.32
N GLY B 240 -38.40 12.65 -13.49
CA GLY B 240 -37.30 12.74 -14.44
C GLY B 240 -36.13 13.57 -13.97
N ASP B 241 -36.33 14.41 -12.96
CA ASP B 241 -35.22 15.22 -12.45
C ASP B 241 -34.12 14.34 -11.85
N LEU B 242 -34.48 13.16 -11.35
CA LEU B 242 -33.53 12.28 -10.67
C LEU B 242 -32.88 11.28 -11.61
N HIS B 243 -33.23 11.30 -12.90
CA HIS B 243 -32.52 10.43 -13.84
C HIS B 243 -31.07 10.82 -13.93
N ARG B 244 -30.78 12.13 -13.87
CA ARG B 244 -29.38 12.64 -13.90
C ARG B 244 -29.21 13.73 -12.84
N ILE B 245 -28.29 13.55 -11.88
CA ILE B 245 -28.07 14.49 -10.81
C ILE B 245 -26.65 15.01 -10.98
N GLU B 246 -26.52 16.27 -11.36
CA GLU B 246 -25.22 16.91 -11.51
C GLU B 246 -25.00 17.80 -10.30
N ILE B 247 -24.00 17.48 -9.50
CA ILE B 247 -23.70 18.20 -8.27
C ILE B 247 -22.32 18.82 -8.40
N PRO B 248 -22.25 20.12 -8.73
CA PRO B 248 -20.95 20.79 -8.72
C PRO B 248 -20.49 21.05 -7.30
N PHE B 249 -19.18 21.10 -7.14
CA PHE B 249 -18.61 21.42 -5.84
C PHE B 249 -17.34 22.25 -6.04
N LYS B 250 -17.10 23.14 -5.10
CA LYS B 250 -15.88 23.94 -5.05
C LYS B 250 -15.50 24.03 -3.58
N PHE B 251 -14.60 23.15 -3.13
CA PHE B 251 -14.22 23.09 -1.73
C PHE B 251 -13.03 23.99 -1.45
N HIS B 252 -13.19 24.90 -0.50
N HIS B 252 -13.19 24.89 -0.49
CA HIS B 252 -12.05 25.62 0.06
CA HIS B 252 -12.06 25.62 0.07
C HIS B 252 -11.41 24.75 1.14
C HIS B 252 -11.42 24.74 1.14
N MET B 253 -10.18 24.33 0.90
CA MET B 253 -9.54 23.40 1.82
C MET B 253 -9.15 24.09 3.11
N LEU B 254 -9.46 23.44 4.23
CA LEU B 254 -9.11 23.95 5.55
C LEU B 254 -7.86 23.30 6.14
N HIS B 255 -7.43 22.17 5.60
CA HIS B 255 -6.26 21.46 6.09
C HIS B 255 -5.46 20.93 4.91
N SER B 256 -4.15 20.92 5.07
CA SER B 256 -3.30 20.28 4.07
C SER B 256 -3.32 18.77 4.26
N GLY B 257 -2.93 18.06 3.22
CA GLY B 257 -2.90 16.61 3.27
C GLY B 257 -3.48 15.94 2.05
N LEU B 258 -3.39 14.61 2.00
CA LEU B 258 -3.89 13.84 0.87
C LEU B 258 -5.42 13.76 0.95
N VAL B 259 -6.09 14.23 -0.10
CA VAL B 259 -7.54 14.08 -0.23
C VAL B 259 -7.80 12.70 -0.85
N HIS B 260 -8.30 11.77 -0.04
CA HIS B 260 -8.52 10.40 -0.49
C HIS B 260 -9.88 10.18 -1.13
N GLY B 261 -10.78 11.16 -1.07
CA GLY B 261 -12.06 11.03 -1.72
C GLY B 261 -13.09 11.96 -1.10
N LEU B 262 -14.35 11.69 -1.43
CA LEU B 262 -15.49 12.47 -0.95
C LEU B 262 -16.33 11.65 0.01
N ALA B 263 -16.72 12.25 1.12
CA ALA B 263 -17.61 11.63 2.09
C ALA B 263 -19.02 12.17 1.92
N PHE B 264 -20.01 11.27 1.89
CA PHE B 264 -21.40 11.62 1.64
C PHE B 264 -22.27 11.25 2.84
N TRP B 265 -23.17 12.17 3.19
CA TRP B 265 -24.26 11.88 4.10
C TRP B 265 -25.42 12.77 3.70
N PHE B 266 -26.58 12.53 4.32
CA PHE B 266 -27.76 13.29 3.93
C PHE B 266 -28.61 13.63 5.13
N ASP B 267 -29.37 14.72 4.98
CA ASP B 267 -30.43 15.10 5.89
C ASP B 267 -31.74 15.17 5.12
N VAL B 268 -32.84 14.87 5.81
CA VAL B 268 -34.17 15.11 5.28
C VAL B 268 -34.95 15.89 6.32
N ALA B 269 -35.89 16.70 5.84
CA ALA B 269 -36.64 17.61 6.70
C ALA B 269 -38.13 17.37 6.50
N PHE B 270 -38.85 17.27 7.61
CA PHE B 270 -40.30 17.15 7.60
C PHE B 270 -40.86 18.54 7.90
N ILE B 271 -41.20 19.27 6.84
CA ILE B 271 -41.65 20.65 6.95
C ILE B 271 -43.17 20.60 7.13
N GLY B 272 -43.62 20.63 8.39
CA GLY B 272 -45.03 20.57 8.70
C GLY B 272 -45.63 21.94 8.97
N SER B 273 -46.90 21.91 9.37
CA SER B 273 -47.63 23.14 9.70
C SER B 273 -47.24 23.70 11.06
N ILE B 274 -46.70 22.86 11.95
CA ILE B 274 -46.43 23.24 13.33
C ILE B 274 -44.94 23.46 13.57
N MET B 275 -44.12 22.51 13.13
CA MET B 275 -42.68 22.67 13.24
C MET B 275 -42.01 21.77 12.20
N THR B 276 -40.80 22.15 11.84
CA THR B 276 -39.95 21.34 10.98
C THR B 276 -39.07 20.45 11.86
N VAL B 277 -39.02 19.16 11.54
CA VAL B 277 -38.24 18.19 12.28
C VAL B 277 -37.27 17.53 11.32
N TRP B 278 -35.99 17.50 11.70
CA TRP B 278 -34.94 17.00 10.83
C TRP B 278 -34.53 15.59 11.21
N LEU B 279 -34.22 14.78 10.21
CA LEU B 279 -33.58 13.48 10.39
C LEU B 279 -32.25 13.54 9.65
N SER B 280 -31.16 13.35 10.39
CA SER B 280 -29.81 13.55 9.88
C SER B 280 -28.99 12.29 10.05
N THR B 281 -28.33 11.87 8.97
CA THR B 281 -27.34 10.80 9.00
C THR B 281 -25.92 11.32 9.06
N ALA B 282 -25.73 12.53 9.59
CA ALA B 282 -24.42 13.17 9.57
C ALA B 282 -23.44 12.43 10.48
N PRO B 283 -22.13 12.51 10.18
CA PRO B 283 -21.15 11.80 11.02
C PRO B 283 -21.05 12.33 12.45
N THR B 284 -21.55 13.52 12.74
CA THR B 284 -21.59 13.99 14.12
C THR B 284 -22.86 13.56 14.87
N GLU B 285 -23.86 13.04 14.15
CA GLU B 285 -25.13 12.66 14.73
C GLU B 285 -25.14 11.17 15.07
N PRO B 286 -26.06 10.75 15.95
CA PRO B 286 -26.14 9.32 16.30
C PRO B 286 -26.24 8.43 15.07
N LEU B 287 -25.52 7.31 15.10
CA LEU B 287 -25.45 6.42 13.95
C LEU B 287 -26.81 5.84 13.61
N THR B 288 -27.08 5.72 12.30
CA THR B 288 -28.31 5.15 11.77
C THR B 288 -27.94 4.05 10.79
N HIS B 289 -28.94 3.26 10.38
CA HIS B 289 -28.64 2.16 9.47
C HIS B 289 -28.23 2.63 8.08
N TRP B 290 -28.28 3.94 7.81
CA TRP B 290 -27.74 4.50 6.57
C TRP B 290 -26.24 4.75 6.63
N TYR B 291 -25.67 4.88 7.84
CA TYR B 291 -24.23 5.12 8.03
C TYR B 291 -23.86 6.39 7.26
N GLN B 292 -22.66 6.43 6.67
CA GLN B 292 -22.29 7.43 5.70
C GLN B 292 -21.60 6.71 4.55
N VAL B 293 -21.41 7.41 3.44
CA VAL B 293 -20.81 6.85 2.24
C VAL B 293 -19.58 7.66 1.86
N ARG B 294 -18.47 6.96 1.60
CA ARG B 294 -17.23 7.59 1.16
C ARG B 294 -16.82 6.98 -0.17
N CYS B 295 -16.52 7.84 -1.14
CA CYS B 295 -16.08 7.43 -2.47
C CYS B 295 -14.59 7.71 -2.61
N LEU B 296 -13.81 6.65 -2.81
CA LEU B 296 -12.36 6.78 -2.85
C LEU B 296 -11.85 7.19 -4.22
N PHE B 297 -10.75 7.93 -4.22
CA PHE B 297 -9.99 8.21 -5.43
C PHE B 297 -8.98 7.09 -5.65
N GLN B 298 -8.89 6.60 -6.89
CA GLN B 298 -7.88 5.61 -7.21
C GLN B 298 -6.49 6.12 -6.85
N SER B 299 -6.20 7.38 -7.18
CA SER B 299 -5.01 8.07 -6.71
C SER B 299 -5.44 9.32 -5.99
N PRO B 300 -5.10 9.49 -4.71
CA PRO B 300 -5.54 10.68 -3.97
C PRO B 300 -4.91 11.95 -4.55
N LEU B 301 -5.49 13.08 -4.18
CA LEU B 301 -4.99 14.38 -4.57
C LEU B 301 -4.44 15.11 -3.36
N PHE B 302 -3.29 15.74 -3.53
CA PHE B 302 -2.69 16.56 -2.48
C PHE B 302 -3.21 17.98 -2.58
N ALA B 303 -3.64 18.53 -1.45
CA ALA B 303 -4.15 19.88 -1.38
C ALA B 303 -3.57 20.58 -0.16
N LYS B 304 -3.23 21.85 -0.33
CA LYS B 304 -2.77 22.66 0.78
C LYS B 304 -3.94 23.39 1.43
N ALA B 305 -3.79 23.71 2.71
CA ALA B 305 -4.79 24.48 3.42
C ALA B 305 -4.99 25.82 2.72
N GLY B 306 -6.22 26.06 2.26
CA GLY B 306 -6.53 27.26 1.52
C GLY B 306 -6.66 27.06 0.02
N ASP B 307 -6.21 25.93 -0.51
CA ASP B 307 -6.42 25.62 -1.91
C ASP B 307 -7.91 25.38 -2.17
N THR B 308 -8.27 25.38 -3.45
CA THR B 308 -9.63 25.11 -3.87
C THR B 308 -9.67 23.79 -4.62
N LEU B 309 -10.61 22.92 -4.24
CA LEU B 309 -10.80 21.63 -4.88
C LEU B 309 -12.18 21.64 -5.55
N SER B 310 -12.19 21.86 -6.86
CA SER B 310 -13.43 21.91 -7.62
C SER B 310 -13.59 20.66 -8.45
N GLY B 311 -14.82 20.45 -8.91
CA GLY B 311 -15.13 19.31 -9.74
C GLY B 311 -16.63 19.14 -9.84
N THR B 312 -17.03 17.92 -10.20
CA THR B 312 -18.45 17.64 -10.34
C THR B 312 -18.69 16.18 -9.96
N CYS B 313 -19.76 15.97 -9.19
CA CYS B 313 -20.23 14.62 -8.87
C CYS B 313 -21.52 14.39 -9.65
N LEU B 314 -21.48 13.43 -10.56
CA LEU B 314 -22.59 13.17 -11.47
C LEU B 314 -23.17 11.80 -11.18
N LEU B 315 -24.51 11.75 -11.08
CA LEU B 315 -25.24 10.52 -10.80
C LEU B 315 -26.17 10.25 -11.97
N ILE B 316 -25.92 9.16 -12.68
CA ILE B 316 -26.77 8.73 -13.79
C ILE B 316 -27.51 7.47 -13.36
N ALA B 317 -28.84 7.51 -13.44
CA ALA B 317 -29.65 6.39 -13.00
C ALA B 317 -29.52 5.21 -13.95
N ASN B 318 -29.42 4.02 -13.38
CA ASN B 318 -29.32 2.79 -14.16
C ASN B 318 -30.54 1.92 -13.89
N LYS B 319 -30.64 0.85 -14.67
CA LYS B 319 -31.78 -0.07 -14.58
C LYS B 319 -31.74 -0.95 -13.35
N ARG B 320 -30.60 -1.04 -12.67
CA ARG B 320 -30.47 -1.81 -11.44
C ARG B 320 -30.96 -1.06 -10.21
N GLN B 321 -31.85 -0.08 -10.38
CA GLN B 321 -32.40 0.70 -9.27
C GLN B 321 -31.30 1.33 -8.44
N SER B 322 -30.32 1.91 -9.14
CA SER B 322 -29.22 2.58 -8.47
C SER B 322 -28.61 3.58 -9.44
N TYR B 323 -27.39 4.00 -9.17
CA TYR B 323 -26.77 5.09 -9.92
C TYR B 323 -25.33 4.73 -10.29
N ASP B 324 -24.93 5.15 -11.48
CA ASP B 324 -23.53 5.16 -11.87
C ASP B 324 -22.95 6.51 -11.46
N ILE B 325 -22.05 6.49 -10.48
CA ILE B 325 -21.48 7.71 -9.93
C ILE B 325 -20.23 8.06 -10.73
N SER B 326 -20.10 9.34 -11.09
CA SER B 326 -18.90 9.84 -11.75
C SER B 326 -18.41 11.05 -10.97
N ILE B 327 -17.22 10.96 -10.42
CA ILE B 327 -16.63 12.04 -9.63
C ILE B 327 -15.32 12.45 -10.30
N VAL B 328 -15.23 13.71 -10.72
CA VAL B 328 -13.98 14.31 -11.14
C VAL B 328 -13.62 15.39 -10.13
N ALA B 329 -12.41 15.31 -9.59
CA ALA B 329 -11.93 16.26 -8.60
C ALA B 329 -10.60 16.83 -9.08
N GLN B 330 -10.41 18.12 -8.83
CA GLN B 330 -9.26 18.84 -9.39
C GLN B 330 -8.78 19.87 -8.39
N VAL B 331 -7.54 19.73 -7.93
CA VAL B 331 -6.91 20.80 -7.17
C VAL B 331 -6.59 21.91 -8.15
N ASP B 332 -7.28 23.05 -8.03
CA ASP B 332 -7.14 24.12 -9.01
C ASP B 332 -5.73 24.69 -8.99
N GLN B 333 -5.12 24.78 -7.82
CA GLN B 333 -3.80 25.39 -7.70
C GLN B 333 -2.71 24.60 -8.42
N THR B 334 -2.93 23.29 -8.64
CA THR B 334 -1.92 22.46 -9.29
C THR B 334 -2.42 21.75 -10.54
N GLY B 335 -3.73 21.75 -10.79
CA GLY B 335 -4.25 20.99 -11.90
C GLY B 335 -4.25 19.50 -11.67
N SER B 336 -4.10 19.05 -10.43
CA SER B 336 -4.13 17.64 -10.10
C SER B 336 -5.56 17.13 -10.19
N LYS B 337 -5.86 16.35 -11.22
CA LYS B 337 -7.20 15.87 -11.52
C LYS B 337 -7.35 14.41 -11.09
N SER B 338 -8.59 14.00 -10.86
CA SER B 338 -8.87 12.61 -10.47
C SER B 338 -10.25 12.25 -11.00
N SER B 339 -10.30 11.35 -11.98
CA SER B 339 -11.55 10.89 -12.58
C SER B 339 -11.92 9.54 -12.00
N ASN B 340 -13.16 9.43 -11.51
CA ASN B 340 -13.59 8.22 -10.83
C ASN B 340 -14.98 7.80 -11.26
N LEU B 341 -15.15 6.49 -11.45
CA LEU B 341 -16.43 5.87 -11.71
C LEU B 341 -16.74 4.91 -10.56
N LEU B 342 -17.96 5.00 -10.04
CA LEU B 342 -18.35 4.16 -8.91
C LEU B 342 -19.75 3.63 -9.15
N ASP B 343 -19.98 2.40 -8.69
N ASP B 343 -19.97 2.37 -8.75
CA ASP B 343 -21.25 1.69 -8.84
CA ASP B 343 -21.27 1.72 -8.87
C ASP B 343 -21.96 1.70 -7.49
C ASP B 343 -21.93 1.74 -7.49
N LEU B 344 -22.94 2.59 -7.34
CA LEU B 344 -23.63 2.72 -6.05
C LEU B 344 -24.29 1.42 -5.61
N LYS B 345 -24.72 0.58 -6.55
CA LYS B 345 -25.43 -0.66 -6.22
C LYS B 345 -24.51 -1.72 -5.63
N ASN B 346 -23.20 -1.57 -5.69
CA ASN B 346 -22.25 -2.58 -5.23
C ASN B 346 -21.29 -1.97 -4.22
N PRO B 347 -21.77 -1.62 -3.03
CA PRO B 347 -20.93 -0.96 -2.03
C PRO B 347 -20.19 -1.96 -1.15
N PHE B 348 -19.16 -1.46 -0.49
CA PHE B 348 -18.36 -2.24 0.45
C PHE B 348 -18.78 -1.85 1.86
N PHE B 349 -19.43 -2.77 2.57
CA PHE B 349 -19.90 -2.52 3.93
C PHE B 349 -18.75 -2.81 4.88
N ARG B 350 -18.08 -1.75 5.34
CA ARG B 350 -16.86 -1.87 6.14
C ARG B 350 -17.14 -1.98 7.63
N TYR B 351 -18.26 -1.43 8.10
CA TYR B 351 -18.49 -1.28 9.53
C TYR B 351 -18.41 -2.63 10.25
N THR B 352 -17.72 -2.64 11.38
CA THR B 352 -17.60 -3.83 12.22
C THR B 352 -18.01 -3.50 13.65
N VAL C 11 32.49 22.22 -23.84
CA VAL C 11 32.68 23.15 -22.75
C VAL C 11 32.55 22.41 -21.42
N PHE C 12 31.65 21.43 -21.36
CA PHE C 12 31.44 20.66 -20.13
C PHE C 12 32.64 19.77 -19.80
N SER C 13 33.08 18.98 -20.78
CA SER C 13 34.16 18.03 -20.53
C SER C 13 35.44 18.71 -20.07
N GLU C 14 35.71 19.91 -20.57
CA GLU C 14 36.96 20.60 -20.25
C GLU C 14 36.97 21.16 -18.83
N ARG C 15 35.80 21.50 -18.27
CA ARG C 15 35.71 22.10 -16.96
C ARG C 15 35.24 21.13 -15.89
N THR C 16 35.15 19.84 -16.20
CA THR C 16 34.62 18.87 -15.25
C THR C 16 35.42 17.58 -15.33
N GLU C 17 35.87 17.11 -14.16
CA GLU C 17 36.51 15.80 -14.07
C GLU C 17 35.51 14.69 -14.36
N GLU C 18 36.01 13.55 -14.82
CA GLU C 18 35.12 12.49 -15.26
C GLU C 18 34.48 11.78 -14.07
N SER C 19 35.26 11.45 -13.05
CA SER C 19 34.70 10.83 -11.86
C SER C 19 33.61 11.69 -11.24
N SER C 20 33.70 13.01 -11.42
CA SER C 20 32.64 13.90 -10.96
C SER C 20 31.39 13.75 -11.81
N ALA C 21 31.55 13.81 -13.13
CA ALA C 21 30.41 13.71 -14.04
C ALA C 21 29.67 12.38 -13.87
N VAL C 22 30.42 11.28 -13.77
CA VAL C 22 29.80 9.97 -13.60
C VAL C 22 28.94 9.95 -12.34
N GLN C 23 29.56 10.26 -11.19
CA GLN C 23 28.82 10.25 -9.93
C GLN C 23 27.66 11.24 -9.94
N TYR C 24 27.84 12.39 -10.60
CA TYR C 24 26.80 13.41 -10.67
C TYR C 24 25.56 12.89 -11.40
N PHE C 25 25.72 12.55 -12.68
CA PHE C 25 24.58 12.13 -13.49
C PHE C 25 24.04 10.76 -13.08
N GLN C 26 24.87 9.93 -12.44
CA GLN C 26 24.37 8.70 -11.84
C GLN C 26 23.32 8.99 -10.77
N PHE C 27 23.61 9.97 -9.91
CA PHE C 27 22.66 10.39 -8.88
C PHE C 27 21.30 10.73 -9.49
N TYR C 28 21.28 11.57 -10.52
CA TYR C 28 20.05 12.01 -11.16
C TYR C 28 19.42 10.95 -12.05
N GLY C 29 20.06 9.80 -12.25
CA GLY C 29 19.43 8.72 -12.98
C GLY C 29 18.41 7.93 -12.19
N TYR C 30 18.17 8.30 -10.94
CA TYR C 30 17.23 7.61 -10.08
C TYR C 30 15.92 8.37 -10.05
N LEU C 31 14.81 7.65 -10.25
CA LEU C 31 13.49 8.24 -10.08
C LEU C 31 13.25 8.70 -8.65
N SER C 32 13.93 8.06 -7.68
CA SER C 32 13.75 8.46 -6.29
C SER C 32 14.27 9.87 -6.05
N GLN C 33 15.29 10.30 -6.80
CA GLN C 33 15.78 11.67 -6.66
C GLN C 33 14.88 12.67 -7.37
N GLN C 34 14.39 12.30 -8.56
CA GLN C 34 13.33 13.07 -9.20
C GLN C 34 12.15 13.28 -8.25
N GLN C 35 11.63 12.17 -7.72
CA GLN C 35 10.50 12.22 -6.80
C GLN C 35 10.75 13.19 -5.65
N ASN C 36 11.95 13.17 -5.08
CA ASN C 36 12.27 14.08 -3.99
C ASN C 36 12.21 15.53 -4.43
N MET C 37 12.61 15.82 -5.68
CA MET C 37 12.51 17.19 -6.19
C MET C 37 11.07 17.53 -6.55
N MET C 38 10.31 16.58 -7.10
CA MET C 38 8.95 16.85 -7.52
C MET C 38 8.02 17.05 -6.33
N GLN C 39 8.25 16.32 -5.23
CA GLN C 39 7.40 16.47 -4.04
C GLN C 39 7.68 17.75 -3.27
N ASP C 40 8.78 18.44 -3.54
CA ASP C 40 8.99 19.77 -3.00
C ASP C 40 7.88 20.67 -3.53
N TYR C 41 6.86 20.90 -2.72
CA TYR C 41 5.70 21.66 -3.18
C TYR C 41 6.09 23.09 -3.55
N VAL C 42 6.98 23.70 -2.77
CA VAL C 42 7.39 25.08 -3.04
C VAL C 42 8.10 25.15 -4.40
N ARG C 43 9.04 24.23 -4.64
CA ARG C 43 9.76 24.23 -5.91
C ARG C 43 8.82 23.92 -7.07
N THR C 44 8.20 22.74 -7.05
CA THR C 44 7.39 22.31 -8.20
C THR C 44 6.18 23.22 -8.40
N GLY C 45 5.58 23.69 -7.31
CA GLY C 45 4.42 24.56 -7.44
C GLY C 45 4.77 25.91 -8.04
N THR C 46 5.84 26.55 -7.54
CA THR C 46 6.20 27.87 -8.03
C THR C 46 6.58 27.83 -9.51
N TYR C 47 7.31 26.79 -9.92
CA TYR C 47 7.66 26.65 -11.32
C TYR C 47 6.40 26.52 -12.19
N GLN C 48 5.38 25.83 -11.67
CA GLN C 48 4.12 25.71 -12.41
C GLN C 48 3.39 27.05 -12.47
N ARG C 49 3.27 27.74 -11.32
CA ARG C 49 2.68 29.07 -11.33
C ARG C 49 3.41 29.99 -12.30
N ALA C 50 4.74 29.97 -12.27
CA ALA C 50 5.52 30.85 -13.14
C ALA C 50 5.21 30.60 -14.61
N ILE C 51 5.32 29.35 -15.06
CA ILE C 51 5.14 29.05 -16.48
C ILE C 51 3.68 29.27 -16.89
N LEU C 52 2.74 28.78 -16.09
CA LEU C 52 1.31 28.85 -16.51
C LEU C 52 0.78 30.28 -16.45
N GLN C 53 1.06 31.01 -15.36
CA GLN C 53 0.54 32.37 -15.24
C GLN C 53 1.17 33.32 -16.27
N ASN C 54 2.32 32.96 -16.83
CA ASN C 54 2.92 33.71 -17.94
C ASN C 54 2.72 32.93 -19.24
N HIS C 55 1.46 32.61 -19.54
CA HIS C 55 1.16 31.76 -20.69
C HIS C 55 1.55 32.43 -22.01
N THR C 56 1.43 33.76 -22.09
CA THR C 56 1.81 34.45 -23.31
C THR C 56 3.31 34.31 -23.60
N ASP C 57 4.11 34.07 -22.56
CA ASP C 57 5.53 33.81 -22.75
C ASP C 57 5.80 32.43 -23.33
N PHE C 58 4.80 31.56 -23.39
CA PHE C 58 4.99 30.20 -23.87
C PHE C 58 4.02 29.86 -24.99
N LYS C 59 2.84 30.48 -24.98
CA LYS C 59 1.79 30.18 -25.96
C LYS C 59 2.34 30.24 -27.38
N ASP C 60 2.42 29.07 -28.02
CA ASP C 60 2.89 28.94 -29.40
C ASP C 60 4.33 29.39 -29.57
N LYS C 61 5.12 29.32 -28.50
CA LYS C 61 6.54 29.63 -28.53
C LYS C 61 7.36 28.35 -28.62
N ILE C 62 8.67 28.53 -28.81
CA ILE C 62 9.62 27.42 -28.84
C ILE C 62 10.45 27.46 -27.57
N VAL C 63 10.53 26.32 -26.90
CA VAL C 63 11.06 26.24 -25.55
C VAL C 63 12.20 25.24 -25.51
N LEU C 64 13.19 25.53 -24.68
CA LEU C 64 14.27 24.61 -24.35
C LEU C 64 14.21 24.32 -22.85
N ASP C 65 14.28 23.06 -22.49
CA ASP C 65 14.34 22.64 -21.10
C ASP C 65 15.71 22.02 -20.85
N VAL C 66 16.56 22.77 -20.15
CA VAL C 66 17.91 22.31 -19.84
C VAL C 66 17.86 21.49 -18.55
N GLY C 67 18.35 20.25 -18.63
CA GLY C 67 18.33 19.36 -17.48
C GLY C 67 16.92 19.01 -17.05
N CYS C 68 16.11 18.55 -18.02
CA CYS C 68 14.68 18.35 -17.78
C CYS C 68 14.40 17.29 -16.73
N GLY C 69 15.34 16.40 -16.47
CA GLY C 69 15.09 15.32 -15.52
C GLY C 69 13.90 14.50 -15.98
N SER C 70 12.88 14.40 -15.12
CA SER C 70 11.65 13.72 -15.51
C SER C 70 10.92 14.42 -16.65
N GLY C 71 11.21 15.71 -16.86
CA GLY C 71 10.51 16.49 -17.86
C GLY C 71 9.32 17.26 -17.35
N ILE C 72 9.15 17.35 -16.02
CA ILE C 72 7.97 17.98 -15.44
C ILE C 72 7.86 19.45 -15.85
N LEU C 73 8.99 20.10 -16.13
CA LEU C 73 8.95 21.49 -16.58
C LEU C 73 8.43 21.59 -18.01
N SER C 74 8.79 20.63 -18.86
CA SER C 74 8.31 20.65 -20.24
C SER C 74 6.80 20.47 -20.30
N PHE C 75 6.26 19.55 -19.49
CA PHE C 75 4.80 19.39 -19.42
C PHE C 75 4.12 20.68 -18.97
N PHE C 76 4.79 21.46 -18.11
CA PHE C 76 4.26 22.77 -17.73
C PHE C 76 4.31 23.75 -18.91
N ALA C 77 5.41 23.76 -19.66
CA ALA C 77 5.48 24.59 -20.85
C ALA C 77 4.51 24.11 -21.92
N ALA C 78 4.26 22.79 -21.99
CA ALA C 78 3.23 22.28 -22.89
C ALA C 78 1.83 22.66 -22.41
N GLN C 79 1.63 22.67 -21.09
CA GLN C 79 0.36 23.14 -20.54
C GLN C 79 0.15 24.62 -20.84
N ALA C 80 1.23 25.40 -20.81
CA ALA C 80 1.14 26.83 -21.12
C ALA C 80 0.87 27.09 -22.60
N GLY C 81 1.06 26.10 -23.46
CA GLY C 81 0.74 26.22 -24.86
C GLY C 81 1.90 26.40 -25.80
N ALA C 82 3.04 25.77 -25.54
CA ALA C 82 4.20 25.92 -26.41
C ALA C 82 4.11 25.00 -27.62
N ARG C 83 4.53 25.51 -28.77
CA ARG C 83 4.50 24.72 -30.00
C ARG C 83 5.44 23.53 -29.91
N LYS C 84 6.72 23.79 -29.64
CA LYS C 84 7.72 22.74 -29.55
C LYS C 84 8.58 23.01 -28.33
N ILE C 85 8.86 21.96 -27.56
CA ILE C 85 9.72 22.05 -26.39
C ILE C 85 10.84 21.03 -26.55
N TYR C 86 12.08 21.50 -26.54
CA TYR C 86 13.25 20.64 -26.62
C TYR C 86 13.75 20.39 -25.20
N ALA C 87 13.64 19.14 -24.75
CA ALA C 87 14.03 18.74 -23.41
C ALA C 87 15.39 18.06 -23.46
N VAL C 88 16.38 18.66 -22.81
CA VAL C 88 17.75 18.16 -22.80
C VAL C 88 18.07 17.62 -21.42
N GLU C 89 18.52 16.36 -21.36
CA GLU C 89 18.84 15.71 -20.09
C GLU C 89 20.00 14.76 -20.32
N ALA C 90 21.07 14.91 -19.54
CA ALA C 90 22.27 14.11 -19.74
C ALA C 90 22.22 12.76 -19.04
N SER C 91 21.49 12.65 -17.93
CA SER C 91 21.45 11.39 -17.21
C SER C 91 20.49 10.42 -17.90
N THR C 92 20.48 9.18 -17.39
CA THR C 92 19.55 8.17 -17.89
C THR C 92 18.10 8.52 -17.61
N MET C 93 17.86 9.54 -16.79
CA MET C 93 16.51 10.05 -16.58
C MET C 93 15.87 10.51 -17.88
N ALA C 94 16.67 10.79 -18.92
CA ALA C 94 16.12 11.15 -20.22
C ALA C 94 15.24 10.03 -20.78
N GLN C 95 15.58 8.77 -20.50
CA GLN C 95 14.79 7.66 -21.02
C GLN C 95 13.39 7.64 -20.42
N HIS C 96 13.28 7.94 -19.12
CA HIS C 96 11.97 8.00 -18.47
C HIS C 96 11.16 9.20 -18.96
N ALA C 97 11.84 10.30 -19.32
CA ALA C 97 11.13 11.45 -19.86
C ALA C 97 10.45 11.10 -21.18
N GLU C 98 11.19 10.42 -22.06
CA GLU C 98 10.60 9.91 -23.30
C GLU C 98 9.31 9.15 -23.02
N VAL C 99 9.34 8.26 -22.03
CA VAL C 99 8.17 7.45 -21.70
C VAL C 99 7.00 8.35 -21.29
N LEU C 100 7.27 9.32 -20.42
CA LEU C 100 6.21 10.24 -19.99
C LEU C 100 5.67 11.07 -21.16
N VAL C 101 6.52 11.43 -22.12
CA VAL C 101 6.07 12.18 -23.28
C VAL C 101 5.17 11.31 -24.16
N LYS C 102 5.54 10.04 -24.34
CA LYS C 102 4.71 9.12 -25.12
C LYS C 102 3.36 8.89 -24.45
N SER C 103 3.39 8.57 -23.15
CA SER C 103 2.17 8.23 -22.43
C SER C 103 1.23 9.42 -22.31
N ASN C 104 1.77 10.63 -22.24
CA ASN C 104 0.97 11.84 -22.18
C ASN C 104 0.62 12.38 -23.56
N ASN C 105 0.84 11.59 -24.62
CA ASN C 105 0.50 11.96 -25.99
C ASN C 105 1.04 13.34 -26.35
N LEU C 106 2.35 13.52 -26.15
CA LEU C 106 3.00 14.80 -26.41
C LEU C 106 4.26 14.63 -27.25
N THR C 107 4.35 13.55 -28.04
CA THR C 107 5.50 13.34 -28.90
C THR C 107 5.62 14.43 -29.96
N ASP C 108 4.50 15.03 -30.35
CA ASP C 108 4.50 16.10 -31.35
C ASP C 108 4.93 17.44 -30.78
N ARG C 109 4.94 17.60 -29.46
CA ARG C 109 5.25 18.88 -28.82
C ARG C 109 6.55 18.88 -28.04
N ILE C 110 6.89 17.77 -27.38
CA ILE C 110 8.12 17.64 -26.62
C ILE C 110 8.98 16.56 -27.28
N VAL C 111 10.24 16.88 -27.54
CA VAL C 111 11.23 15.91 -28.00
C VAL C 111 12.35 15.88 -26.98
N VAL C 112 12.63 14.69 -26.45
CA VAL C 112 13.67 14.51 -25.44
C VAL C 112 15.00 14.27 -26.15
N ILE C 113 15.98 15.10 -25.84
CA ILE C 113 17.33 14.95 -26.40
C ILE C 113 18.25 14.47 -25.29
N PRO C 114 18.61 13.19 -25.25
CA PRO C 114 19.52 12.71 -24.20
C PRO C 114 20.93 13.22 -24.43
N GLY C 115 21.51 13.80 -23.38
CA GLY C 115 22.87 14.32 -23.48
C GLY C 115 23.05 15.63 -22.76
N LYS C 116 24.30 16.10 -22.69
CA LYS C 116 24.61 17.35 -22.03
C LYS C 116 24.32 18.52 -22.97
N VAL C 117 23.71 19.57 -22.43
CA VAL C 117 23.29 20.71 -23.24
C VAL C 117 24.47 21.32 -23.99
N GLU C 118 25.67 21.19 -23.43
CA GLU C 118 26.87 21.67 -24.11
C GLU C 118 27.30 20.78 -25.26
N GLU C 119 26.71 19.58 -25.40
CA GLU C 119 27.13 18.62 -26.40
C GLU C 119 26.05 18.21 -27.38
N VAL C 120 24.80 18.63 -27.17
CA VAL C 120 23.71 18.22 -28.05
C VAL C 120 23.56 19.20 -29.21
N SER C 121 22.64 18.89 -30.12
CA SER C 121 22.37 19.70 -31.30
C SER C 121 20.89 20.04 -31.33
N LEU C 122 20.58 21.33 -31.48
CA LEU C 122 19.19 21.78 -31.49
C LEU C 122 18.81 22.19 -32.91
N PRO C 123 17.75 21.60 -33.47
CA PRO C 123 17.39 21.91 -34.86
C PRO C 123 17.11 23.38 -35.12
N GLU C 124 16.75 24.15 -34.09
CA GLU C 124 16.39 25.54 -34.32
C GLU C 124 16.60 26.34 -33.03
N GLN C 125 16.51 27.66 -33.16
CA GLN C 125 16.62 28.55 -32.02
C GLN C 125 15.30 28.59 -31.24
N VAL C 126 15.38 29.07 -30.01
CA VAL C 126 14.25 29.03 -29.10
C VAL C 126 13.87 30.44 -28.66
N ASP C 127 12.65 30.57 -28.16
CA ASP C 127 12.13 31.84 -27.67
C ASP C 127 12.26 32.01 -26.16
N ILE C 128 12.40 30.92 -25.42
CA ILE C 128 12.53 30.99 -23.97
C ILE C 128 13.17 29.70 -23.48
N ILE C 129 14.12 29.84 -22.56
CA ILE C 129 14.80 28.70 -21.95
C ILE C 129 14.30 28.55 -20.52
N ILE C 130 13.84 27.35 -20.19
CA ILE C 130 13.42 27.02 -18.83
C ILE C 130 14.37 25.97 -18.27
N SER C 131 14.60 26.04 -16.96
CA SER C 131 15.49 25.10 -16.29
C SER C 131 15.38 25.30 -14.78
N GLU C 132 15.87 24.29 -14.05
CA GLU C 132 16.05 24.37 -12.59
C GLU C 132 17.49 24.06 -12.27
N PRO C 133 18.40 25.00 -12.51
CA PRO C 133 19.84 24.74 -12.32
C PRO C 133 20.39 25.05 -10.94
N MET C 134 19.56 25.43 -9.97
CA MET C 134 20.06 25.84 -8.66
C MET C 134 20.47 24.62 -7.85
N GLY C 135 21.77 24.51 -7.56
CA GLY C 135 22.23 23.66 -6.48
C GLY C 135 22.07 24.37 -5.15
N TYR C 136 22.43 23.69 -4.06
CA TYR C 136 22.36 24.35 -2.77
C TYR C 136 23.37 25.51 -2.73
N MET C 137 23.03 26.54 -1.97
CA MET C 137 23.69 27.85 -2.03
C MET C 137 23.78 28.33 -3.48
N LEU C 138 22.75 28.00 -4.27
CA LEU C 138 22.59 28.46 -5.65
C LEU C 138 23.62 27.87 -6.61
N PHE C 139 24.91 27.99 -6.28
CA PHE C 139 25.96 27.79 -7.27
C PHE C 139 26.46 26.36 -7.38
N ASN C 140 26.21 25.50 -6.39
CA ASN C 140 26.68 24.12 -6.44
C ASN C 140 26.19 23.41 -7.70
N GLU C 141 26.91 22.35 -8.11
CA GLU C 141 26.67 21.58 -9.33
C GLU C 141 27.19 22.33 -10.55
N ARG C 142 27.41 23.63 -10.42
CA ARG C 142 27.84 24.47 -11.53
C ARG C 142 26.92 24.32 -12.73
N MET C 143 25.62 24.19 -12.45
CA MET C 143 24.66 24.03 -13.54
C MET C 143 24.25 25.36 -14.13
N LEU C 144 24.34 26.45 -13.36
CA LEU C 144 24.08 27.78 -13.91
C LEU C 144 24.91 28.05 -15.14
N GLU C 145 26.14 27.51 -15.18
CA GLU C 145 26.98 27.66 -16.36
C GLU C 145 26.39 26.94 -17.56
N SER C 146 25.89 25.71 -17.36
CA SER C 146 25.18 25.02 -18.42
C SER C 146 23.90 25.75 -18.80
N TYR C 147 23.23 26.35 -17.81
CA TYR C 147 22.05 27.16 -18.08
C TYR C 147 22.38 28.34 -18.98
N LEU C 148 23.45 29.08 -18.65
CA LEU C 148 23.86 30.21 -19.47
C LEU C 148 24.44 29.76 -20.80
N HIS C 149 25.13 28.61 -20.83
CA HIS C 149 25.70 28.08 -22.06
C HIS C 149 24.63 27.82 -23.11
N ALA C 150 23.42 27.49 -22.68
CA ALA C 150 22.31 27.22 -23.60
C ALA C 150 21.83 28.46 -24.32
N LYS C 151 22.24 29.66 -23.88
CA LYS C 151 21.83 30.89 -24.53
C LYS C 151 22.35 31.01 -25.96
N LYS C 152 23.17 30.07 -26.42
CA LYS C 152 23.53 30.04 -27.84
C LYS C 152 22.34 29.67 -28.71
N TYR C 153 21.37 28.94 -28.15
CA TYR C 153 20.14 28.62 -28.86
C TYR C 153 19.05 29.65 -28.63
N LEU C 154 19.28 30.64 -27.77
CA LEU C 154 18.27 31.64 -27.46
C LEU C 154 18.26 32.74 -28.51
N LYS C 155 17.05 33.19 -28.87
CA LYS C 155 16.87 34.26 -29.83
C LYS C 155 17.14 35.61 -29.18
N PRO C 156 17.43 36.64 -29.98
CA PRO C 156 17.76 37.97 -29.41
C PRO C 156 16.78 38.45 -28.33
N SER C 157 15.48 38.34 -28.56
CA SER C 157 14.48 38.79 -27.60
C SER C 157 14.06 37.68 -26.64
N GLY C 158 14.86 36.63 -26.51
CA GLY C 158 14.46 35.49 -25.70
C GLY C 158 14.46 35.80 -24.22
N ASN C 159 13.70 35.00 -23.48
CA ASN C 159 13.61 35.10 -22.03
C ASN C 159 14.24 33.88 -21.37
N MET C 160 14.60 34.04 -20.11
CA MET C 160 15.15 32.97 -19.29
C MET C 160 14.21 32.78 -18.10
N PHE C 161 13.84 31.53 -17.84
CA PHE C 161 12.97 31.19 -16.70
C PHE C 161 13.68 30.14 -15.88
N PRO C 162 14.32 30.51 -14.75
CA PRO C 162 14.34 31.81 -14.06
C PRO C 162 15.19 32.87 -14.74
N THR C 163 14.76 34.13 -14.57
CA THR C 163 15.43 35.25 -15.21
C THR C 163 16.70 35.66 -14.44
N ILE C 164 16.59 35.77 -13.12
CA ILE C 164 17.71 36.19 -12.28
C ILE C 164 17.81 35.27 -11.08
N GLY C 165 18.98 35.31 -10.44
CA GLY C 165 19.18 34.60 -9.19
C GLY C 165 19.86 35.49 -8.16
N ASP C 166 19.26 35.64 -7.00
CA ASP C 166 19.82 36.44 -5.90
C ASP C 166 20.29 35.51 -4.80
N VAL C 167 21.54 35.66 -4.39
CA VAL C 167 22.09 34.92 -3.25
C VAL C 167 22.24 35.89 -2.09
N HIS C 168 21.83 35.45 -0.90
CA HIS C 168 21.77 36.29 0.28
C HIS C 168 22.78 35.82 1.32
N LEU C 169 23.57 36.77 1.82
CA LEU C 169 24.55 36.51 2.87
C LEU C 169 24.17 37.31 4.11
N ALA C 170 24.11 36.64 5.26
CA ALA C 170 23.87 37.34 6.51
C ALA C 170 24.67 36.68 7.61
N PRO C 171 25.24 37.46 8.54
CA PRO C 171 26.01 36.86 9.63
C PRO C 171 25.09 36.35 10.73
N PHE C 172 25.46 35.20 11.30
CA PHE C 172 24.63 34.52 12.28
C PHE C 172 25.44 34.22 13.54
N THR C 173 24.72 34.09 14.65
CA THR C 173 25.27 33.62 15.92
C THR C 173 24.66 32.27 16.24
N ASP C 174 25.51 31.30 16.59
CA ASP C 174 25.05 29.96 16.92
C ASP C 174 26.12 29.25 17.75
N GLU C 175 26.16 29.55 19.06
CA GLU C 175 27.20 28.99 19.91
C GLU C 175 27.25 27.46 19.84
N GLN C 176 26.08 26.82 19.75
CA GLN C 176 26.05 25.36 19.75
C GLN C 176 26.66 24.78 18.49
N LEU C 177 26.35 25.36 17.34
CA LEU C 177 26.93 24.88 16.09
C LEU C 177 28.45 24.98 16.13
N TYR C 178 28.99 26.10 16.60
CA TYR C 178 30.43 26.25 16.70
C TYR C 178 31.02 25.25 17.69
N MET C 179 30.46 25.20 18.90
CA MET C 179 30.97 24.27 19.91
C MET C 179 30.86 22.83 19.44
N GLU C 180 29.84 22.52 18.64
CA GLU C 180 29.64 21.17 18.12
C GLU C 180 30.88 20.63 17.40
N GLN C 181 31.64 21.51 16.74
CA GLN C 181 32.79 21.05 15.96
C GLN C 181 33.87 20.46 16.85
N PHE C 182 34.29 21.20 17.88
CA PHE C 182 35.31 20.68 18.78
C PHE C 182 34.79 19.49 19.57
N THR C 183 33.49 19.47 19.88
CA THR C 183 32.91 18.30 20.53
C THR C 183 33.12 17.05 19.69
N LYS C 184 32.90 17.14 18.37
CA LYS C 184 33.14 16.01 17.48
C LYS C 184 34.63 15.69 17.41
N ALA C 185 35.46 16.69 17.13
CA ALA C 185 36.90 16.46 17.00
C ALA C 185 37.55 16.01 18.29
N ASN C 186 36.99 16.37 19.44
CA ASN C 186 37.58 15.97 20.73
C ASN C 186 37.52 14.47 20.96
N PHE C 187 36.89 13.70 20.06
CA PHE C 187 37.09 12.26 20.07
C PHE C 187 38.58 11.91 20.00
N TRP C 188 39.31 12.62 19.14
CA TRP C 188 40.73 12.32 18.98
C TRP C 188 41.56 12.74 20.18
N TYR C 189 41.04 13.62 21.04
CA TYR C 189 41.83 14.15 22.15
C TYR C 189 41.68 13.24 23.39
N GLN C 190 42.29 12.06 23.30
CA GLN C 190 42.38 11.19 24.45
C GLN C 190 43.66 10.39 24.37
N PRO C 191 44.35 10.16 25.50
CA PRO C 191 45.68 9.56 25.45
C PRO C 191 45.68 8.05 25.31
N SER C 192 44.54 7.38 25.53
CA SER C 192 44.53 5.92 25.48
C SER C 192 43.17 5.46 24.94
N PHE C 193 42.98 5.61 23.64
CA PHE C 193 41.86 4.96 22.96
C PHE C 193 42.30 3.53 22.64
N HIS C 194 41.80 2.57 23.42
CA HIS C 194 42.22 1.18 23.32
C HIS C 194 43.74 1.07 23.38
N GLY C 195 44.35 1.87 24.26
CA GLY C 195 45.79 1.92 24.40
C GLY C 195 46.53 2.72 23.34
N VAL C 196 45.82 3.55 22.57
CA VAL C 196 46.43 4.37 21.53
C VAL C 196 46.17 5.82 21.83
N ASP C 197 47.22 6.63 21.78
CA ASP C 197 47.08 8.08 21.88
C ASP C 197 46.66 8.65 20.53
N LEU C 198 45.46 9.22 20.47
CA LEU C 198 44.94 9.79 19.23
C LEU C 198 45.08 11.31 19.17
N SER C 199 45.56 11.94 20.25
CA SER C 199 45.49 13.40 20.35
C SER C 199 46.21 14.11 19.20
N ALA C 200 47.20 13.47 18.59
CA ALA C 200 47.96 14.10 17.51
C ALA C 200 47.08 14.44 16.31
N LEU C 201 45.92 13.80 16.16
CA LEU C 201 45.05 14.03 15.02
C LEU C 201 43.93 15.02 15.30
N ARG C 202 43.81 15.52 16.53
CA ARG C 202 42.66 16.34 16.90
C ARG C 202 42.58 17.61 16.05
N GLY C 203 43.72 18.26 15.82
CA GLY C 203 43.72 19.46 15.01
C GLY C 203 43.30 19.22 13.57
N ALA C 204 43.74 18.10 13.00
CA ALA C 204 43.27 17.71 11.68
C ALA C 204 41.76 17.54 11.66
N ALA C 205 41.21 16.88 12.69
CA ALA C 205 39.77 16.69 12.76
C ALA C 205 39.03 18.03 12.87
N VAL C 206 39.56 18.95 13.68
CA VAL C 206 38.95 20.27 13.80
C VAL C 206 38.89 20.95 12.43
N ASP C 207 39.99 20.90 11.69
CA ASP C 207 40.03 21.54 10.38
C ASP C 207 39.15 20.81 9.37
N GLU C 208 38.98 19.49 9.51
CA GLU C 208 38.12 18.76 8.60
C GLU C 208 36.66 19.18 8.76
N TYR C 209 36.18 19.25 10.00
CA TYR C 209 34.80 19.67 10.24
C TYR C 209 34.57 21.10 9.78
N PHE C 210 35.56 21.97 9.96
CA PHE C 210 35.37 23.38 9.61
C PHE C 210 35.38 23.62 8.11
N ARG C 211 35.98 22.71 7.33
CA ARG C 211 35.94 22.83 5.88
C ARG C 211 34.59 22.43 5.28
N GLN C 212 33.63 22.04 6.12
CA GLN C 212 32.33 21.57 5.64
C GLN C 212 31.29 22.66 5.82
N PRO C 213 30.61 23.10 4.76
CA PRO C 213 29.43 23.95 4.94
C PRO C 213 28.31 23.14 5.55
N VAL C 214 27.53 23.80 6.41
CA VAL C 214 26.47 23.15 7.16
C VAL C 214 25.15 23.39 6.44
N VAL C 215 24.48 22.30 6.07
CA VAL C 215 23.23 22.36 5.32
C VAL C 215 22.12 21.96 6.27
N ASP C 216 21.36 22.95 6.74
CA ASP C 216 20.15 22.71 7.51
C ASP C 216 19.32 24.00 7.48
N THR C 217 18.41 24.13 8.45
CA THR C 217 17.63 25.34 8.62
C THR C 217 17.94 25.94 9.99
N PHE C 218 17.40 27.13 10.23
CA PHE C 218 17.65 27.83 11.48
C PHE C 218 16.56 28.87 11.69
N ASP C 219 16.36 29.24 12.94
CA ASP C 219 15.48 30.36 13.24
C ASP C 219 16.09 31.66 12.72
N ILE C 220 15.22 32.57 12.28
CA ILE C 220 15.68 33.82 11.70
C ILE C 220 16.34 34.73 12.72
N ARG C 221 16.04 34.54 14.01
CA ARG C 221 16.62 35.40 15.04
C ARG C 221 18.10 35.13 15.29
N ILE C 222 18.68 34.09 14.69
CA ILE C 222 20.12 33.90 14.84
C ILE C 222 20.91 34.85 13.95
N LEU C 223 20.27 35.44 12.93
CA LEU C 223 20.94 36.44 12.12
C LEU C 223 21.07 37.75 12.89
N MET C 224 22.11 38.51 12.55
CA MET C 224 22.44 39.72 13.30
C MET C 224 22.58 40.95 12.40
N ALA C 225 22.28 40.81 11.11
CA ALA C 225 22.29 41.96 10.21
C ALA C 225 21.42 41.62 9.02
N LYS C 226 20.98 42.66 8.32
CA LYS C 226 20.28 42.44 7.06
C LYS C 226 21.22 41.79 6.06
N SER C 227 20.67 40.89 5.24
CA SER C 227 21.50 40.18 4.29
C SER C 227 21.94 41.09 3.16
N VAL C 228 23.05 40.72 2.52
CA VAL C 228 23.55 41.39 1.32
C VAL C 228 23.15 40.55 0.12
N LYS C 229 22.67 41.21 -0.93
CA LYS C 229 22.11 40.55 -2.09
C LYS C 229 23.08 40.65 -3.27
N TYR C 230 23.57 39.51 -3.74
CA TYR C 230 24.42 39.42 -4.92
C TYR C 230 23.61 38.80 -6.04
N THR C 231 23.33 39.58 -7.08
CA THR C 231 22.42 39.19 -8.14
C THR C 231 23.19 38.62 -9.33
N VAL C 232 22.64 37.58 -9.94
CA VAL C 232 23.14 37.03 -11.21
C VAL C 232 21.98 37.12 -12.20
N ASN C 233 22.03 38.08 -13.11
CA ASN C 233 21.04 38.19 -14.17
C ASN C 233 21.39 37.19 -15.26
N PHE C 234 20.57 36.15 -15.40
CA PHE C 234 20.86 35.10 -16.36
C PHE C 234 20.72 35.55 -17.80
N LEU C 235 19.93 36.60 -18.06
CA LEU C 235 19.80 37.09 -19.43
C LEU C 235 21.09 37.77 -19.89
N GLU C 236 21.77 38.48 -18.99
CA GLU C 236 22.97 39.23 -19.34
C GLU C 236 24.26 38.49 -19.04
N ALA C 237 24.29 37.60 -18.05
CA ALA C 237 25.54 37.02 -17.59
C ALA C 237 26.04 35.94 -18.53
N LYS C 238 27.36 35.89 -18.68
CA LYS C 238 28.02 34.82 -19.42
C LYS C 238 28.44 33.72 -18.45
N GLU C 239 28.71 32.53 -19.01
CA GLU C 239 29.17 31.43 -18.17
C GLU C 239 30.57 31.68 -17.61
N GLY C 240 31.33 32.60 -18.21
CA GLY C 240 32.60 32.99 -17.63
C GLY C 240 32.47 33.77 -16.34
N ASP C 241 31.36 34.50 -16.17
CA ASP C 241 31.14 35.29 -14.96
C ASP C 241 30.99 34.43 -13.71
N LEU C 242 30.76 33.13 -13.85
CA LEU C 242 30.53 32.24 -12.72
C LEU C 242 31.75 31.43 -12.31
N HIS C 243 32.86 31.52 -13.07
CA HIS C 243 34.08 30.85 -12.66
C HIS C 243 34.64 31.46 -11.39
N ARG C 244 34.58 32.78 -11.28
CA ARG C 244 35.05 33.50 -10.10
C ARG C 244 33.95 34.44 -9.65
N ILE C 245 33.40 34.19 -8.47
CA ILE C 245 32.27 34.96 -7.95
C ILE C 245 32.78 35.69 -6.70
N GLU C 246 33.05 36.99 -6.84
CA GLU C 246 33.49 37.80 -5.72
C GLU C 246 32.28 38.48 -5.09
N ILE C 247 32.00 38.14 -3.84
CA ILE C 247 30.88 38.73 -3.11
C ILE C 247 31.45 39.55 -1.94
N PRO C 248 31.63 40.85 -2.11
CA PRO C 248 31.99 41.69 -0.96
C PRO C 248 30.75 41.98 -0.13
N PHE C 249 30.98 42.24 1.15
CA PHE C 249 29.85 42.53 2.04
C PHE C 249 30.31 43.48 3.12
N LYS C 250 29.36 44.29 3.59
CA LYS C 250 29.57 45.20 4.72
C LYS C 250 28.28 45.18 5.53
N PHE C 251 28.25 44.36 6.58
CA PHE C 251 27.06 44.17 7.39
C PHE C 251 27.01 45.25 8.49
N HIS C 252 25.98 46.07 8.46
CA HIS C 252 25.66 46.92 9.60
C HIS C 252 25.03 46.03 10.67
N MET C 253 25.74 45.82 11.78
CA MET C 253 25.32 44.86 12.78
C MET C 253 24.11 45.39 13.54
N LEU C 254 23.04 44.58 13.57
CA LEU C 254 21.82 44.93 14.29
C LEU C 254 21.81 44.41 15.72
N HIS C 255 22.46 43.28 15.96
CA HIS C 255 22.52 42.68 17.28
C HIS C 255 23.97 42.53 17.74
N SER C 256 24.20 42.77 19.03
CA SER C 256 25.52 42.57 19.60
C SER C 256 25.69 41.11 19.99
N GLY C 257 26.79 40.50 19.57
CA GLY C 257 27.05 39.13 19.95
C GLY C 257 28.27 38.59 19.21
N LEU C 258 28.43 37.28 19.33
CA LEU C 258 29.53 36.58 18.67
C LEU C 258 29.06 36.07 17.32
N VAL C 259 29.81 36.41 16.27
CA VAL C 259 29.47 36.03 14.91
C VAL C 259 30.26 34.77 14.57
N HIS C 260 29.55 33.65 14.39
CA HIS C 260 30.20 32.38 14.16
C HIS C 260 30.27 32.01 12.68
N GLY C 261 29.68 32.79 11.79
CA GLY C 261 29.82 32.53 10.37
C GLY C 261 28.84 33.34 9.55
N LEU C 262 28.61 32.87 8.33
CA LEU C 262 27.66 33.47 7.42
C LEU C 262 26.62 32.43 7.00
N ALA C 263 25.37 32.86 6.93
CA ALA C 263 24.29 32.01 6.45
C ALA C 263 23.91 32.40 5.04
N PHE C 264 23.65 31.40 4.20
CA PHE C 264 23.36 31.61 2.79
C PHE C 264 21.98 31.06 2.44
N TRP C 265 21.26 31.82 1.61
CA TRP C 265 20.09 31.31 0.91
C TRP C 265 19.98 32.06 -0.41
N PHE C 266 19.05 31.63 -1.25
CA PHE C 266 18.94 32.25 -2.56
C PHE C 266 17.48 32.32 -2.99
N ASP C 267 17.20 33.29 -3.87
CA ASP C 267 15.90 33.47 -4.49
C ASP C 267 16.10 33.56 -6.00
N VAL C 268 15.15 33.01 -6.75
CA VAL C 268 15.14 33.12 -8.20
C VAL C 268 13.82 33.75 -8.62
N ALA C 269 13.88 34.54 -9.70
CA ALA C 269 12.71 35.24 -10.21
C ALA C 269 12.44 34.81 -11.65
N PHE C 270 11.18 34.49 -11.93
CA PHE C 270 10.70 34.24 -13.29
C PHE C 270 9.98 35.50 -13.74
N ILE C 271 10.69 36.36 -14.47
CA ILE C 271 10.15 37.66 -14.89
C ILE C 271 9.49 37.45 -16.25
N GLY C 272 8.15 37.38 -16.24
CA GLY C 272 7.37 37.21 -17.44
C GLY C 272 6.64 38.47 -17.85
N SER C 273 6.17 38.46 -19.10
CA SER C 273 5.42 39.59 -19.63
C SER C 273 4.18 39.89 -18.80
N ILE C 274 3.60 38.87 -18.17
CA ILE C 274 2.39 39.04 -17.38
C ILE C 274 2.70 39.36 -15.92
N MET C 275 3.62 38.62 -15.31
CA MET C 275 3.95 38.84 -13.90
C MET C 275 5.30 38.21 -13.59
N THR C 276 5.85 38.59 -12.44
CA THR C 276 7.14 38.09 -11.95
C THR C 276 6.88 37.21 -10.74
N VAL C 277 7.19 35.93 -10.86
CA VAL C 277 6.95 34.95 -9.81
C VAL C 277 8.26 34.63 -9.11
N TRP C 278 8.21 34.53 -7.79
CA TRP C 278 9.39 34.40 -6.95
C TRP C 278 9.45 33.04 -6.27
N LEU C 279 10.62 32.39 -6.33
CA LEU C 279 10.87 31.12 -5.65
C LEU C 279 12.01 31.35 -4.66
N SER C 280 11.66 31.57 -3.39
CA SER C 280 12.65 31.89 -2.38
C SER C 280 12.91 30.70 -1.48
N THR C 281 14.18 30.54 -1.08
CA THR C 281 14.59 29.57 -0.08
C THR C 281 15.07 30.25 1.20
N ALA C 282 14.51 31.43 1.50
CA ALA C 282 14.87 32.14 2.71
C ALA C 282 14.45 31.32 3.95
N PRO C 283 15.12 31.54 5.08
CA PRO C 283 14.65 30.92 6.33
C PRO C 283 13.30 31.44 6.78
N THR C 284 12.88 32.62 6.31
CA THR C 284 11.57 33.16 6.62
C THR C 284 10.46 32.50 5.81
N GLU C 285 10.80 31.77 4.76
CA GLU C 285 9.84 31.11 3.88
C GLU C 285 9.73 29.63 4.22
N PRO C 286 8.74 28.93 3.66
CA PRO C 286 8.65 27.48 3.91
C PRO C 286 9.88 26.75 3.40
N LEU C 287 10.24 25.69 4.12
CA LEU C 287 11.43 24.91 3.79
C LEU C 287 11.35 24.34 2.38
N THR C 288 12.51 24.22 1.75
CA THR C 288 12.68 23.58 0.45
C THR C 288 13.82 22.57 0.54
N HIS C 289 13.94 21.71 -0.46
CA HIS C 289 15.02 20.73 -0.44
C HIS C 289 16.39 21.37 -0.57
N TRP C 290 16.47 22.67 -0.86
CA TRP C 290 17.74 23.40 -0.81
C TRP C 290 18.10 23.84 0.59
N TYR C 291 17.13 23.91 1.51
CA TYR C 291 17.34 24.28 2.92
C TYR C 291 18.02 25.64 2.97
N GLN C 292 19.02 25.82 3.82
CA GLN C 292 19.94 26.95 3.79
C GLN C 292 21.33 26.40 4.05
N VAL C 293 22.35 27.21 3.79
CA VAL C 293 23.74 26.81 3.99
C VAL C 293 24.40 27.79 4.94
N ARG C 294 25.23 27.28 5.85
CA ARG C 294 26.00 28.10 6.77
C ARG C 294 27.47 27.71 6.69
N CYS C 295 28.34 28.71 6.71
CA CYS C 295 29.77 28.51 6.70
C CYS C 295 30.35 29.14 7.96
N LEU C 296 30.94 28.32 8.81
CA LEU C 296 31.48 28.81 10.07
C LEU C 296 32.76 29.61 9.84
N PHE C 297 32.97 30.61 10.69
CA PHE C 297 34.28 31.20 10.83
C PHE C 297 35.15 30.28 11.68
N GLN C 298 36.45 30.26 11.38
CA GLN C 298 37.36 29.46 12.20
C GLN C 298 37.43 30.01 13.62
N SER C 299 37.22 31.31 13.79
CA SER C 299 37.13 31.95 15.08
C SER C 299 35.93 32.88 15.11
N PRO C 300 35.15 32.87 16.18
CA PRO C 300 34.04 33.82 16.29
C PRO C 300 34.55 35.25 16.38
N LEU C 301 33.69 36.18 15.99
CA LEU C 301 33.97 37.60 16.06
C LEU C 301 32.94 38.25 16.96
N PHE C 302 33.40 38.94 18.01
CA PHE C 302 32.49 39.74 18.81
C PHE C 302 32.19 41.03 18.07
N ALA C 303 30.91 41.38 17.99
CA ALA C 303 30.50 42.63 17.37
C ALA C 303 29.39 43.25 18.21
N LYS C 304 29.40 44.57 18.30
CA LYS C 304 28.33 45.29 18.96
C LYS C 304 27.27 45.67 17.93
N ALA C 305 26.06 45.92 18.43
CA ALA C 305 25.00 46.43 17.58
C ALA C 305 25.37 47.83 17.08
N GLY C 306 25.51 47.98 15.77
CA GLY C 306 25.92 49.22 15.16
C GLY C 306 27.31 49.20 14.58
N ASP C 307 28.16 48.26 15.02
CA ASP C 307 29.44 48.03 14.37
C ASP C 307 29.21 47.59 12.93
N THR C 308 30.28 47.37 12.18
CA THR C 308 30.14 46.90 10.80
C THR C 308 31.09 45.74 10.55
N LEU C 309 30.52 44.62 10.11
CA LEU C 309 31.30 43.45 9.72
C LEU C 309 31.47 43.49 8.21
N SER C 310 32.70 43.74 7.76
CA SER C 310 33.02 43.80 6.34
C SER C 310 33.97 42.67 5.97
N GLY C 311 33.96 42.32 4.70
CA GLY C 311 34.77 41.23 4.20
C GLY C 311 34.22 40.75 2.87
N THR C 312 34.87 39.71 2.36
CA THR C 312 34.49 39.16 1.06
C THR C 312 34.25 37.66 1.18
N CYS C 313 33.28 37.18 0.42
CA CYS C 313 33.05 35.76 0.20
C CYS C 313 33.35 35.46 -1.25
N LEU C 314 34.39 34.67 -1.50
CA LEU C 314 34.85 34.37 -2.84
C LEU C 314 34.63 32.89 -3.16
N LEU C 315 33.98 32.63 -4.28
CA LEU C 315 33.73 31.28 -4.76
C LEU C 315 34.59 31.02 -5.99
N ILE C 316 35.46 30.01 -5.91
CA ILE C 316 36.35 29.63 -7.00
C ILE C 316 35.91 28.26 -7.48
N ALA C 317 35.40 28.20 -8.71
CA ALA C 317 34.92 26.94 -9.27
C ALA C 317 36.06 25.93 -9.39
N ASN C 318 35.72 24.66 -9.22
CA ASN C 318 36.66 23.56 -9.31
C ASN C 318 36.19 22.55 -10.36
N LYS C 319 37.02 21.56 -10.61
CA LYS C 319 36.69 20.51 -11.56
C LYS C 319 35.79 19.43 -10.97
N ARG C 320 35.32 19.60 -9.73
CA ARG C 320 34.37 18.70 -9.10
C ARG C 320 32.94 19.21 -9.22
N GLN C 321 32.66 20.03 -10.24
CA GLN C 321 31.35 20.64 -10.48
C GLN C 321 30.90 21.51 -9.31
N SER C 322 31.82 21.92 -8.44
CA SER C 322 31.41 22.75 -7.31
C SER C 322 32.37 23.91 -7.11
N TYR C 323 32.49 24.36 -5.86
CA TYR C 323 33.23 25.57 -5.55
C TYR C 323 34.06 25.36 -4.29
N ASP C 324 35.26 25.94 -4.31
CA ASP C 324 35.99 26.22 -3.09
C ASP C 324 35.51 27.56 -2.57
N ILE C 325 35.26 27.64 -1.26
CA ILE C 325 34.70 28.85 -0.65
C ILE C 325 35.75 29.45 0.26
N SER C 326 36.07 30.73 0.02
CA SER C 326 36.97 31.49 0.87
C SER C 326 36.19 32.65 1.47
N ILE C 327 36.11 32.71 2.78
CA ILE C 327 35.36 33.74 3.50
C ILE C 327 36.31 34.46 4.45
N VAL C 328 36.41 35.78 4.31
CA VAL C 328 37.13 36.63 5.25
C VAL C 328 36.17 37.71 5.74
N ALA C 329 36.30 38.08 7.02
CA ALA C 329 35.44 39.08 7.61
C ALA C 329 36.14 39.72 8.79
N GLN C 330 35.91 41.02 8.97
CA GLN C 330 36.53 41.76 10.05
C GLN C 330 35.51 42.70 10.68
N VAL C 331 35.64 42.89 12.00
CA VAL C 331 34.92 43.95 12.70
C VAL C 331 35.73 45.23 12.53
N ASP C 332 35.20 46.16 11.72
CA ASP C 332 35.95 47.38 11.40
C ASP C 332 36.26 48.18 12.65
N GLN C 333 35.32 48.24 13.60
CA GLN C 333 35.51 49.05 14.79
C GLN C 333 36.55 48.48 15.74
N THR C 334 36.80 47.16 15.68
CA THR C 334 37.75 46.51 16.57
C THR C 334 38.96 45.92 15.87
N GLY C 335 38.90 45.70 14.56
CA GLY C 335 39.98 45.05 13.85
C GLY C 335 39.99 43.55 13.94
N SER C 336 39.22 42.97 14.86
CA SER C 336 39.13 41.53 15.00
C SER C 336 38.62 40.92 13.69
N LYS C 337 39.40 39.99 13.14
CA LYS C 337 39.11 39.40 11.84
C LYS C 337 39.20 37.88 11.94
N SER C 338 38.50 37.20 11.03
CA SER C 338 38.57 35.76 10.94
C SER C 338 38.34 35.34 9.49
N SER C 339 38.70 34.10 9.19
CA SER C 339 38.56 33.56 7.85
C SER C 339 38.12 32.11 7.96
N ASN C 340 37.93 31.48 6.80
CA ASN C 340 37.75 30.03 6.68
C ASN C 340 37.71 29.60 5.22
N LEU C 341 38.17 28.39 4.95
CA LEU C 341 38.12 27.79 3.62
C LEU C 341 37.20 26.57 3.70
N LEU C 342 36.17 26.55 2.86
CA LEU C 342 35.17 25.49 2.91
C LEU C 342 35.04 24.82 1.56
N ASP C 343 34.64 23.57 1.59
CA ASP C 343 34.50 22.72 0.41
C ASP C 343 33.02 22.55 0.12
N LEU C 344 32.53 23.25 -0.90
CA LEU C 344 31.10 23.25 -1.16
C LEU C 344 30.60 21.85 -1.51
N LYS C 345 31.41 21.07 -2.23
CA LYS C 345 30.95 19.76 -2.67
C LYS C 345 30.74 18.79 -1.51
N ASN C 346 31.38 19.03 -0.35
CA ASN C 346 31.27 18.13 0.79
C ASN C 346 30.63 18.86 1.97
N PRO C 347 29.32 19.09 1.91
CA PRO C 347 28.64 19.76 3.03
C PRO C 347 28.33 18.78 4.14
N PHE C 348 27.97 19.34 5.29
CA PHE C 348 27.47 18.54 6.40
C PHE C 348 25.96 18.78 6.51
N PHE C 349 25.18 17.72 6.34
CA PHE C 349 23.72 17.80 6.39
C PHE C 349 23.29 17.61 7.84
N ARG C 350 22.94 18.72 8.49
CA ARG C 350 22.66 18.73 9.93
C ARG C 350 21.18 18.64 10.25
N TYR C 351 20.30 18.73 9.24
CA TYR C 351 18.87 18.77 9.50
C TYR C 351 18.42 17.53 10.27
N THR C 352 17.47 17.73 11.19
CA THR C 352 16.97 16.66 12.03
C THR C 352 15.45 16.53 11.98
N GLY C 353 14.75 17.50 11.38
CA GLY C 353 13.31 17.59 11.49
C GLY C 353 12.83 18.45 12.63
N THR C 354 13.66 18.67 13.65
CA THR C 354 13.27 19.51 14.77
C THR C 354 13.12 20.96 14.32
N THR C 355 12.07 21.62 14.79
CA THR C 355 11.90 23.03 14.52
C THR C 355 13.01 23.82 15.24
N PRO C 356 13.71 24.71 14.55
CA PRO C 356 14.89 25.35 15.15
C PRO C 356 14.55 26.18 16.38
N SER C 357 15.38 26.05 17.41
CA SER C 357 15.23 26.84 18.63
C SER C 357 15.85 28.23 18.45
N PRO C 358 15.21 29.25 18.97
CA PRO C 358 15.72 30.62 18.80
C PRO C 358 16.84 30.93 19.78
N PRO C 359 17.61 31.99 19.54
CA PRO C 359 18.78 32.29 20.36
C PRO C 359 18.45 32.36 21.84
N PRO C 360 19.40 31.99 22.70
CA PRO C 360 19.11 31.93 24.15
C PRO C 360 18.57 33.21 24.75
N GLY C 361 19.19 34.36 24.48
CA GLY C 361 18.71 35.62 25.01
C GLY C 361 17.79 36.37 24.06
N SER C 362 16.63 35.80 23.77
CA SER C 362 15.70 36.39 22.82
C SER C 362 14.38 36.82 23.44
N HIS C 363 14.19 36.63 24.74
CA HIS C 363 12.95 37.02 25.41
C HIS C 363 13.09 38.45 25.93
N TYR C 364 12.41 39.39 25.28
CA TYR C 364 12.43 40.78 25.70
C TYR C 364 11.30 41.12 26.65
N THR C 365 10.23 40.31 26.67
CA THR C 365 9.20 40.35 27.69
C THR C 365 9.29 39.09 28.53
N SER C 366 8.70 39.14 29.72
CA SER C 366 8.70 37.97 30.59
C SER C 366 7.89 36.85 29.95
N PRO C 367 8.51 35.70 29.64
CA PRO C 367 7.72 34.60 29.04
C PRO C 367 6.64 34.07 29.97
N SER C 368 6.84 34.16 31.28
CA SER C 368 5.87 33.62 32.23
C SER C 368 4.60 34.46 32.29
N GLU C 369 4.66 35.72 31.89
CA GLU C 369 3.51 36.62 31.94
C GLU C 369 2.44 36.22 30.94
N SER D 10 47.24 -3.10 -12.78
CA SER D 10 47.17 -3.90 -11.56
C SER D 10 45.81 -4.58 -11.43
N VAL D 11 45.72 -5.55 -10.51
CA VAL D 11 44.51 -6.35 -10.36
C VAL D 11 43.33 -5.47 -9.93
N PHE D 12 43.59 -4.49 -9.07
CA PHE D 12 42.49 -3.63 -8.59
C PHE D 12 41.95 -2.76 -9.72
N SER D 13 42.84 -2.12 -10.47
CA SER D 13 42.39 -1.22 -11.53
C SER D 13 41.68 -1.95 -12.66
N GLU D 14 41.87 -3.26 -12.78
CA GLU D 14 41.21 -4.01 -13.83
C GLU D 14 39.75 -4.30 -13.48
N ARG D 15 39.48 -4.63 -12.22
CA ARG D 15 38.13 -4.98 -11.76
C ARG D 15 37.36 -3.80 -11.21
N THR D 16 37.86 -2.59 -11.41
CA THR D 16 37.28 -1.41 -10.78
C THR D 16 37.28 -0.23 -11.74
N GLU D 17 36.12 0.38 -11.92
CA GLU D 17 36.05 1.66 -12.61
C GLU D 17 36.77 2.72 -11.78
N GLU D 18 37.49 3.61 -12.48
CA GLU D 18 38.25 4.64 -11.78
C GLU D 18 37.33 5.57 -10.99
N SER D 19 36.22 6.00 -11.60
CA SER D 19 35.26 6.86 -10.92
C SER D 19 34.73 6.21 -9.65
N SER D 20 34.66 4.88 -9.62
CA SER D 20 34.26 4.19 -8.40
C SER D 20 35.37 4.23 -7.37
N ALA D 21 36.62 3.99 -7.79
CA ALA D 21 37.74 3.96 -6.86
C ALA D 21 38.05 5.35 -6.29
N VAL D 22 37.88 6.40 -7.10
CA VAL D 22 38.09 7.76 -6.61
C VAL D 22 37.10 8.08 -5.49
N GLN D 23 35.81 7.96 -5.78
CA GLN D 23 34.78 8.24 -4.78
C GLN D 23 34.93 7.31 -3.58
N TYR D 24 35.31 6.06 -3.81
CA TYR D 24 35.48 5.10 -2.73
C TYR D 24 36.57 5.55 -1.76
N PHE D 25 37.78 5.76 -2.28
CA PHE D 25 38.92 6.11 -1.42
C PHE D 25 38.87 7.56 -0.94
N GLN D 26 38.07 8.41 -1.58
CA GLN D 26 37.82 9.74 -1.03
C GLN D 26 37.05 9.64 0.28
N PHE D 27 36.08 8.73 0.34
CA PHE D 27 35.25 8.56 1.53
C PHE D 27 36.09 8.20 2.75
N TYR D 28 37.03 7.27 2.57
CA TYR D 28 37.86 6.79 3.68
C TYR D 28 38.97 7.75 4.05
N GLY D 29 39.18 8.80 3.28
CA GLY D 29 40.16 9.81 3.64
C GLY D 29 39.66 10.86 4.61
N TYR D 30 38.46 10.69 5.13
CA TYR D 30 37.88 11.63 6.08
C TYR D 30 37.98 11.04 7.48
N LEU D 31 38.54 11.83 8.41
CA LEU D 31 38.67 11.36 9.80
C LEU D 31 37.32 11.09 10.42
N SER D 32 36.33 11.93 10.12
CA SER D 32 34.96 11.71 10.60
C SER D 32 34.49 10.31 10.26
N GLN D 33 34.80 9.83 9.07
CA GLN D 33 34.45 8.47 8.69
C GLN D 33 35.24 7.45 9.51
N GLN D 34 36.51 7.75 9.78
CA GLN D 34 37.28 6.88 10.65
C GLN D 34 36.69 6.87 12.04
N GLN D 35 36.50 8.05 12.63
CA GLN D 35 35.88 8.16 13.94
C GLN D 35 34.63 7.29 14.03
N ASN D 36 33.78 7.33 13.00
CA ASN D 36 32.56 6.54 13.02
C ASN D 36 32.86 5.05 13.15
N MET D 37 33.88 4.56 12.45
CA MET D 37 34.21 3.15 12.54
C MET D 37 34.86 2.81 13.88
N MET D 38 35.64 3.74 14.44
CA MET D 38 36.34 3.47 15.70
C MET D 38 35.42 3.52 16.91
N GLN D 39 34.43 4.42 16.90
CA GLN D 39 33.49 4.49 18.02
C GLN D 39 32.56 3.29 18.08
N ASP D 40 32.52 2.47 17.03
CA ASP D 40 31.84 1.17 17.08
C ASP D 40 32.58 0.28 18.07
N TYR D 41 32.17 0.32 19.34
CA TYR D 41 32.87 -0.40 20.39
C TYR D 41 32.87 -1.90 20.17
N VAL D 42 31.79 -2.46 19.63
CA VAL D 42 31.76 -3.89 19.34
C VAL D 42 32.81 -4.25 18.29
N ARG D 43 32.91 -3.44 17.23
CA ARG D 43 33.91 -3.70 16.20
C ARG D 43 35.33 -3.52 16.73
N THR D 44 35.62 -2.33 17.28
CA THR D 44 36.99 -2.05 17.72
C THR D 44 37.38 -2.93 18.90
N GLY D 45 36.47 -3.14 19.85
CA GLY D 45 36.82 -3.89 21.04
C GLY D 45 37.00 -5.38 20.78
N THR D 46 36.18 -5.94 19.88
CA THR D 46 36.32 -7.36 19.56
C THR D 46 37.62 -7.61 18.80
N TYR D 47 37.96 -6.72 17.86
CA TYR D 47 39.24 -6.83 17.15
C TYR D 47 40.41 -6.82 18.13
N GLN D 48 40.41 -5.87 19.07
CA GLN D 48 41.49 -5.82 20.06
C GLN D 48 41.50 -7.09 20.92
N ARG D 49 40.34 -7.47 21.44
CA ARG D 49 40.26 -8.67 22.28
C ARG D 49 40.49 -9.95 21.49
N ALA D 50 40.57 -9.88 20.16
CA ALA D 50 40.95 -11.04 19.36
C ALA D 50 42.46 -11.10 19.15
N ILE D 51 43.09 -9.95 18.88
CA ILE D 51 44.52 -9.91 18.65
C ILE D 51 45.27 -10.09 19.97
N LEU D 52 44.89 -9.32 20.99
CA LEU D 52 45.59 -9.38 22.28
C LEU D 52 45.44 -10.75 22.93
N GLN D 53 44.24 -11.34 22.84
CA GLN D 53 44.05 -12.67 23.41
C GLN D 53 44.94 -13.69 22.71
N ASN D 54 45.10 -13.57 21.40
CA ASN D 54 45.99 -14.43 20.63
C ASN D 54 47.34 -13.75 20.38
N HIS D 55 47.94 -13.23 21.45
CA HIS D 55 49.20 -12.51 21.32
C HIS D 55 50.30 -13.39 20.76
N THR D 56 50.24 -14.69 21.03
CA THR D 56 51.26 -15.60 20.52
C THR D 56 51.25 -15.67 18.99
N ASP D 57 50.09 -15.40 18.38
CA ASP D 57 50.04 -15.28 16.92
C ASP D 57 50.72 -14.00 16.43
N PHE D 58 51.16 -13.13 17.33
CA PHE D 58 51.74 -11.86 16.92
C PHE D 58 53.12 -11.65 17.55
N LYS D 59 53.37 -12.28 18.71
CA LYS D 59 54.63 -12.10 19.42
C LYS D 59 55.82 -12.30 18.48
N ASP D 60 56.54 -11.23 18.20
CA ASP D 60 57.76 -11.26 17.40
C ASP D 60 57.51 -11.72 15.96
N LYS D 61 56.29 -11.52 15.46
CA LYS D 61 55.94 -11.93 14.11
C LYS D 61 55.94 -10.73 13.17
N ILE D 62 55.78 -11.00 11.88
CA ILE D 62 55.71 -9.98 10.85
C ILE D 62 54.26 -9.93 10.38
N VAL D 63 53.67 -8.74 10.44
CA VAL D 63 52.24 -8.56 10.23
C VAL D 63 52.02 -7.66 9.02
N LEU D 64 51.13 -8.08 8.13
CA LEU D 64 50.55 -7.21 7.13
C LEU D 64 49.14 -6.83 7.59
N ASP D 65 48.84 -5.55 7.55
CA ASP D 65 47.51 -5.05 7.92
C ASP D 65 46.94 -4.32 6.72
N VAL D 66 45.88 -4.88 6.14
CA VAL D 66 45.36 -4.45 4.84
C VAL D 66 44.24 -3.44 5.07
N GLY D 67 44.43 -2.23 4.57
CA GLY D 67 43.47 -1.17 4.75
C GLY D 67 43.44 -0.64 6.17
N CYS D 68 44.53 -0.02 6.61
CA CYS D 68 44.65 0.33 8.03
C CYS D 68 43.73 1.48 8.41
N GLY D 69 43.39 2.34 7.47
CA GLY D 69 42.67 3.55 7.83
C GLY D 69 43.55 4.36 8.78
N SER D 70 43.04 4.61 9.98
CA SER D 70 43.83 5.33 10.99
C SER D 70 44.97 4.49 11.56
N GLY D 71 45.03 3.20 11.24
CA GLY D 71 46.07 2.33 11.73
C GLY D 71 45.76 1.62 13.02
N ILE D 72 44.49 1.59 13.45
CA ILE D 72 44.13 1.11 14.77
C ILE D 72 44.45 -0.37 14.94
N LEU D 73 44.31 -1.16 13.88
CA LEU D 73 44.63 -2.59 13.98
C LEU D 73 46.13 -2.82 14.11
N SER D 74 46.95 -1.98 13.47
CA SER D 74 48.39 -2.12 13.58
C SER D 74 48.84 -1.86 15.01
N PHE D 75 48.25 -0.87 15.67
CA PHE D 75 48.57 -0.60 17.07
C PHE D 75 48.21 -1.80 17.95
N PHE D 76 47.10 -2.47 17.64
CA PHE D 76 46.72 -3.65 18.40
C PHE D 76 47.73 -4.78 18.21
N ALA D 77 48.14 -5.04 16.96
CA ALA D 77 49.19 -6.02 16.73
C ALA D 77 50.50 -5.60 17.36
N ALA D 78 50.75 -4.29 17.46
CA ALA D 78 51.93 -3.83 18.17
C ALA D 78 51.87 -4.21 19.65
N GLN D 79 50.72 -3.96 20.28
CA GLN D 79 50.57 -4.31 21.69
C GLN D 79 50.70 -5.80 21.94
N ALA D 80 50.44 -6.64 20.94
CA ALA D 80 50.56 -8.08 21.10
C ALA D 80 51.99 -8.59 20.93
N GLY D 81 52.94 -7.72 20.60
CA GLY D 81 54.33 -8.10 20.52
C GLY D 81 54.90 -8.23 19.13
N ALA D 82 54.20 -7.75 18.10
CA ALA D 82 54.66 -7.94 16.73
C ALA D 82 55.96 -7.20 16.48
N ARG D 83 56.89 -7.87 15.80
CA ARG D 83 58.19 -7.27 15.51
C ARG D 83 58.06 -6.16 14.48
N LYS D 84 57.43 -6.46 13.35
CA LYS D 84 57.20 -5.46 12.30
C LYS D 84 55.77 -5.59 11.80
N ILE D 85 55.13 -4.45 11.56
CA ILE D 85 53.79 -4.39 11.01
C ILE D 85 53.82 -3.49 9.78
N TYR D 86 53.45 -4.05 8.64
CA TYR D 86 53.33 -3.28 7.39
C TYR D 86 51.86 -2.92 7.22
N ALA D 87 51.54 -1.63 7.34
CA ALA D 87 50.17 -1.13 7.34
C ALA D 87 49.89 -0.42 6.02
N VAL D 88 49.20 -1.10 5.11
CA VAL D 88 48.89 -0.57 3.78
C VAL D 88 47.55 0.15 3.83
N GLU D 89 47.47 1.29 3.14
CA GLU D 89 46.24 2.07 3.05
C GLU D 89 46.28 2.92 1.80
N ALA D 90 45.21 2.87 1.01
CA ALA D 90 45.17 3.50 -0.30
C ALA D 90 44.49 4.87 -0.29
N SER D 91 43.94 5.30 0.84
CA SER D 91 43.31 6.60 0.94
C SER D 91 44.27 7.61 1.55
N THR D 92 43.86 8.88 1.53
CA THR D 92 44.65 9.95 2.16
C THR D 92 44.83 9.73 3.65
N MET D 93 44.06 8.82 4.27
CA MET D 93 44.22 8.56 5.69
C MET D 93 45.59 8.01 6.04
N ALA D 94 46.31 7.44 5.06
CA ALA D 94 47.62 6.86 5.32
C ALA D 94 48.54 7.84 6.03
N GLN D 95 48.46 9.13 5.68
CA GLN D 95 49.31 10.12 6.33
C GLN D 95 48.88 10.35 7.77
N HIS D 96 47.57 10.30 8.04
CA HIS D 96 47.12 10.40 9.42
C HIS D 96 47.53 9.18 10.23
N ALA D 97 47.72 8.04 9.57
CA ALA D 97 48.23 6.86 10.25
C ALA D 97 49.68 7.07 10.69
N GLU D 98 50.54 7.53 9.77
CA GLU D 98 51.93 7.79 10.11
C GLU D 98 52.05 8.77 11.27
N VAL D 99 51.21 9.81 11.27
CA VAL D 99 51.20 10.76 12.39
C VAL D 99 50.91 10.06 13.70
N LEU D 100 50.06 9.03 13.67
CA LEU D 100 49.77 8.30 14.90
C LEU D 100 50.91 7.35 15.30
N VAL D 101 51.64 6.81 14.32
CA VAL D 101 52.79 5.96 14.64
C VAL D 101 53.86 6.76 15.35
N LYS D 102 54.27 7.89 14.76
CA LYS D 102 55.32 8.71 15.36
C LYS D 102 54.89 9.29 16.70
N SER D 103 53.61 9.59 16.86
CA SER D 103 53.14 10.14 18.13
C SER D 103 53.06 9.10 19.23
N ASN D 104 52.86 7.83 18.88
CA ASN D 104 52.84 6.75 19.85
C ASN D 104 54.20 6.08 20.00
N ASN D 105 55.24 6.63 19.38
CA ASN D 105 56.59 6.06 19.41
C ASN D 105 56.57 4.58 19.02
N LEU D 106 56.05 4.30 17.83
CA LEU D 106 56.04 2.94 17.30
C LEU D 106 56.65 2.87 15.91
N THR D 107 57.50 3.84 15.57
CA THR D 107 58.12 3.86 14.24
C THR D 107 58.94 2.61 13.98
N ASP D 108 59.50 2.01 15.02
CA ASP D 108 60.33 0.81 14.88
C ASP D 108 59.51 -0.44 14.59
N ARG D 109 58.18 -0.38 14.68
CA ARG D 109 57.37 -1.58 14.58
C ARG D 109 56.26 -1.47 13.53
N ILE D 110 55.77 -0.26 13.30
CA ILE D 110 54.68 -0.04 12.34
C ILE D 110 55.24 0.79 11.19
N VAL D 111 55.14 0.23 9.98
CA VAL D 111 55.57 0.90 8.76
C VAL D 111 54.33 1.15 7.91
N VAL D 112 53.90 2.41 7.82
CA VAL D 112 52.78 2.78 6.97
C VAL D 112 53.27 2.79 5.53
N ILE D 113 52.62 2.02 4.67
CA ILE D 113 52.94 1.99 3.24
C ILE D 113 51.73 2.47 2.46
N PRO D 114 51.74 3.71 1.94
CA PRO D 114 50.60 4.18 1.15
C PRO D 114 50.51 3.45 -0.18
N GLY D 115 49.27 3.23 -0.61
CA GLY D 115 48.99 2.53 -1.84
C GLY D 115 47.98 1.42 -1.64
N LYS D 116 47.61 0.80 -2.76
CA LYS D 116 46.70 -0.34 -2.76
C LYS D 116 47.50 -1.63 -2.62
N VAL D 117 46.96 -2.57 -1.84
CA VAL D 117 47.68 -3.80 -1.55
C VAL D 117 48.02 -4.57 -2.83
N GLU D 118 47.24 -4.37 -3.89
CA GLU D 118 47.52 -5.01 -5.17
C GLU D 118 48.66 -4.34 -5.93
N GLU D 119 49.10 -3.15 -5.49
CA GLU D 119 50.06 -2.36 -6.24
C GLU D 119 51.37 -2.08 -5.50
N VAL D 120 51.38 -2.15 -4.16
CA VAL D 120 52.59 -1.86 -3.40
C VAL D 120 53.56 -3.02 -3.47
N SER D 121 54.77 -2.83 -2.93
CA SER D 121 55.79 -3.88 -2.88
C SER D 121 56.30 -3.98 -1.45
N LEU D 122 56.15 -5.17 -0.84
CA LEU D 122 56.57 -5.36 0.54
C LEU D 122 57.97 -5.94 0.61
N PRO D 123 58.77 -5.54 1.62
CA PRO D 123 60.15 -6.04 1.70
C PRO D 123 60.26 -7.49 2.08
N GLU D 124 59.33 -8.02 2.88
CA GLU D 124 59.41 -9.40 3.34
C GLU D 124 58.02 -10.01 3.35
N GLN D 125 57.98 -11.32 3.58
CA GLN D 125 56.75 -12.06 3.76
C GLN D 125 56.27 -11.95 5.20
N VAL D 126 54.97 -12.14 5.41
CA VAL D 126 54.35 -11.92 6.70
C VAL D 126 53.84 -13.25 7.26
N ASP D 127 53.79 -13.32 8.59
CA ASP D 127 53.27 -14.49 9.28
C ASP D 127 51.78 -14.42 9.53
N ILE D 128 51.18 -13.24 9.41
CA ILE D 128 49.76 -13.05 9.70
C ILE D 128 49.29 -11.80 8.99
N ILE D 129 48.09 -11.87 8.42
CA ILE D 129 47.43 -10.73 7.79
C ILE D 129 46.22 -10.36 8.64
N ILE D 130 46.13 -9.08 9.00
CA ILE D 130 44.96 -8.55 9.69
C ILE D 130 44.32 -7.51 8.79
N SER D 131 43.02 -7.30 8.95
CA SER D 131 42.26 -6.36 8.14
C SER D 131 40.81 -6.38 8.60
N GLU D 132 40.04 -5.39 8.14
CA GLU D 132 38.59 -5.34 8.33
C GLU D 132 37.96 -5.17 6.96
N PRO D 133 37.90 -6.24 6.16
CA PRO D 133 37.39 -6.14 4.78
C PRO D 133 35.88 -6.31 4.65
N MET D 134 35.13 -6.35 5.74
CA MET D 134 33.70 -6.61 5.70
C MET D 134 32.95 -5.30 5.46
N GLY D 135 32.35 -5.17 4.29
CA GLY D 135 31.34 -4.16 4.07
C GLY D 135 30.01 -4.63 4.62
N TYR D 136 28.99 -3.79 4.46
CA TYR D 136 27.66 -4.23 4.85
C TYR D 136 27.23 -5.37 3.93
N MET D 137 26.49 -6.33 4.51
CA MET D 137 26.23 -7.63 3.90
C MET D 137 27.53 -8.40 3.62
N LEU D 138 28.60 -8.05 4.33
CA LEU D 138 29.92 -8.68 4.20
C LEU D 138 30.61 -8.36 2.88
N PHE D 139 29.89 -8.48 1.76
CA PHE D 139 30.53 -8.49 0.46
C PHE D 139 30.61 -7.12 -0.22
N ASN D 140 29.89 -6.11 0.26
CA ASN D 140 30.05 -4.79 -0.33
C ASN D 140 31.50 -4.32 -0.20
N GLU D 141 31.88 -3.41 -1.10
CA GLU D 141 33.21 -2.80 -1.18
C GLU D 141 34.16 -3.66 -2.00
N ARG D 142 33.85 -4.95 -2.16
CA ARG D 142 34.71 -5.92 -2.83
C ARG D 142 36.11 -5.96 -2.22
N MET D 143 36.23 -5.47 -0.98
CA MET D 143 37.51 -5.44 -0.30
C MET D 143 37.99 -6.82 0.12
N LEU D 144 37.08 -7.78 0.24
CA LEU D 144 37.46 -9.16 0.55
C LEU D 144 38.39 -9.72 -0.52
N GLU D 145 38.23 -9.30 -1.78
CA GLU D 145 39.16 -9.72 -2.82
C GLU D 145 40.54 -9.15 -2.61
N SER D 146 40.65 -7.93 -2.06
CA SER D 146 41.96 -7.39 -1.74
C SER D 146 42.56 -8.09 -0.53
N TYR D 147 41.73 -8.38 0.48
CA TYR D 147 42.18 -9.17 1.63
C TYR D 147 42.72 -10.53 1.19
N LEU D 148 42.04 -11.17 0.23
CA LEU D 148 42.53 -12.44 -0.28
C LEU D 148 43.74 -12.24 -1.19
N HIS D 149 43.80 -11.12 -1.91
CA HIS D 149 44.94 -10.85 -2.78
C HIS D 149 46.24 -10.72 -2.00
N ALA D 150 46.17 -10.19 -0.78
CA ALA D 150 47.36 -9.99 0.04
C ALA D 150 48.01 -11.30 0.48
N LYS D 151 47.35 -12.44 0.29
CA LYS D 151 47.93 -13.71 0.67
C LYS D 151 49.19 -14.05 -0.11
N LYS D 152 49.45 -13.35 -1.22
CA LYS D 152 50.74 -13.49 -1.89
C LYS D 152 51.89 -13.12 -0.97
N TYR D 153 51.66 -12.17 -0.05
CA TYR D 153 52.64 -11.80 0.95
C TYR D 153 52.58 -12.69 2.18
N LEU D 154 51.70 -13.69 2.20
CA LEU D 154 51.51 -14.55 3.35
C LEU D 154 52.39 -15.78 3.23
N LYS D 155 53.24 -16.01 4.23
CA LYS D 155 54.02 -17.24 4.35
C LYS D 155 53.07 -18.43 4.30
N PRO D 156 53.53 -19.59 3.82
CA PRO D 156 52.75 -20.81 3.99
C PRO D 156 52.44 -21.04 5.46
N SER D 157 51.20 -21.48 5.73
CA SER D 157 50.72 -21.68 7.10
C SER D 157 50.73 -20.38 7.90
N GLY D 158 50.63 -19.24 7.21
CA GLY D 158 50.34 -18.00 7.88
C GLY D 158 48.86 -17.84 8.17
N ASN D 159 48.55 -17.07 9.20
CA ASN D 159 47.17 -16.93 9.65
C ASN D 159 46.52 -15.68 9.05
N MET D 160 45.19 -15.69 9.05
CA MET D 160 44.37 -14.56 8.61
C MET D 160 43.46 -14.12 9.74
N PHE D 161 43.45 -12.83 10.03
CA PHE D 161 42.56 -12.25 11.03
C PHE D 161 41.70 -11.18 10.35
N PRO D 162 40.40 -11.40 10.16
CA PRO D 162 39.66 -12.60 10.54
C PRO D 162 39.93 -13.82 9.66
N THR D 163 39.68 -15.01 10.21
CA THR D 163 39.99 -16.24 9.51
C THR D 163 38.88 -16.64 8.55
N ILE D 164 37.63 -16.61 9.01
CA ILE D 164 36.49 -17.00 8.18
C ILE D 164 35.35 -16.02 8.38
N GLY D 165 34.42 -16.03 7.43
CA GLY D 165 33.24 -15.20 7.50
C GLY D 165 31.97 -15.98 7.22
N ASP D 166 30.96 -15.80 8.06
CA ASP D 166 29.68 -16.50 7.91
C ASP D 166 28.62 -15.50 7.45
N VAL D 167 28.05 -15.74 6.27
CA VAL D 167 26.85 -15.02 5.85
C VAL D 167 25.64 -15.81 6.32
N HIS D 168 24.74 -15.13 7.03
CA HIS D 168 23.49 -15.74 7.45
C HIS D 168 22.33 -15.05 6.74
N LEU D 169 21.50 -15.85 6.09
CA LEU D 169 20.33 -15.37 5.39
C LEU D 169 19.09 -16.09 5.94
N ALA D 170 18.01 -15.34 6.13
CA ALA D 170 16.79 -15.90 6.67
C ALA D 170 15.60 -15.12 6.14
N PRO D 171 14.46 -15.78 5.93
CA PRO D 171 13.26 -15.07 5.47
C PRO D 171 12.65 -14.26 6.61
N PHE D 172 11.96 -13.18 6.24
CA PHE D 172 11.37 -12.30 7.23
C PHE D 172 10.01 -11.81 6.76
N THR D 173 9.15 -11.49 7.72
CA THR D 173 7.88 -10.82 7.47
C THR D 173 7.93 -9.44 8.08
N ASP D 174 7.65 -8.43 7.25
CA ASP D 174 7.65 -7.04 7.72
C ASP D 174 6.74 -6.26 6.76
N GLU D 175 5.44 -6.25 7.08
CA GLU D 175 4.47 -5.56 6.24
C GLU D 175 4.74 -4.06 6.21
N GLN D 176 5.11 -3.49 7.37
CA GLN D 176 5.32 -2.05 7.44
C GLN D 176 6.47 -1.62 6.53
N LEU D 177 7.55 -2.40 6.49
CA LEU D 177 8.66 -2.09 5.59
C LEU D 177 8.24 -2.24 4.13
N TYR D 178 7.52 -3.32 3.81
CA TYR D 178 7.09 -3.51 2.42
C TYR D 178 6.15 -2.41 1.98
N MET D 179 5.19 -2.02 2.84
CA MET D 179 4.30 -0.95 2.45
C MET D 179 4.99 0.40 2.40
N GLU D 180 6.08 0.56 3.14
CA GLU D 180 6.82 1.81 3.09
C GLU D 180 7.45 2.04 1.72
N GLN D 181 8.14 1.02 1.21
CA GLN D 181 8.77 1.15 -0.09
C GLN D 181 7.73 1.13 -1.21
N PHE D 182 6.70 0.31 -1.06
CA PHE D 182 5.65 0.27 -2.07
C PHE D 182 4.90 1.59 -2.16
N THR D 183 4.58 2.19 -1.01
CA THR D 183 3.91 3.49 -1.01
C THR D 183 4.81 4.55 -1.66
N LYS D 184 6.12 4.48 -1.39
CA LYS D 184 7.07 5.38 -2.03
C LYS D 184 7.00 5.25 -3.55
N ALA D 185 7.01 4.02 -4.05
CA ALA D 185 7.00 3.81 -5.48
C ALA D 185 5.68 4.18 -6.12
N ASN D 186 4.59 4.16 -5.34
CA ASN D 186 3.28 4.50 -5.86
C ASN D 186 3.09 5.99 -6.09
N PHE D 187 4.10 6.81 -5.77
CA PHE D 187 4.10 8.19 -6.23
C PHE D 187 4.01 8.24 -7.75
N TRP D 188 4.63 7.28 -8.43
CA TRP D 188 4.62 7.19 -9.87
C TRP D 188 3.41 6.42 -10.39
N TYR D 189 2.40 6.21 -9.55
CA TYR D 189 1.10 5.71 -9.98
C TYR D 189 0.14 6.85 -10.29
N GLN D 190 0.40 8.04 -9.79
CA GLN D 190 -0.48 9.18 -9.94
C GLN D 190 -0.77 9.44 -11.43
N PRO D 191 -2.03 9.51 -11.83
CA PRO D 191 -2.37 9.91 -13.21
C PRO D 191 -2.44 11.41 -13.43
N SER D 192 -2.24 12.22 -12.40
CA SER D 192 -2.34 13.66 -12.57
C SER D 192 -1.55 14.41 -11.52
N PHE D 193 -0.23 14.19 -11.48
CA PHE D 193 0.66 14.98 -10.64
C PHE D 193 0.88 16.33 -11.31
N HIS D 194 0.28 17.37 -10.76
CA HIS D 194 0.27 18.70 -11.39
C HIS D 194 -0.19 18.61 -12.84
N GLY D 195 -1.26 17.83 -13.06
CA GLY D 195 -1.82 17.63 -14.37
C GLY D 195 -1.05 16.70 -15.27
N VAL D 196 -0.10 15.93 -14.74
CA VAL D 196 0.78 15.08 -15.54
C VAL D 196 0.59 13.64 -15.13
N ASP D 197 0.37 12.77 -16.11
CA ASP D 197 0.22 11.34 -15.87
C ASP D 197 1.60 10.71 -15.71
N LEU D 198 1.90 10.23 -14.50
CA LEU D 198 3.15 9.54 -14.24
C LEU D 198 3.02 8.02 -14.27
N SER D 199 1.80 7.49 -14.36
CA SER D 199 1.55 6.07 -14.16
C SER D 199 2.39 5.18 -15.06
N ALA D 200 2.87 5.68 -16.20
CA ALA D 200 3.68 4.87 -17.09
C ALA D 200 5.04 4.51 -16.48
N LEU D 201 5.46 5.20 -15.44
CA LEU D 201 6.73 4.91 -14.78
C LEU D 201 6.56 4.13 -13.48
N ARG D 202 5.34 3.67 -13.17
CA ARG D 202 5.13 2.95 -11.92
C ARG D 202 5.96 1.66 -11.89
N GLY D 203 6.01 0.95 -13.01
CA GLY D 203 6.83 -0.25 -13.06
C GLY D 203 8.30 0.04 -12.82
N ALA D 204 8.82 1.08 -13.47
CA ALA D 204 10.22 1.45 -13.27
C ALA D 204 10.48 1.97 -11.86
N ALA D 205 9.51 2.68 -11.27
CA ALA D 205 9.67 3.11 -9.89
C ALA D 205 9.70 1.92 -8.94
N VAL D 206 8.76 0.99 -9.13
CA VAL D 206 8.72 -0.22 -8.31
C VAL D 206 10.02 -1.00 -8.46
N ASP D 207 10.53 -1.11 -9.69
CA ASP D 207 11.81 -1.78 -9.93
C ASP D 207 12.93 -1.10 -9.15
N GLU D 208 13.12 0.20 -9.37
CA GLU D 208 14.24 0.92 -8.76
C GLU D 208 14.21 0.83 -7.24
N TYR D 209 13.04 1.08 -6.64
CA TYR D 209 12.94 1.10 -5.19
C TYR D 209 13.27 -0.25 -4.56
N PHE D 210 12.87 -1.33 -5.22
CA PHE D 210 13.07 -2.67 -4.66
C PHE D 210 14.42 -3.27 -5.04
N ARG D 211 15.17 -2.64 -5.93
CA ARG D 211 16.56 -3.01 -6.10
C ARG D 211 17.40 -2.58 -4.91
N GLN D 212 16.95 -1.58 -4.17
CA GLN D 212 17.71 -1.06 -3.05
C GLN D 212 17.59 -1.99 -1.85
N PRO D 213 18.70 -2.58 -1.37
CA PRO D 213 18.64 -3.28 -0.10
C PRO D 213 18.34 -2.31 1.04
N VAL D 214 17.69 -2.81 2.08
CA VAL D 214 17.34 -1.99 3.23
C VAL D 214 18.35 -2.26 4.32
N VAL D 215 19.13 -1.24 4.66
CA VAL D 215 20.10 -1.31 5.75
C VAL D 215 19.47 -0.67 6.97
N ASP D 216 19.18 -1.49 7.98
CA ASP D 216 18.65 -1.05 9.26
C ASP D 216 18.72 -2.24 10.20
N THR D 217 18.10 -2.11 11.37
CA THR D 217 17.99 -3.23 12.28
C THR D 217 16.51 -3.60 12.46
N PHE D 218 16.30 -4.85 12.87
CA PHE D 218 14.95 -5.39 13.01
C PHE D 218 14.94 -6.36 14.17
N ASP D 219 13.77 -6.52 14.78
CA ASP D 219 13.61 -7.53 15.81
C ASP D 219 13.72 -8.92 15.20
N ILE D 220 14.31 -9.85 15.97
CA ILE D 220 14.50 -11.21 15.47
C ILE D 220 13.15 -11.89 15.25
N ARG D 221 12.12 -11.46 15.98
CA ARG D 221 10.82 -12.11 15.88
C ARG D 221 10.23 -12.05 14.47
N ILE D 222 10.70 -11.14 13.63
CA ILE D 222 10.18 -11.09 12.25
C ILE D 222 10.76 -12.17 11.37
N LEU D 223 11.78 -12.88 11.84
CA LEU D 223 12.32 -14.00 11.07
C LEU D 223 11.36 -15.18 11.12
N MET D 224 11.21 -15.86 9.99
CA MET D 224 10.21 -16.90 9.84
C MET D 224 10.82 -18.29 9.68
N ALA D 225 12.13 -18.42 9.76
CA ALA D 225 12.79 -19.72 9.71
C ALA D 225 14.20 -19.58 10.26
N LYS D 226 14.85 -20.72 10.43
CA LYS D 226 16.27 -20.71 10.79
C LYS D 226 17.09 -20.13 9.64
N SER D 227 18.20 -19.50 10.00
CA SER D 227 19.08 -18.91 9.00
C SER D 227 19.90 -19.99 8.32
N VAL D 228 20.20 -19.77 7.05
CA VAL D 228 21.15 -20.58 6.30
C VAL D 228 22.51 -19.90 6.37
N LYS D 229 23.56 -20.68 6.51
CA LYS D 229 24.92 -20.19 6.72
C LYS D 229 25.77 -20.50 5.49
N TYR D 230 26.44 -19.49 4.96
CA TYR D 230 27.38 -19.65 3.84
C TYR D 230 28.73 -19.14 4.33
N THR D 231 29.68 -20.05 4.46
CA THR D 231 30.99 -19.73 5.00
C THR D 231 31.97 -19.39 3.88
N VAL D 232 32.73 -18.32 4.08
CA VAL D 232 33.92 -18.04 3.28
C VAL D 232 35.13 -18.29 4.18
N ASN D 233 36.00 -19.20 3.76
CA ASN D 233 37.24 -19.48 4.47
C ASN D 233 38.35 -18.66 3.80
N PHE D 234 38.83 -17.63 4.51
CA PHE D 234 39.81 -16.73 3.92
C PHE D 234 41.16 -17.41 3.73
N LEU D 235 41.48 -18.38 4.58
CA LEU D 235 42.73 -19.13 4.42
C LEU D 235 42.77 -19.91 3.12
N GLU D 236 41.61 -20.25 2.54
CA GLU D 236 41.54 -21.10 1.37
C GLU D 236 41.01 -20.41 0.13
N ALA D 237 40.20 -19.36 0.28
CA ALA D 237 39.56 -18.74 -0.87
C ALA D 237 40.55 -17.92 -1.70
N LYS D 238 40.29 -17.87 -3.00
CA LYS D 238 41.05 -17.06 -3.94
C LYS D 238 40.14 -15.94 -4.44
N GLU D 239 40.74 -14.77 -4.70
CA GLU D 239 39.95 -13.58 -5.00
C GLU D 239 39.06 -13.73 -6.23
N GLY D 240 39.28 -14.74 -7.05
CA GLY D 240 38.39 -15.08 -8.13
C GLY D 240 37.21 -15.94 -7.75
N ASP D 241 37.22 -16.48 -6.53
CA ASP D 241 36.05 -17.16 -6.00
C ASP D 241 34.94 -16.18 -5.63
N LEU D 242 35.27 -14.89 -5.48
CA LEU D 242 34.32 -13.88 -5.07
C LEU D 242 33.77 -13.07 -6.23
N HIS D 243 34.08 -13.45 -7.47
CA HIS D 243 33.46 -12.81 -8.62
C HIS D 243 32.02 -13.27 -8.78
N ARG D 244 31.78 -14.57 -8.54
CA ARG D 244 30.45 -15.16 -8.59
C ARG D 244 30.26 -15.94 -7.31
N ILE D 245 29.24 -15.58 -6.53
CA ILE D 245 28.97 -16.21 -5.25
C ILE D 245 27.55 -16.78 -5.31
N GLU D 246 27.44 -18.10 -5.33
CA GLU D 246 26.17 -18.78 -5.42
C GLU D 246 25.79 -19.31 -4.04
N ILE D 247 24.64 -18.88 -3.52
CA ILE D 247 24.22 -19.25 -2.17
C ILE D 247 22.88 -19.99 -2.25
N PRO D 248 22.88 -21.32 -2.31
CA PRO D 248 21.63 -22.06 -2.21
C PRO D 248 21.04 -21.96 -0.81
N PHE D 249 19.71 -22.00 -0.74
CA PHE D 249 19.03 -21.98 0.54
C PHE D 249 17.75 -22.79 0.42
N LYS D 250 17.44 -23.52 1.49
CA LYS D 250 16.17 -24.23 1.60
C LYS D 250 15.69 -24.00 3.03
N PHE D 251 14.78 -23.05 3.21
CA PHE D 251 14.29 -22.69 4.53
C PHE D 251 13.11 -23.57 4.92
N HIS D 252 13.14 -24.11 6.13
CA HIS D 252 11.99 -24.83 6.68
C HIS D 252 11.16 -23.81 7.43
N MET D 253 10.05 -23.40 6.82
CA MET D 253 9.22 -22.34 7.39
C MET D 253 8.70 -22.75 8.76
N LEU D 254 8.98 -21.91 9.76
CA LEU D 254 8.51 -22.16 11.12
C LEU D 254 7.26 -21.35 11.47
N HIS D 255 6.95 -20.30 10.71
CA HIS D 255 5.78 -19.47 10.95
C HIS D 255 5.04 -19.25 9.65
N SER D 256 3.71 -19.29 9.73
CA SER D 256 2.89 -18.93 8.59
C SER D 256 2.78 -17.41 8.50
N GLY D 257 2.71 -16.92 7.26
CA GLY D 257 2.61 -15.50 7.03
C GLY D 257 3.24 -15.15 5.68
N LEU D 258 3.19 -13.86 5.38
CA LEU D 258 3.80 -13.35 4.16
C LEU D 258 5.31 -13.24 4.32
N VAL D 259 6.06 -13.87 3.42
CA VAL D 259 7.49 -13.69 3.34
C VAL D 259 7.76 -12.47 2.49
N HIS D 260 8.30 -11.42 3.10
CA HIS D 260 8.53 -10.17 2.39
C HIS D 260 9.95 -10.04 1.85
N GLY D 261 10.84 -10.96 2.18
CA GLY D 261 12.18 -10.92 1.63
C GLY D 261 13.14 -11.74 2.48
N LEU D 262 14.44 -11.52 2.23
CA LEU D 262 15.51 -12.21 2.95
C LEU D 262 16.30 -11.22 3.77
N ALA D 263 16.53 -11.57 5.04
CA ALA D 263 17.36 -10.77 5.94
C ALA D 263 18.78 -11.33 5.96
N PHE D 264 19.76 -10.42 6.05
CA PHE D 264 21.17 -10.77 5.98
C PHE D 264 21.92 -10.16 7.14
N TRP D 265 22.84 -10.95 7.70
CA TRP D 265 23.86 -10.44 8.61
C TRP D 265 25.06 -11.37 8.47
N PHE D 266 26.17 -10.99 9.10
CA PHE D 266 27.34 -11.83 9.01
C PHE D 266 28.07 -11.91 10.34
N ASP D 267 28.80 -13.01 10.51
CA ASP D 267 29.74 -13.23 11.60
C ASP D 267 31.10 -13.55 11.01
N VAL D 268 32.15 -12.94 11.56
CA VAL D 268 33.51 -13.33 11.21
C VAL D 268 34.17 -13.90 12.46
N ALA D 269 35.11 -14.81 12.24
CA ALA D 269 35.78 -15.53 13.32
C ALA D 269 37.28 -15.29 13.24
N PHE D 270 37.87 -14.93 14.38
CA PHE D 270 39.32 -14.80 14.53
C PHE D 270 39.80 -16.09 15.19
N ILE D 271 40.33 -17.00 14.38
CA ILE D 271 40.83 -18.28 14.87
C ILE D 271 42.32 -18.09 15.19
N GLY D 272 42.61 -17.80 16.45
CA GLY D 272 43.98 -17.67 16.90
C GLY D 272 44.47 -18.93 17.61
N SER D 273 45.77 -18.93 17.89
CA SER D 273 46.39 -20.09 18.51
C SER D 273 45.92 -20.33 19.93
N ILE D 274 45.33 -19.34 20.58
CA ILE D 274 44.92 -19.44 21.97
C ILE D 274 43.41 -19.64 22.09
N MET D 275 42.63 -18.96 21.25
CA MET D 275 41.18 -19.16 21.21
C MET D 275 40.65 -18.56 19.93
N THR D 276 39.40 -18.90 19.62
CA THR D 276 38.67 -18.29 18.52
C THR D 276 37.74 -17.21 19.09
N VAL D 277 37.83 -16.01 18.54
CA VAL D 277 36.98 -14.89 18.95
C VAL D 277 36.08 -14.52 17.79
N TRP D 278 34.79 -14.34 18.06
CA TRP D 278 33.78 -14.09 17.04
C TRP D 278 33.32 -12.63 17.12
N LEU D 279 33.10 -12.04 15.94
CA LEU D 279 32.52 -10.71 15.81
C LEU D 279 31.28 -10.81 14.95
N SER D 280 30.13 -10.46 15.53
CA SER D 280 28.83 -10.77 14.94
C SER D 280 28.00 -9.52 14.73
N THR D 281 27.29 -9.48 13.59
CA THR D 281 26.37 -8.40 13.26
C THR D 281 24.92 -8.87 13.33
N ALA D 282 24.62 -9.93 14.08
CA ALA D 282 23.29 -10.50 14.09
C ALA D 282 22.28 -9.54 14.74
N PRO D 283 21.00 -9.67 14.39
CA PRO D 283 19.96 -8.86 15.06
C PRO D 283 19.83 -9.15 16.55
N THR D 284 20.42 -10.22 17.05
CA THR D 284 20.37 -10.58 18.47
C THR D 284 21.60 -10.12 19.23
N GLU D 285 22.52 -9.42 18.57
CA GLU D 285 23.73 -8.90 19.15
C GLU D 285 23.69 -7.37 19.19
N PRO D 286 24.48 -6.73 20.06
CA PRO D 286 24.50 -5.27 20.08
C PRO D 286 24.79 -4.69 18.70
N LEU D 287 24.18 -3.55 18.42
CA LEU D 287 24.28 -2.95 17.09
C LEU D 287 25.72 -2.60 16.75
N THR D 288 26.06 -2.79 15.47
CA THR D 288 27.33 -2.37 14.90
C THR D 288 27.04 -1.47 13.71
N HIS D 289 28.06 -0.72 13.28
CA HIS D 289 27.86 0.18 12.15
C HIS D 289 27.51 -0.56 10.86
N TRP D 290 27.57 -1.89 10.86
CA TRP D 290 27.13 -2.67 9.71
C TRP D 290 25.62 -2.90 9.71
N TYR D 291 24.96 -2.80 10.87
CA TYR D 291 23.54 -3.03 11.01
C TYR D 291 23.17 -4.41 10.46
N GLN D 292 22.06 -4.50 9.74
CA GLN D 292 21.70 -5.72 9.02
C GLN D 292 21.10 -5.30 7.69
N VAL D 293 21.19 -6.20 6.70
CA VAL D 293 20.69 -5.94 5.35
C VAL D 293 19.49 -6.83 5.10
N ARG D 294 18.45 -6.24 4.49
CA ARG D 294 17.24 -6.96 4.14
C ARG D 294 16.91 -6.69 2.68
N CYS D 295 16.77 -7.76 1.89
CA CYS D 295 16.35 -7.65 0.50
C CYS D 295 14.84 -7.84 0.42
N LEU D 296 14.17 -7.01 -0.37
CA LEU D 296 12.73 -7.02 -0.45
C LEU D 296 12.25 -7.68 -1.74
N PHE D 297 11.13 -8.40 -1.63
CA PHE D 297 10.41 -8.90 -2.78
C PHE D 297 9.43 -7.85 -3.27
N GLN D 298 9.33 -7.70 -4.60
CA GLN D 298 8.37 -6.77 -5.16
C GLN D 298 6.94 -7.16 -4.78
N SER D 299 6.65 -8.46 -4.79
CA SER D 299 5.40 -8.98 -4.25
C SER D 299 5.75 -10.15 -3.34
N PRO D 300 5.30 -10.15 -2.09
CA PRO D 300 5.69 -11.19 -1.14
C PRO D 300 5.13 -12.56 -1.54
N LEU D 301 5.70 -13.59 -0.94
CA LEU D 301 5.21 -14.96 -1.06
C LEU D 301 4.57 -15.39 0.25
N PHE D 302 3.53 -16.21 0.14
CA PHE D 302 2.83 -16.76 1.30
C PHE D 302 3.37 -18.15 1.57
N ALA D 303 3.69 -18.43 2.83
CA ALA D 303 4.17 -19.74 3.25
C ALA D 303 3.46 -20.14 4.53
N LYS D 304 3.12 -21.41 4.62
CA LYS D 304 2.55 -22.00 5.83
C LYS D 304 3.66 -22.69 6.62
N ALA D 305 3.52 -22.67 7.95
CA ALA D 305 4.48 -23.35 8.81
C ALA D 305 4.63 -24.81 8.40
N GLY D 306 5.87 -25.23 8.21
CA GLY D 306 6.17 -26.55 7.71
C GLY D 306 6.50 -26.58 6.24
N ASP D 307 6.13 -25.57 5.48
CA ASP D 307 6.50 -25.50 4.07
C ASP D 307 7.99 -25.21 3.94
N THR D 308 8.50 -25.37 2.73
CA THR D 308 9.93 -25.20 2.45
C THR D 308 10.11 -24.10 1.42
N LEU D 309 10.88 -23.08 1.78
CA LEU D 309 11.26 -22.00 0.86
C LEU D 309 12.66 -22.29 0.35
N SER D 310 12.75 -22.75 -0.89
CA SER D 310 14.02 -22.98 -1.56
C SER D 310 14.25 -21.90 -2.62
N GLY D 311 15.48 -21.82 -3.09
CA GLY D 311 15.82 -20.83 -4.10
C GLY D 311 17.30 -20.54 -4.06
N THR D 312 17.69 -19.53 -4.84
CA THR D 312 19.09 -19.22 -5.07
C THR D 312 19.36 -17.74 -4.81
N CYS D 313 20.48 -17.48 -4.12
CA CYS D 313 21.04 -16.16 -3.81
C CYS D 313 22.37 -16.03 -4.56
N LEU D 314 22.38 -15.31 -5.68
CA LEU D 314 23.55 -15.23 -6.54
C LEU D 314 24.14 -13.83 -6.53
N LEU D 315 25.45 -13.74 -6.29
CA LEU D 315 26.18 -12.49 -6.22
C LEU D 315 27.11 -12.40 -7.42
N ILE D 316 26.92 -11.36 -8.23
CA ILE D 316 27.77 -11.10 -9.39
C ILE D 316 28.53 -9.81 -9.13
N ALA D 317 29.84 -9.91 -8.99
CA ALA D 317 30.66 -8.73 -8.71
C ALA D 317 30.66 -7.78 -9.89
N ASN D 318 30.54 -6.49 -9.59
CA ASN D 318 30.52 -5.45 -10.61
C ASN D 318 31.75 -4.56 -10.47
N LYS D 319 31.93 -3.69 -11.47
CA LYS D 319 33.07 -2.80 -11.53
C LYS D 319 32.91 -1.57 -10.65
N ARG D 320 31.85 -1.51 -9.83
CA ARG D 320 31.66 -0.43 -8.87
C ARG D 320 31.99 -0.86 -7.45
N GLN D 321 32.89 -1.84 -7.30
CA GLN D 321 33.29 -2.36 -5.99
C GLN D 321 32.09 -2.82 -5.18
N SER D 322 31.15 -3.48 -5.84
CA SER D 322 29.99 -4.00 -5.14
C SER D 322 29.50 -5.22 -5.91
N TYR D 323 28.23 -5.57 -5.71
CA TYR D 323 27.69 -6.78 -6.31
C TYR D 323 26.32 -6.47 -6.90
N ASP D 324 26.02 -7.15 -8.00
CA ASP D 324 24.65 -7.28 -8.49
C ASP D 324 24.07 -8.55 -7.89
N ILE D 325 22.94 -8.42 -7.21
CA ILE D 325 22.35 -9.49 -6.41
C ILE D 325 21.12 -10.03 -7.12
N SER D 326 21.07 -11.34 -7.32
CA SER D 326 19.90 -12.02 -7.85
C SER D 326 19.34 -12.97 -6.81
N ILE D 327 18.07 -12.78 -6.44
CA ILE D 327 17.37 -13.63 -5.48
C ILE D 327 16.22 -14.29 -6.22
N VAL D 328 16.28 -15.61 -6.37
CA VAL D 328 15.13 -16.41 -6.80
C VAL D 328 14.69 -17.24 -5.61
N ALA D 329 13.39 -17.22 -5.33
CA ALA D 329 12.86 -17.94 -4.18
C ALA D 329 11.48 -18.46 -4.51
N GLN D 330 11.17 -19.64 -3.98
CA GLN D 330 9.89 -20.28 -4.27
C GLN D 330 9.42 -21.07 -3.07
N VAL D 331 8.10 -21.15 -2.93
CA VAL D 331 7.46 -22.03 -1.95
C VAL D 331 7.24 -23.36 -2.65
N ASP D 332 7.99 -24.39 -2.23
CA ASP D 332 7.97 -25.67 -2.95
C ASP D 332 6.57 -26.27 -2.97
N GLN D 333 5.81 -26.11 -1.88
CA GLN D 333 4.49 -26.72 -1.80
C GLN D 333 3.52 -26.10 -2.81
N THR D 334 3.55 -24.78 -2.94
CA THR D 334 2.61 -24.07 -3.80
C THR D 334 3.21 -23.65 -5.14
N GLY D 335 4.53 -23.67 -5.27
CA GLY D 335 5.16 -23.24 -6.52
C GLY D 335 5.19 -21.76 -6.74
N SER D 336 5.01 -20.96 -5.68
CA SER D 336 5.01 -19.51 -5.80
C SER D 336 6.43 -18.98 -5.81
N LYS D 337 6.85 -18.38 -6.93
CA LYS D 337 8.23 -17.96 -7.14
C LYS D 337 8.34 -16.43 -7.14
N SER D 338 9.46 -15.93 -6.62
CA SER D 338 9.74 -14.50 -6.59
C SER D 338 11.18 -14.28 -7.06
N SER D 339 11.33 -13.50 -8.13
CA SER D 339 12.64 -13.20 -8.70
C SER D 339 12.92 -11.71 -8.51
N ASN D 340 14.09 -11.39 -7.96
CA ASN D 340 14.41 -10.02 -7.62
C ASN D 340 15.89 -9.74 -7.85
N LEU D 341 16.17 -8.59 -8.45
CA LEU D 341 17.53 -8.12 -8.70
C LEU D 341 17.79 -6.92 -7.81
N LEU D 342 18.93 -6.93 -7.11
CA LEU D 342 19.23 -5.90 -6.13
C LEU D 342 20.62 -5.33 -6.37
N ASP D 343 20.73 -4.01 -6.28
CA ASP D 343 21.99 -3.29 -6.44
C ASP D 343 22.58 -3.04 -5.04
N LEU D 344 23.61 -3.80 -4.70
CA LEU D 344 24.19 -3.69 -3.35
C LEU D 344 24.77 -2.31 -3.09
N LYS D 345 25.29 -1.64 -4.12
CA LYS D 345 25.99 -0.38 -3.93
C LYS D 345 25.06 0.82 -3.72
N ASN D 346 23.75 0.64 -3.85
CA ASN D 346 22.79 1.73 -3.66
C ASN D 346 21.74 1.30 -2.64
N PRO D 347 22.10 1.22 -1.37
CA PRO D 347 21.14 0.80 -0.35
C PRO D 347 20.29 1.96 0.15
N PHE D 348 19.20 1.60 0.82
CA PHE D 348 18.33 2.55 1.48
C PHE D 348 18.61 2.47 2.97
N PHE D 349 19.30 3.48 3.50
CA PHE D 349 19.66 3.49 4.91
C PHE D 349 18.45 3.95 5.71
N ARG D 350 17.84 3.04 6.44
CA ARG D 350 16.54 3.27 7.08
C ARG D 350 16.64 3.65 8.55
N TYR D 351 17.79 3.41 9.19
CA TYR D 351 17.87 3.48 10.64
C TYR D 351 17.51 4.87 11.16
N THR D 352 16.78 4.89 12.28
CA THR D 352 16.32 6.13 12.90
C THR D 352 16.61 6.15 14.40
C ACE E 1 -27.82 -18.86 -4.33
O ACE E 1 -26.88 -19.02 -3.56
CH3 ACE E 1 -28.01 -19.79 -5.52
N GLY E 2 -28.74 -17.91 -4.19
CA GLY E 2 -28.70 -16.94 -3.11
C GLY E 2 -27.88 -15.69 -3.39
N LYS E 3 -27.88 -14.77 -2.43
CA LYS E 3 -27.19 -13.49 -2.62
C LYS E 3 -25.69 -13.71 -2.75
N ALA E 4 -25.09 -14.45 -1.82
CA ALA E 4 -23.65 -14.71 -1.80
C ALA E 4 -23.42 -16.21 -1.85
N PRO E 5 -23.37 -16.81 -3.05
CA PRO E 5 -23.15 -18.24 -3.26
C PRO E 5 -21.92 -18.73 -2.49
N ARG E 6 -20.79 -18.07 -2.72
CA ARG E 6 -19.59 -18.33 -1.92
C ARG E 6 -19.44 -17.33 -0.77
N LYS E 7 -19.07 -17.83 0.40
CA LYS E 7 -18.93 -16.96 1.55
C LYS E 7 -17.50 -16.43 1.66
N GLN E 8 -17.36 -15.28 2.31
CA GLN E 8 -16.04 -14.70 2.52
C GLN E 8 -15.29 -15.49 3.59
N LEU E 9 -14.03 -15.81 3.29
CA LEU E 9 -13.14 -16.46 4.24
C LEU E 9 -12.02 -15.48 4.58
N ALA E 10 -11.80 -15.28 5.88
CA ALA E 10 -10.84 -14.27 6.32
C ALA E 10 -9.42 -14.71 6.01
N THR E 11 -8.57 -13.75 5.64
CA THR E 11 -7.17 -14.02 5.30
C THR E 11 -6.27 -13.78 6.51
C ACE F 1 -29.58 -2.03 -4.33
O ACE F 1 -29.10 -1.93 -3.21
CH3 ACE F 1 -30.67 -1.08 -4.78
N GLY F 2 -29.20 -2.95 -5.21
CA GLY F 2 -28.16 -3.93 -4.91
C GLY F 2 -28.57 -5.10 -4.03
N LYS F 3 -27.57 -5.83 -3.56
CA LYS F 3 -27.81 -7.04 -2.77
C LYS F 3 -28.59 -6.73 -1.50
N ALA F 4 -28.04 -5.86 -0.66
CA ALA F 4 -28.68 -5.46 0.60
C ALA F 4 -28.78 -3.93 0.61
N PRO F 5 -29.89 -3.37 0.11
CA PRO F 5 -30.14 -1.93 0.07
C PRO F 5 -29.99 -1.27 1.44
N ARG F 6 -30.68 -1.79 2.44
CA ARG F 6 -30.50 -1.32 3.83
C ARG F 6 -29.50 -2.19 4.62
N LYS F 7 -28.54 -1.55 5.26
CA LYS F 7 -27.48 -2.28 5.96
C LYS F 7 -27.85 -2.60 7.41
N GLN F 8 -27.36 -3.75 7.89
CA GLN F 8 -27.63 -4.17 9.26
C GLN F 8 -27.04 -3.17 10.25
N LEU F 9 -27.86 -2.72 11.19
CA LEU F 9 -27.45 -1.81 12.25
C LEU F 9 -27.52 -2.56 13.58
N ALA F 10 -26.41 -2.61 14.30
CA ALA F 10 -26.39 -3.28 15.58
C ALA F 10 -27.30 -2.54 16.57
N THR F 11 -27.84 -3.28 17.52
CA THR F 11 -28.70 -2.68 18.53
C THR F 11 -28.04 -2.71 19.91
C ACE G 1 28.47 17.97 -5.84
O ACE G 1 27.45 18.19 -5.18
CH3 ACE G 1 28.73 18.70 -7.13
N GLY G 2 29.40 17.09 -5.46
CA GLY G 2 29.27 16.31 -4.23
C GLY G 2 28.45 15.05 -4.32
N LYS G 3 28.40 14.31 -3.21
CA LYS G 3 27.73 13.00 -3.20
C LYS G 3 26.24 13.14 -3.47
N ALA G 4 25.57 14.07 -2.79
CA ALA G 4 24.13 14.26 -2.90
C ALA G 4 23.86 15.71 -3.23
N PRO G 5 23.93 16.09 -4.51
CA PRO G 5 23.68 17.47 -4.97
C PRO G 5 22.39 18.04 -4.39
N ARG G 6 21.29 17.32 -4.60
CA ARG G 6 20.00 17.69 -4.02
C ARG G 6 19.70 16.93 -2.72
N LYS G 7 19.54 17.67 -1.62
CA LYS G 7 19.27 17.07 -0.33
C LYS G 7 17.83 16.55 -0.26
N GLN G 8 17.63 15.52 0.55
CA GLN G 8 16.29 14.96 0.74
C GLN G 8 15.43 15.92 1.55
N LEU G 9 14.19 16.11 1.10
CA LEU G 9 13.22 16.93 1.81
C LEU G 9 12.04 16.04 2.20
N ALA G 10 11.81 15.90 3.50
CA ALA G 10 10.77 15.01 3.99
C ALA G 10 9.38 15.53 3.58
N THR G 11 8.44 14.60 3.49
CA THR G 11 7.08 14.93 3.06
C THR G 11 6.24 15.46 4.23
C ACE H 1 30.16 1.11 -2.30
O ACE H 1 29.66 1.25 -1.20
CH3 ACE H 1 31.30 0.16 -2.52
N GLY H 2 29.74 1.79 -3.36
CA GLY H 2 28.65 2.74 -3.26
C GLY H 2 29.04 4.08 -2.68
N LYS H 3 28.02 4.92 -2.41
CA LYS H 3 28.29 6.29 -2.01
C LYS H 3 28.74 6.41 -0.56
N ALA H 4 28.32 5.49 0.31
CA ALA H 4 28.74 5.48 1.71
C ALA H 4 28.98 4.05 2.15
N PRO H 5 30.18 3.50 1.87
CA PRO H 5 30.58 2.13 2.20
C PRO H 5 30.28 1.72 3.63
N ARG H 6 30.74 2.52 4.60
CA ARG H 6 30.36 2.31 6.00
C ARG H 6 29.32 3.32 6.48
N LYS H 7 28.34 2.85 7.24
CA LYS H 7 27.21 3.68 7.64
C LYS H 7 27.35 4.19 9.07
N GLN H 8 26.75 5.35 9.33
CA GLN H 8 26.92 6.01 10.61
C GLN H 8 26.26 5.23 11.73
N LEU H 9 26.94 5.18 12.87
CA LEU H 9 26.44 4.54 14.09
C LEU H 9 26.48 5.57 15.21
N ALA H 10 25.31 5.97 15.69
CA ALA H 10 25.24 7.05 16.66
C ALA H 10 25.89 6.64 17.98
N THR H 11 26.57 7.60 18.61
CA THR H 11 27.25 7.35 19.88
C THR H 11 26.40 7.78 21.06
C24 QVR I . -18.60 -22.39 -7.49
C28 QVR I . -18.02 -21.90 -8.79
C31 QVR I . -18.71 -21.32 -9.75
C36 QVR I . -18.04 -20.86 -11.00
C38 QVR I . -19.27 -20.68 -12.98
C39 QVR I . -19.55 -19.44 -12.15
C40 QVR I . -18.28 -19.38 -11.32
C49 QVR I . -21.59 -21.69 -12.75
C50 QVR I . -21.98 -22.35 -14.72
C51 QVR I . -20.71 -21.78 -14.75
C53 QVR I . -20.48 -22.18 -16.90
C55 QVR I . -22.48 -22.85 -15.94
N47 QVR I . -20.47 -21.36 -13.46
N48 QVR I . -22.52 -22.29 -13.44
N52 QVR I . -19.91 -21.66 -15.80
N54 QVR I . -21.68 -22.75 -17.02
N57 QVR I . -23.68 -23.41 -16.08
O37 QVR I . -18.57 -21.58 -12.13
O41 QVR I . -19.73 -18.30 -12.97
O42 QVR I . -17.20 -18.80 -12.04
C24 QVR J . -36.20 2.15 1.68
C28 QVR J . -37.57 1.56 1.80
C31 QVR J . -38.13 0.74 0.93
C36 QVR J . -39.51 0.22 1.17
C38 QVR J . -40.84 -0.42 -0.65
C39 QVR J . -39.89 -1.57 -0.34
C40 QVR J . -39.62 -1.31 1.13
C49 QVR J . -39.78 0.23 -2.85
C50 QVR J . -41.48 0.56 -4.07
C51 QVR J . -41.98 0.20 -2.83
C53 QVR J . -44.07 0.36 -3.50
C55 QVR J . -42.44 0.83 -5.08
N47 QVR J . -40.86 -0.01 -2.05
N48 QVR J . -40.10 0.58 -4.09
N52 QVR J . -43.25 0.08 -2.48
N54 QVR J . -43.75 0.72 -4.75
N57 QVR J . -42.13 1.19 -6.33
O37 QVR J . -40.40 0.68 0.14
O41 QVR J . -40.51 -2.82 -0.58
O42 QVR J . -40.68 -1.79 1.96
C24 QVR K . 19.52 20.54 -10.45
C28 QVR K . 19.07 19.76 -11.65
C31 QVR K . 19.80 18.85 -12.29
C36 QVR K . 19.24 18.15 -13.48
C38 QVR K . 20.62 17.65 -15.30
C39 QVR K . 20.84 16.58 -14.24
C40 QVR K . 19.50 16.64 -13.50
C49 QVR K . 22.92 18.70 -15.04
C50 QVR K . 23.46 19.06 -17.07
C51 QVR K . 22.19 18.50 -17.10
C53 QVR K . 22.11 18.58 -19.30
C55 QVR K . 24.03 19.39 -18.31
N47 QVR K . 21.85 18.26 -15.79
N48 QVR K . 23.90 19.20 -15.76
N52 QVR K . 21.46 18.22 -18.19
N54 QVR K . 23.32 19.13 -19.43
N57 QVR K . 25.25 19.94 -18.43
O37 QVR K . 19.83 18.66 -14.69
O41 QVR K . 21.08 15.31 -14.84
O42 QVR K . 18.48 15.93 -14.17
C24 QVR L . 36.18 -1.45 5.22
C28 QVR L . 37.54 -0.82 5.40
C31 QVR L . 38.22 -0.24 4.43
C36 QVR L . 39.56 0.36 4.68
C38 QVR L . 41.05 0.63 2.89
C39 QVR L . 40.06 1.79 2.85
C40 QVR L . 39.65 1.85 4.32
C49 QVR L . 40.18 -0.47 0.78
C50 QVR L . 41.97 -1.08 -0.17
C51 QVR L . 42.35 -0.48 1.01
C53 QVR L . 44.49 -0.81 0.60
C55 QVR L . 43.00 -1.58 -0.99
N47 QVR L . 41.18 -0.09 1.62
N48 QVR L . 40.59 -1.08 -0.32
N52 QVR L . 43.60 -0.31 1.46
N54 QVR L . 44.28 -1.42 -0.56
N57 QVR L . 42.79 -2.18 -2.17
O37 QVR L . 40.55 -0.29 3.85
O41 QVR L . 40.68 2.97 2.39
O42 QVR L . 40.61 2.55 5.11
#